data_5LKN
#
_entry.id   5LKN
#
_entity_poly.entity_id   1
_entity_poly.type   'polypeptide(L)'
_entity_poly.pdbx_seq_one_letter_code
;MQPVREPSAPKLEGQMGEDGNSIKVNLIKQDDGGSPIRHYLVRYRALSSEWKPEIRLPSGSDHVMLKSLDWNAEYEVYVV
AENQQGKSKAAHFVFRTHHHHHH
;
_entity_poly.pdbx_strand_id   A
#
# COMPACT_ATOMS: atom_id res chain seq x y z
N MET A 1 23.01 15.46 -1.18
CA MET A 1 22.08 14.51 -0.52
C MET A 1 21.43 15.13 0.72
N GLN A 2 22.16 15.91 1.50
CA GLN A 2 21.61 16.50 2.73
C GLN A 2 20.31 17.34 2.61
N PRO A 3 20.14 18.17 1.55
CA PRO A 3 18.86 18.91 1.57
C PRO A 3 17.63 18.10 1.15
N VAL A 4 17.81 16.83 0.84
CA VAL A 4 16.69 16.00 0.40
C VAL A 4 15.94 15.47 1.62
N ARG A 5 14.71 15.92 1.78
CA ARG A 5 13.87 15.43 2.87
C ARG A 5 13.29 14.11 2.40
N GLU A 6 13.02 13.22 3.35
CA GLU A 6 12.44 11.92 3.04
C GLU A 6 11.00 12.10 2.53
N PRO A 7 10.48 11.11 1.77
CA PRO A 7 9.10 11.26 1.28
C PRO A 7 8.02 11.19 2.37
N SER A 8 6.88 11.78 2.06
CA SER A 8 5.73 11.79 2.96
C SER A 8 5.06 10.43 2.86
N ALA A 9 4.35 10.06 3.91
CA ALA A 9 3.65 8.77 3.95
C ALA A 9 2.73 8.63 2.71
N PRO A 10 2.57 7.39 2.21
CA PRO A 10 1.70 7.24 1.03
C PRO A 10 0.25 7.56 1.33
N LYS A 11 -0.47 7.92 0.29
CA LYS A 11 -1.87 8.34 0.41
C LYS A 11 -2.71 7.08 0.39
N LEU A 12 -3.81 7.06 1.12
CA LEU A 12 -4.65 5.87 1.20
C LEU A 12 -6.11 6.27 1.15
N GLU A 13 -6.79 5.84 0.10
CA GLU A 13 -8.20 6.16 -0.09
C GLU A 13 -9.10 4.93 0.17
N GLY A 14 -8.46 3.79 0.44
CA GLY A 14 -9.18 2.55 0.75
C GLY A 14 -10.23 2.16 -0.28
N GLN A 15 -9.85 2.07 -1.54
CA GLN A 15 -10.81 1.81 -2.60
C GLN A 15 -11.09 0.32 -2.62
N MET A 16 -12.30 -0.04 -2.23
CA MET A 16 -12.68 -1.44 -2.07
C MET A 16 -12.44 -2.26 -3.32
N GLY A 17 -11.91 -3.46 -3.11
CA GLY A 17 -11.70 -4.39 -4.19
C GLY A 17 -12.98 -5.15 -4.49
N GLU A 18 -13.85 -4.51 -5.25
CA GLU A 18 -15.12 -5.10 -5.69
C GLU A 18 -14.80 -6.27 -6.63
N ASP A 19 -13.57 -6.25 -7.14
CA ASP A 19 -13.02 -7.29 -8.00
C ASP A 19 -12.95 -8.64 -7.27
N GLY A 20 -12.91 -8.59 -5.95
CA GLY A 20 -12.79 -9.79 -5.14
C GLY A 20 -11.34 -10.25 -4.99
N ASN A 21 -11.02 -10.80 -3.82
CA ASN A 21 -9.68 -11.32 -3.50
C ASN A 21 -8.55 -10.30 -3.74
N SER A 22 -8.90 -9.02 -3.77
CA SER A 22 -7.96 -7.96 -4.08
C SER A 22 -8.44 -6.61 -3.51
N ILE A 23 -7.65 -5.55 -3.68
CA ILE A 23 -8.01 -4.19 -3.24
C ILE A 23 -7.11 -3.15 -3.94
N LYS A 24 -7.57 -1.90 -4.06
CA LYS A 24 -6.79 -0.84 -4.69
C LYS A 24 -6.40 0.17 -3.60
N VAL A 25 -5.12 0.50 -3.52
CA VAL A 25 -4.64 1.49 -2.54
C VAL A 25 -3.87 2.51 -3.39
N ASN A 26 -4.02 3.79 -3.10
CA ASN A 26 -3.40 4.84 -3.90
C ASN A 26 -1.92 4.95 -3.58
N LEU A 27 -1.15 5.41 -4.55
CA LEU A 27 0.29 5.55 -4.41
C LEU A 27 0.77 6.95 -4.73
N ILE A 28 1.87 7.34 -4.13
CA ILE A 28 2.50 8.64 -4.39
C ILE A 28 2.81 8.72 -5.88
N LYS A 29 2.48 9.84 -6.52
CA LYS A 29 2.77 10.03 -7.95
C LYS A 29 3.62 11.26 -8.25
N GLN A 30 4.24 11.84 -7.22
CA GLN A 30 5.07 13.04 -7.39
C GLN A 30 6.21 13.03 -6.37
N ASP A 31 7.10 14.00 -6.44
CA ASP A 31 8.20 14.12 -5.49
C ASP A 31 7.69 14.80 -4.20
N ASP A 32 7.40 13.97 -3.21
CA ASP A 32 6.86 14.44 -1.93
C ASP A 32 7.94 15.10 -1.12
N GLY A 33 9.15 14.68 -1.41
CA GLY A 33 10.28 15.08 -0.63
C GLY A 33 11.21 16.01 -1.35
N GLY A 34 12.47 15.62 -1.31
CA GLY A 34 13.53 16.42 -1.91
C GLY A 34 14.04 15.83 -3.20
N SER A 35 13.61 14.61 -3.47
CA SER A 35 13.95 13.90 -4.69
C SER A 35 12.77 12.98 -4.95
N PRO A 36 12.55 12.58 -6.21
CA PRO A 36 11.40 11.69 -6.43
C PRO A 36 11.61 10.33 -5.81
N ILE A 37 10.51 9.62 -5.63
CA ILE A 37 10.53 8.27 -5.08
C ILE A 37 11.24 7.41 -6.14
N ARG A 38 11.92 6.36 -5.71
CA ARG A 38 12.56 5.42 -6.63
C ARG A 38 11.69 4.16 -6.71
N HIS A 39 11.33 3.61 -5.56
CA HIS A 39 10.55 2.37 -5.49
C HIS A 39 9.46 2.43 -4.41
N TYR A 40 8.52 1.50 -4.45
CA TYR A 40 7.51 1.36 -3.40
C TYR A 40 7.54 -0.06 -2.90
N LEU A 41 7.28 -0.22 -1.61
CA LEU A 41 7.30 -1.53 -0.96
C LEU A 41 5.98 -1.68 -0.20
N VAL A 42 5.29 -2.79 -0.41
CA VAL A 42 4.02 -3.06 0.28
C VAL A 42 4.08 -4.40 1.00
N ARG A 43 3.62 -4.42 2.25
CA ARG A 43 3.65 -5.63 3.08
C ARG A 43 2.23 -5.84 3.61
N TYR A 44 1.67 -7.04 3.50
CA TYR A 44 0.28 -7.26 3.96
C TYR A 44 0.08 -8.69 4.46
N ARG A 45 -0.88 -8.87 5.35
CA ARG A 45 -1.17 -10.16 5.99
C ARG A 45 -2.66 -10.21 6.26
N ALA A 46 -3.22 -11.41 6.31
CA ALA A 46 -4.65 -11.59 6.56
C ALA A 46 -4.85 -12.63 7.65
N LEU A 47 -6.10 -12.84 8.05
CA LEU A 47 -6.41 -13.82 9.07
C LEU A 47 -5.93 -15.21 8.65
N SER A 48 -6.17 -15.57 7.39
CA SER A 48 -5.76 -16.86 6.84
C SER A 48 -4.54 -16.77 5.91
N SER A 49 -3.90 -15.61 5.82
CA SER A 49 -2.77 -15.44 4.89
C SER A 49 -1.53 -14.81 5.52
N GLU A 50 -0.38 -15.27 5.07
CA GLU A 50 0.93 -14.83 5.55
C GLU A 50 1.26 -13.34 5.31
N TRP A 51 2.27 -12.85 6.02
CA TRP A 51 2.85 -11.53 5.77
C TRP A 51 3.66 -11.59 4.48
N LYS A 52 3.09 -11.14 3.37
CA LYS A 52 3.83 -11.07 2.11
C LYS A 52 4.92 -10.02 2.37
N PRO A 53 6.17 -10.32 2.03
CA PRO A 53 7.24 -9.38 2.41
C PRO A 53 7.28 -8.06 1.65
N GLU A 54 7.16 -8.11 0.34
CA GLU A 54 7.25 -6.90 -0.49
C GLU A 54 6.50 -7.08 -1.79
N ILE A 55 5.73 -6.07 -2.17
CA ILE A 55 5.18 -5.97 -3.51
C ILE A 55 5.90 -4.75 -4.08
N ARG A 56 6.73 -5.01 -5.07
CA ARG A 56 7.50 -3.96 -5.75
C ARG A 56 6.62 -3.07 -6.51
N LEU A 57 6.89 -1.78 -6.56
CA LEU A 57 6.31 -0.94 -7.62
C LEU A 57 7.26 0.21 -7.98
N PRO A 58 7.27 0.65 -9.27
CA PRO A 58 8.18 1.73 -9.64
C PRO A 58 7.63 3.09 -9.25
N SER A 59 8.48 4.11 -9.33
CA SER A 59 8.10 5.47 -9.00
C SER A 59 6.90 6.00 -9.79
N GLY A 60 6.77 5.55 -11.04
CA GLY A 60 5.68 5.99 -11.91
C GLY A 60 4.42 5.15 -11.82
N SER A 61 4.02 4.76 -10.62
CA SER A 61 2.82 3.96 -10.42
C SER A 61 1.85 4.78 -9.56
N ASP A 62 0.72 5.18 -10.13
CA ASP A 62 -0.26 6.03 -9.42
C ASP A 62 -1.02 5.29 -8.32
N HIS A 63 -1.04 3.97 -8.39
CA HIS A 63 -1.74 3.17 -7.40
C HIS A 63 -1.10 1.79 -7.36
N VAL A 64 -1.49 0.99 -6.39
CA VAL A 64 -1.02 -0.39 -6.30
C VAL A 64 -2.28 -1.23 -6.08
N MET A 65 -2.38 -2.29 -6.87
CA MET A 65 -3.52 -3.20 -6.79
C MET A 65 -3.00 -4.50 -6.20
N LEU A 66 -3.43 -4.81 -4.98
CA LEU A 66 -2.99 -6.01 -4.26
C LEU A 66 -3.96 -7.13 -4.50
N LYS A 67 -3.53 -8.36 -4.27
CA LYS A 67 -4.37 -9.55 -4.44
C LYS A 67 -3.74 -10.65 -3.62
N SER A 68 -4.31 -11.86 -3.66
CA SER A 68 -3.84 -13.00 -2.87
C SER A 68 -3.91 -12.62 -1.39
N LEU A 69 -5.09 -12.15 -1.01
CA LEU A 69 -5.40 -11.70 0.34
C LEU A 69 -6.80 -12.19 0.63
N ASP A 70 -7.18 -12.26 1.89
CA ASP A 70 -8.50 -12.75 2.26
C ASP A 70 -9.51 -11.68 1.86
N TRP A 71 -10.68 -12.08 1.41
CA TRP A 71 -11.73 -11.11 1.06
C TRP A 71 -12.91 -11.25 2.01
N ASN A 72 -13.21 -12.48 2.41
CA ASN A 72 -14.31 -12.78 3.32
C ASN A 72 -13.83 -12.75 4.77
N ALA A 73 -12.62 -12.30 4.98
CA ALA A 73 -12.03 -12.21 6.32
C ALA A 73 -11.20 -10.93 6.33
N GLU A 74 -10.74 -10.56 7.52
CA GLU A 74 -10.01 -9.30 7.72
C GLU A 74 -8.52 -9.41 7.37
N TYR A 75 -7.97 -8.33 6.84
CA TYR A 75 -6.56 -8.26 6.52
C TYR A 75 -6.03 -6.84 6.72
N GLU A 76 -4.72 -6.74 6.91
CA GLU A 76 -4.05 -5.46 7.15
C GLU A 76 -2.99 -5.24 6.08
N VAL A 77 -2.80 -3.99 5.70
CA VAL A 77 -1.83 -3.63 4.66
C VAL A 77 -0.97 -2.47 5.13
N TYR A 78 0.34 -2.58 4.95
CA TYR A 78 1.29 -1.52 5.25
C TYR A 78 2.00 -1.18 3.95
N VAL A 79 2.22 0.10 3.70
CA VAL A 79 2.86 0.53 2.46
C VAL A 79 3.83 1.67 2.77
N VAL A 80 4.99 1.65 2.13
CA VAL A 80 6.00 2.69 2.29
C VAL A 80 6.58 3.06 0.93
N ALA A 81 7.19 4.24 0.86
CA ALA A 81 7.85 4.73 -0.33
C ALA A 81 9.34 4.75 -0.04
N GLU A 82 10.14 4.53 -1.06
CA GLU A 82 11.59 4.55 -0.94
C GLU A 82 12.11 5.53 -1.98
N ASN A 83 12.61 6.67 -1.53
CA ASN A 83 13.14 7.66 -2.46
C ASN A 83 14.64 7.48 -2.47
N GLN A 84 15.34 8.17 -3.34
CA GLN A 84 16.77 7.95 -3.52
C GLN A 84 17.66 8.34 -2.30
N GLN A 85 17.07 8.92 -1.26
CA GLN A 85 17.82 9.28 -0.05
C GLN A 85 17.30 8.63 1.25
N GLY A 86 16.07 8.10 1.25
CA GLY A 86 15.49 7.53 2.46
C GLY A 86 14.09 6.99 2.22
N LYS A 87 13.34 6.71 3.29
CA LYS A 87 12.01 6.11 3.16
C LYS A 87 10.91 6.92 3.82
N SER A 88 9.68 6.62 3.45
CA SER A 88 8.53 7.34 3.98
C SER A 88 8.04 6.69 5.25
N LYS A 89 7.23 7.41 6.01
CA LYS A 89 6.58 6.82 7.17
C LYS A 89 5.58 5.83 6.59
N ALA A 90 5.35 4.73 7.29
CA ALA A 90 4.38 3.76 6.84
C ALA A 90 2.97 4.31 7.02
N ALA A 91 2.08 3.86 6.16
CA ALA A 91 0.66 4.14 6.28
C ALA A 91 0.06 2.75 6.26
N HIS A 92 -0.98 2.53 7.05
CA HIS A 92 -1.62 1.23 7.14
C HIS A 92 -3.12 1.33 7.20
N PHE A 93 -3.79 0.32 6.66
CA PHE A 93 -5.25 0.25 6.69
C PHE A 93 -5.67 -1.20 6.81
N VAL A 94 -6.88 -1.42 7.31
CA VAL A 94 -7.41 -2.75 7.58
C VAL A 94 -8.74 -2.84 6.85
N PHE A 95 -9.06 -3.99 6.27
CA PHE A 95 -10.29 -4.14 5.49
C PHE A 95 -10.81 -5.57 5.43
N ARG A 96 -12.11 -5.70 5.16
CA ARG A 96 -12.80 -6.99 4.94
C ARG A 96 -14.03 -6.67 4.10
N THR A 97 -14.49 -7.61 3.29
CA THR A 97 -15.69 -7.42 2.45
C THR A 97 -16.51 -8.70 2.56
N HIS A 98 -17.55 -8.84 1.73
CA HIS A 98 -18.41 -10.03 1.70
C HIS A 98 -19.00 -10.35 3.09
N HIS A 99 -19.33 -9.31 3.83
CA HIS A 99 -19.88 -9.44 5.19
C HIS A 99 -21.37 -9.09 5.19
N HIS A 100 -22.00 -9.28 4.05
CA HIS A 100 -23.44 -9.02 3.91
C HIS A 100 -24.20 -10.07 4.71
N HIS A 101 -25.28 -9.66 5.36
CA HIS A 101 -26.09 -10.57 6.14
C HIS A 101 -27.56 -10.21 5.93
N HIS A 102 -28.42 -11.21 6.04
CA HIS A 102 -29.87 -11.01 5.87
C HIS A 102 -30.41 -10.16 7.02
N HIS A 103 -31.17 -9.14 6.66
CA HIS A 103 -31.86 -8.26 7.59
C HIS A 103 -33.19 -8.03 6.89
N MET A 1 23.47 14.72 -0.11
CA MET A 1 22.20 13.95 0.11
C MET A 1 21.32 14.63 1.16
N GLN A 2 21.93 15.27 2.15
CA GLN A 2 21.22 15.89 3.27
C GLN A 2 20.08 16.90 2.97
N PRO A 3 20.16 17.73 1.90
CA PRO A 3 19.01 18.62 1.76
C PRO A 3 17.72 17.95 1.24
N VAL A 4 17.80 16.67 0.89
CA VAL A 4 16.65 15.95 0.38
C VAL A 4 16.03 15.15 1.52
N ARG A 5 14.83 15.54 1.92
CA ARG A 5 14.12 14.86 3.01
C ARG A 5 13.51 13.53 2.55
N GLU A 6 13.11 12.74 3.51
CA GLU A 6 12.44 11.46 3.28
C GLU A 6 11.06 11.70 2.65
N PRO A 7 10.54 10.72 1.90
CA PRO A 7 9.22 10.94 1.29
C PRO A 7 8.03 10.89 2.25
N SER A 8 6.89 11.34 1.76
CA SER A 8 5.66 11.42 2.53
C SER A 8 5.00 10.07 2.72
N ALA A 9 4.21 9.96 3.78
CA ALA A 9 3.44 8.74 4.00
C ALA A 9 2.49 8.59 2.79
N PRO A 10 2.32 7.36 2.29
CA PRO A 10 1.44 7.20 1.12
C PRO A 10 -0.04 7.43 1.42
N LYS A 11 -0.77 7.72 0.35
CA LYS A 11 -2.21 7.99 0.42
C LYS A 11 -2.98 6.70 0.65
N LEU A 12 -4.24 6.82 1.05
CA LEU A 12 -5.09 5.65 1.21
C LEU A 12 -6.54 6.09 1.07
N GLU A 13 -7.21 5.58 0.04
CA GLU A 13 -8.61 5.91 -0.21
C GLU A 13 -9.49 4.66 -0.01
N GLY A 14 -8.85 3.52 0.23
CA GLY A 14 -9.57 2.28 0.55
C GLY A 14 -10.56 1.82 -0.49
N GLN A 15 -10.21 1.97 -1.76
CA GLN A 15 -11.13 1.65 -2.85
C GLN A 15 -11.24 0.15 -3.06
N MET A 16 -12.43 -0.37 -2.81
CA MET A 16 -12.70 -1.82 -2.90
C MET A 16 -12.41 -2.37 -4.29
N GLY A 17 -12.01 -3.63 -4.35
CA GLY A 17 -11.73 -4.26 -5.64
C GLY A 17 -12.94 -4.99 -6.19
N GLU A 18 -13.37 -4.61 -7.37
CA GLU A 18 -14.56 -5.20 -8.02
C GLU A 18 -14.29 -6.66 -8.38
N ASP A 19 -13.03 -6.98 -8.60
CA ASP A 19 -12.60 -8.34 -8.92
C ASP A 19 -12.91 -9.32 -7.81
N GLY A 20 -13.03 -8.81 -6.59
CA GLY A 20 -13.11 -9.66 -5.42
C GLY A 20 -11.70 -10.11 -5.11
N ASN A 21 -11.44 -10.52 -3.87
CA ASN A 21 -10.10 -11.00 -3.47
C ASN A 21 -9.01 -9.94 -3.80
N SER A 22 -9.41 -8.66 -3.86
CA SER A 22 -8.54 -7.57 -4.30
C SER A 22 -8.95 -6.21 -3.73
N ILE A 23 -8.02 -5.23 -3.73
CA ILE A 23 -8.32 -3.85 -3.29
C ILE A 23 -7.29 -2.87 -3.86
N LYS A 24 -7.65 -1.58 -3.97
CA LYS A 24 -6.72 -0.56 -4.48
C LYS A 24 -6.35 0.44 -3.38
N VAL A 25 -5.10 0.86 -3.36
CA VAL A 25 -4.60 1.84 -2.41
C VAL A 25 -3.87 2.87 -3.27
N ASN A 26 -3.97 4.15 -2.92
CA ASN A 26 -3.40 5.22 -3.75
C ASN A 26 -1.93 5.43 -3.42
N LEU A 27 -1.18 5.88 -4.40
CA LEU A 27 0.28 5.98 -4.29
C LEU A 27 0.80 7.38 -4.61
N ILE A 28 1.94 7.70 -4.02
CA ILE A 28 2.63 8.95 -4.29
C ILE A 28 2.83 9.09 -5.81
N LYS A 29 2.32 10.16 -6.38
CA LYS A 29 2.39 10.40 -7.83
C LYS A 29 3.08 11.71 -8.19
N GLN A 30 3.76 12.28 -7.21
CA GLN A 30 4.45 13.56 -7.36
C GLN A 30 5.63 13.42 -6.41
N ASP A 31 6.66 14.24 -6.52
CA ASP A 31 7.79 14.14 -5.62
C ASP A 31 7.40 14.74 -4.26
N ASP A 32 7.95 14.18 -3.19
CA ASP A 32 7.60 14.60 -1.84
C ASP A 32 8.64 15.47 -1.18
N GLY A 33 9.83 15.49 -1.74
CA GLY A 33 10.92 16.22 -1.12
C GLY A 33 11.82 16.91 -2.12
N GLY A 34 13.08 16.53 -2.08
CA GLY A 34 14.09 17.12 -2.96
C GLY A 34 14.49 16.21 -4.10
N SER A 35 13.83 15.07 -4.21
CA SER A 35 14.10 14.10 -5.25
C SER A 35 12.86 13.23 -5.42
N PRO A 36 12.65 12.66 -6.61
CA PRO A 36 11.50 11.76 -6.74
C PRO A 36 11.73 10.43 -6.04
N ILE A 37 10.67 9.64 -5.94
CA ILE A 37 10.72 8.32 -5.32
C ILE A 37 11.54 7.41 -6.26
N ARG A 38 12.19 6.40 -5.69
CA ARG A 38 12.89 5.37 -6.45
C ARG A 38 11.91 4.19 -6.63
N HIS A 39 11.43 3.65 -5.51
CA HIS A 39 10.56 2.47 -5.50
C HIS A 39 9.48 2.55 -4.42
N TYR A 40 8.49 1.68 -4.50
CA TYR A 40 7.47 1.53 -3.46
C TYR A 40 7.54 0.12 -2.95
N LEU A 41 7.28 -0.05 -1.66
CA LEU A 41 7.34 -1.34 -1.01
C LEU A 41 6.03 -1.53 -0.24
N VAL A 42 5.30 -2.60 -0.54
CA VAL A 42 4.04 -2.89 0.15
C VAL A 42 4.19 -4.22 0.89
N ARG A 43 3.63 -4.31 2.09
CA ARG A 43 3.68 -5.53 2.89
C ARG A 43 2.29 -5.70 3.49
N TYR A 44 1.71 -6.88 3.35
CA TYR A 44 0.37 -7.10 3.88
C TYR A 44 0.26 -8.51 4.42
N ARG A 45 -0.75 -8.73 5.26
CA ARG A 45 -0.98 -10.01 5.90
C ARG A 45 -2.48 -10.17 6.05
N ALA A 46 -2.98 -11.37 5.86
CA ALA A 46 -4.40 -11.65 5.97
C ALA A 46 -4.63 -12.54 7.18
N LEU A 47 -5.85 -12.64 7.67
CA LEU A 47 -6.13 -13.46 8.86
C LEU A 47 -5.68 -14.90 8.67
N SER A 48 -5.89 -15.42 7.47
CA SER A 48 -5.54 -16.79 7.12
C SER A 48 -4.09 -16.93 6.63
N SER A 49 -3.30 -15.87 6.70
CA SER A 49 -1.96 -15.87 6.11
C SER A 49 -0.91 -15.13 6.96
N GLU A 50 0.33 -15.22 6.54
CA GLU A 50 1.45 -14.55 7.19
C GLU A 50 1.78 -13.27 6.41
N TRP A 51 2.73 -12.50 6.90
CA TRP A 51 3.18 -11.29 6.20
C TRP A 51 3.85 -11.64 4.89
N LYS A 52 3.34 -11.11 3.80
CA LYS A 52 3.97 -11.30 2.49
C LYS A 52 5.25 -10.48 2.53
N PRO A 53 6.32 -10.92 1.83
CA PRO A 53 7.57 -10.18 1.99
C PRO A 53 7.56 -8.74 1.47
N GLU A 54 7.33 -8.55 0.18
CA GLU A 54 7.33 -7.22 -0.41
C GLU A 54 6.61 -7.29 -1.75
N ILE A 55 5.82 -6.26 -2.06
CA ILE A 55 5.24 -6.13 -3.38
C ILE A 55 5.99 -4.91 -3.94
N ARG A 56 6.77 -5.18 -4.97
CA ARG A 56 7.57 -4.16 -5.67
C ARG A 56 6.68 -3.22 -6.37
N LEU A 57 6.99 -1.94 -6.45
CA LEU A 57 6.40 -1.09 -7.49
C LEU A 57 7.34 0.05 -7.90
N PRO A 58 7.31 0.48 -9.18
CA PRO A 58 8.23 1.55 -9.60
C PRO A 58 7.73 2.92 -9.19
N SER A 59 8.59 3.92 -9.26
CA SER A 59 8.22 5.28 -8.89
C SER A 59 7.05 5.86 -9.68
N GLY A 60 6.83 5.35 -10.89
CA GLY A 60 5.78 5.87 -11.75
C GLY A 60 4.39 5.28 -11.56
N SER A 61 4.18 4.44 -10.55
CA SER A 61 2.85 3.87 -10.32
C SER A 61 2.02 4.86 -9.49
N ASP A 62 0.92 5.34 -10.08
CA ASP A 62 0.02 6.32 -9.44
C ASP A 62 -0.81 5.69 -8.31
N HIS A 63 -1.07 4.40 -8.43
CA HIS A 63 -1.82 3.66 -7.43
C HIS A 63 -1.39 2.21 -7.54
N VAL A 64 -1.76 1.41 -6.56
CA VAL A 64 -1.38 0.00 -6.52
C VAL A 64 -2.62 -0.81 -6.17
N MET A 65 -2.86 -1.88 -6.93
CA MET A 65 -3.95 -2.79 -6.65
C MET A 65 -3.34 -4.08 -6.14
N LEU A 66 -3.80 -4.54 -4.99
CA LEU A 66 -3.32 -5.77 -4.39
C LEU A 66 -4.36 -6.83 -4.66
N LYS A 67 -3.90 -8.06 -4.80
CA LYS A 67 -4.76 -9.22 -5.04
C LYS A 67 -4.22 -10.28 -4.11
N SER A 68 -4.78 -11.49 -4.18
CA SER A 68 -4.35 -12.61 -3.33
C SER A 68 -4.31 -12.23 -1.85
N LEU A 69 -5.47 -11.84 -1.35
CA LEU A 69 -5.67 -11.43 0.03
C LEU A 69 -7.02 -11.98 0.45
N ASP A 70 -7.29 -12.08 1.75
CA ASP A 70 -8.57 -12.61 2.20
C ASP A 70 -9.68 -11.62 1.89
N TRP A 71 -10.80 -12.10 1.39
CA TRP A 71 -11.95 -11.23 1.16
C TRP A 71 -13.04 -11.55 2.18
N ASN A 72 -13.07 -12.78 2.64
CA ASN A 72 -14.09 -13.25 3.60
C ASN A 72 -13.60 -13.13 5.04
N ALA A 73 -12.45 -12.49 5.21
CA ALA A 73 -11.82 -12.35 6.51
C ALA A 73 -11.05 -11.04 6.49
N GLU A 74 -10.61 -10.62 7.65
CA GLU A 74 -9.94 -9.34 7.80
C GLU A 74 -8.46 -9.41 7.44
N TYR A 75 -7.95 -8.36 6.81
CA TYR A 75 -6.54 -8.30 6.45
C TYR A 75 -6.03 -6.89 6.64
N GLU A 76 -4.73 -6.76 6.83
CA GLU A 76 -4.07 -5.49 7.09
C GLU A 76 -3.00 -5.24 6.02
N VAL A 77 -2.86 -3.99 5.61
CA VAL A 77 -1.91 -3.60 4.57
C VAL A 77 -1.04 -2.45 5.04
N TYR A 78 0.27 -2.55 4.84
CA TYR A 78 1.22 -1.48 5.15
C TYR A 78 1.94 -1.15 3.85
N VAL A 79 2.22 0.12 3.64
CA VAL A 79 2.91 0.55 2.42
C VAL A 79 3.84 1.70 2.78
N VAL A 80 5.02 1.70 2.17
CA VAL A 80 6.01 2.76 2.34
C VAL A 80 6.59 3.10 0.98
N ALA A 81 7.18 4.28 0.88
CA ALA A 81 7.84 4.73 -0.32
C ALA A 81 9.33 4.80 -0.01
N GLU A 82 10.15 4.64 -1.02
CA GLU A 82 11.60 4.74 -0.87
C GLU A 82 12.09 5.72 -1.91
N ASN A 83 12.64 6.85 -1.49
CA ASN A 83 13.22 7.78 -2.45
C ASN A 83 14.72 7.51 -2.41
N GLN A 84 15.49 8.23 -3.19
CA GLN A 84 16.93 7.96 -3.28
C GLN A 84 17.74 8.37 -2.03
N GLN A 85 17.06 8.89 -1.01
CA GLN A 85 17.72 9.27 0.25
C GLN A 85 17.24 8.46 1.47
N GLY A 86 15.97 8.08 1.49
CA GLY A 86 15.43 7.35 2.64
C GLY A 86 14.02 6.84 2.40
N LYS A 87 13.41 6.27 3.44
CA LYS A 87 12.05 5.71 3.34
C LYS A 87 11.01 6.55 4.02
N SER A 88 9.77 6.40 3.58
CA SER A 88 8.65 7.18 4.10
C SER A 88 8.08 6.58 5.37
N LYS A 89 7.19 7.32 6.01
CA LYS A 89 6.47 6.80 7.17
C LYS A 89 5.48 5.79 6.60
N ALA A 90 5.24 4.71 7.31
CA ALA A 90 4.26 3.72 6.88
C ALA A 90 2.85 4.25 7.05
N ALA A 91 1.96 3.83 6.17
CA ALA A 91 0.54 4.11 6.31
C ALA A 91 -0.07 2.72 6.25
N HIS A 92 -1.13 2.51 7.02
CA HIS A 92 -1.76 1.20 7.10
C HIS A 92 -3.26 1.28 7.19
N PHE A 93 -3.93 0.26 6.64
CA PHE A 93 -5.38 0.18 6.70
C PHE A 93 -5.81 -1.27 6.78
N VAL A 94 -7.00 -1.49 7.30
CA VAL A 94 -7.54 -2.81 7.54
C VAL A 94 -8.87 -2.92 6.79
N PHE A 95 -9.14 -4.06 6.15
CA PHE A 95 -10.36 -4.22 5.36
C PHE A 95 -10.85 -5.69 5.36
N ARG A 96 -12.14 -5.87 5.10
CA ARG A 96 -12.80 -7.18 4.96
C ARG A 96 -14.08 -6.87 4.21
N THR A 97 -14.68 -7.85 3.55
CA THR A 97 -15.90 -7.63 2.79
C THR A 97 -16.74 -8.94 2.76
N HIS A 98 -17.83 -8.95 1.99
CA HIS A 98 -18.71 -10.12 1.83
C HIS A 98 -19.21 -10.74 3.14
N HIS A 99 -19.47 -9.90 4.13
CA HIS A 99 -19.97 -10.39 5.41
C HIS A 99 -21.34 -11.04 5.24
N HIS A 100 -21.56 -12.13 5.97
CA HIS A 100 -22.83 -12.87 5.92
C HIS A 100 -24.03 -12.03 6.38
N HIS A 101 -23.76 -10.85 6.92
CA HIS A 101 -24.81 -9.92 7.34
C HIS A 101 -25.54 -9.31 6.13
N HIS A 102 -24.97 -9.47 4.95
CA HIS A 102 -25.58 -8.95 3.72
C HIS A 102 -25.48 -9.98 2.60
N HIS A 103 -26.60 -10.64 2.31
CA HIS A 103 -26.70 -11.61 1.23
C HIS A 103 -28.18 -11.79 1.02
N MET A 1 21.24 11.56 2.72
CA MET A 1 20.01 12.04 3.40
C MET A 1 20.09 13.54 3.71
N GLN A 2 21.26 14.07 4.06
CA GLN A 2 21.36 15.48 4.43
C GLN A 2 20.85 16.55 3.41
N PRO A 3 21.12 16.39 2.08
CA PRO A 3 20.66 17.50 1.25
C PRO A 3 19.19 17.48 0.79
N VAL A 4 18.50 16.36 0.97
CA VAL A 4 17.14 16.21 0.46
C VAL A 4 16.30 15.43 1.48
N ARG A 5 15.11 15.93 1.79
CA ARG A 5 14.23 15.27 2.76
C ARG A 5 13.66 13.96 2.22
N GLU A 6 13.36 13.05 3.13
CA GLU A 6 12.80 11.75 2.83
C GLU A 6 11.35 11.88 2.30
N PRO A 7 10.86 10.84 1.59
CA PRO A 7 9.46 10.94 1.11
C PRO A 7 8.40 10.90 2.21
N SER A 8 7.20 11.31 1.84
CA SER A 8 6.07 11.41 2.76
C SER A 8 5.36 10.08 2.88
N ALA A 9 4.67 9.89 4.00
CA ALA A 9 3.90 8.66 4.20
C ALA A 9 2.90 8.53 3.04
N PRO A 10 2.73 7.33 2.48
CA PRO A 10 1.81 7.19 1.36
C PRO A 10 0.35 7.41 1.73
N LYS A 11 -0.41 7.86 0.75
CA LYS A 11 -1.83 8.17 0.93
C LYS A 11 -2.64 6.88 0.81
N LEU A 12 -3.88 6.91 1.29
CA LEU A 12 -4.72 5.71 1.28
C LEU A 12 -6.18 6.10 1.10
N GLU A 13 -6.81 5.58 0.06
CA GLU A 13 -8.23 5.87 -0.20
C GLU A 13 -9.12 4.63 0.04
N GLY A 14 -8.49 3.48 0.27
CA GLY A 14 -9.22 2.26 0.64
C GLY A 14 -10.26 1.77 -0.35
N GLN A 15 -9.97 1.86 -1.63
CA GLN A 15 -10.96 1.52 -2.66
C GLN A 15 -11.06 0.02 -2.88
N MET A 16 -12.21 -0.54 -2.50
CA MET A 16 -12.48 -1.98 -2.61
C MET A 16 -12.23 -2.54 -4.00
N GLY A 17 -11.72 -3.77 -4.06
CA GLY A 17 -11.51 -4.44 -5.32
C GLY A 17 -12.78 -5.13 -5.78
N GLU A 18 -13.24 -4.74 -6.96
CA GLU A 18 -14.47 -5.30 -7.53
C GLU A 18 -14.24 -6.72 -8.05
N ASP A 19 -12.98 -7.03 -8.30
CA ASP A 19 -12.58 -8.38 -8.75
C ASP A 19 -12.77 -9.38 -7.62
N GLY A 20 -12.84 -8.86 -6.39
CA GLY A 20 -12.86 -9.71 -5.22
C GLY A 20 -11.44 -10.16 -4.94
N ASN A 21 -11.17 -10.66 -3.75
CA ASN A 21 -9.84 -11.15 -3.36
C ASN A 21 -8.74 -10.08 -3.61
N SER A 22 -9.14 -8.81 -3.60
CA SER A 22 -8.26 -7.70 -3.96
C SER A 22 -8.71 -6.33 -3.44
N ILE A 23 -7.81 -5.35 -3.51
CA ILE A 23 -8.13 -3.97 -3.11
C ILE A 23 -7.12 -2.99 -3.73
N LYS A 24 -7.52 -1.74 -3.93
CA LYS A 24 -6.62 -0.71 -4.47
C LYS A 24 -6.24 0.27 -3.37
N VAL A 25 -4.95 0.54 -3.25
CA VAL A 25 -4.44 1.51 -2.29
C VAL A 25 -3.72 2.52 -3.18
N ASN A 26 -3.86 3.80 -2.90
CA ASN A 26 -3.27 4.82 -3.76
C ASN A 26 -1.81 5.00 -3.44
N LEU A 27 -1.07 5.43 -4.45
CA LEU A 27 0.36 5.61 -4.37
C LEU A 27 0.74 7.01 -4.78
N ILE A 28 1.85 7.49 -4.26
CA ILE A 28 2.36 8.82 -4.54
C ILE A 28 2.52 9.10 -6.06
N LYS A 29 1.98 10.22 -6.51
CA LYS A 29 2.10 10.63 -7.93
C LYS A 29 2.75 12.01 -8.10
N GLN A 30 3.37 12.51 -7.05
CA GLN A 30 4.03 13.81 -7.06
C GLN A 30 5.34 13.65 -6.31
N ASP A 31 6.27 14.59 -6.43
CA ASP A 31 7.52 14.49 -5.68
C ASP A 31 7.24 14.96 -4.24
N ASP A 32 7.60 14.12 -3.29
CA ASP A 32 7.32 14.39 -1.87
C ASP A 32 8.40 15.18 -1.20
N GLY A 33 9.60 15.08 -1.77
CA GLY A 33 10.77 15.63 -1.14
C GLY A 33 11.51 16.64 -1.97
N GLY A 34 12.80 16.39 -2.06
CA GLY A 34 13.68 17.24 -2.85
C GLY A 34 14.06 16.50 -4.11
N SER A 35 13.50 15.31 -4.26
CA SER A 35 13.73 14.46 -5.41
C SER A 35 12.51 13.55 -5.49
N PRO A 36 12.18 13.03 -6.68
CA PRO A 36 11.02 12.14 -6.75
C PRO A 36 11.29 10.76 -6.15
N ILE A 37 10.22 10.02 -5.94
CA ILE A 37 10.28 8.66 -5.39
C ILE A 37 11.03 7.79 -6.41
N ARG A 38 11.65 6.72 -5.95
CA ARG A 38 12.31 5.74 -6.84
C ARG A 38 11.45 4.48 -6.85
N HIS A 39 11.15 3.94 -5.66
CA HIS A 39 10.35 2.71 -5.54
C HIS A 39 9.33 2.75 -4.40
N TYR A 40 8.52 1.70 -4.31
CA TYR A 40 7.55 1.51 -3.23
C TYR A 40 7.65 0.09 -2.73
N LEU A 41 7.38 -0.09 -1.44
CA LEU A 41 7.39 -1.42 -0.83
C LEU A 41 6.09 -1.61 -0.06
N VAL A 42 5.39 -2.70 -0.32
CA VAL A 42 4.11 -3.00 0.35
C VAL A 42 4.23 -4.34 1.09
N ARG A 43 3.60 -4.46 2.25
CA ARG A 43 3.61 -5.69 3.04
C ARG A 43 2.21 -5.84 3.64
N TYR A 44 1.61 -7.02 3.56
CA TYR A 44 0.25 -7.21 4.07
C TYR A 44 0.07 -8.62 4.61
N ARG A 45 -0.92 -8.81 5.48
CA ARG A 45 -1.18 -10.09 6.14
C ARG A 45 -2.68 -10.18 6.33
N ALA A 46 -3.23 -11.38 6.40
CA ALA A 46 -4.66 -11.58 6.55
C ALA A 46 -4.94 -12.61 7.64
N LEU A 47 -6.20 -12.81 7.98
CA LEU A 47 -6.56 -13.81 8.98
C LEU A 47 -6.15 -15.20 8.51
N SER A 48 -6.32 -15.46 7.22
CA SER A 48 -5.96 -16.75 6.63
C SER A 48 -4.65 -16.73 5.82
N SER A 49 -3.90 -15.62 5.87
CA SER A 49 -2.65 -15.51 5.10
C SER A 49 -1.52 -14.85 5.89
N GLU A 50 -0.30 -15.27 5.59
CA GLU A 50 0.90 -14.78 6.26
C GLU A 50 1.28 -13.36 5.82
N TRP A 51 2.25 -12.78 6.51
CA TRP A 51 2.84 -11.50 6.08
C TRP A 51 3.55 -11.71 4.75
N LYS A 52 2.93 -11.26 3.68
CA LYS A 52 3.53 -11.34 2.35
C LYS A 52 4.78 -10.48 2.45
N PRO A 53 5.92 -10.96 1.91
CA PRO A 53 7.17 -10.27 2.24
C PRO A 53 7.35 -8.86 1.70
N GLU A 54 7.18 -8.67 0.40
CA GLU A 54 7.40 -7.37 -0.23
C GLU A 54 6.67 -7.35 -1.57
N ILE A 55 6.12 -6.20 -1.93
CA ILE A 55 5.58 -5.97 -3.27
C ILE A 55 6.29 -4.70 -3.76
N ARG A 56 7.02 -4.87 -4.86
CA ARG A 56 7.94 -3.90 -5.51
C ARG A 56 7.37 -2.96 -6.60
N LEU A 57 7.12 -1.70 -6.33
CA LEU A 57 6.48 -0.90 -7.39
C LEU A 57 7.27 0.35 -7.79
N PRO A 58 7.24 0.72 -9.08
CA PRO A 58 8.04 1.86 -9.52
C PRO A 58 7.41 3.20 -9.19
N SER A 59 8.22 4.24 -9.20
CA SER A 59 7.75 5.61 -8.91
C SER A 59 6.51 6.03 -9.71
N GLY A 60 6.40 5.55 -10.93
CA GLY A 60 5.30 5.93 -11.81
C GLY A 60 3.96 5.23 -11.57
N SER A 61 3.84 4.37 -10.57
CA SER A 61 2.57 3.71 -10.31
C SER A 61 1.70 4.67 -9.49
N ASP A 62 0.57 5.09 -10.05
CA ASP A 62 -0.36 6.03 -9.42
C ASP A 62 -1.13 5.39 -8.26
N HIS A 63 -1.30 4.09 -8.34
CA HIS A 63 -1.97 3.32 -7.31
C HIS A 63 -1.49 1.90 -7.50
N VAL A 64 -1.76 1.04 -6.53
CA VAL A 64 -1.37 -0.37 -6.60
C VAL A 64 -2.58 -1.19 -6.18
N MET A 65 -2.80 -2.30 -6.86
CA MET A 65 -3.89 -3.20 -6.52
C MET A 65 -3.31 -4.50 -6.02
N LEU A 66 -3.61 -4.83 -4.78
CA LEU A 66 -3.11 -6.06 -4.18
C LEU A 66 -4.10 -7.17 -4.49
N LYS A 67 -3.60 -8.39 -4.52
CA LYS A 67 -4.40 -9.59 -4.77
C LYS A 67 -3.89 -10.59 -3.75
N SER A 68 -4.46 -11.79 -3.69
CA SER A 68 -4.03 -12.84 -2.75
C SER A 68 -4.16 -12.36 -1.29
N LEU A 69 -5.35 -11.90 -0.96
CA LEU A 69 -5.68 -11.40 0.38
C LEU A 69 -7.08 -11.89 0.67
N ASP A 70 -7.47 -11.89 1.94
CA ASP A 70 -8.78 -12.39 2.34
C ASP A 70 -9.89 -11.44 1.89
N TRP A 71 -10.96 -12.01 1.36
CA TRP A 71 -12.13 -11.21 0.97
C TRP A 71 -13.33 -11.56 1.84
N ASN A 72 -13.21 -12.64 2.60
CA ASN A 72 -14.29 -13.10 3.47
C ASN A 72 -13.88 -12.98 4.93
N ALA A 73 -12.80 -12.25 5.16
CA ALA A 73 -12.23 -12.11 6.49
C ALA A 73 -11.39 -10.83 6.48
N GLU A 74 -10.92 -10.43 7.65
CA GLU A 74 -10.18 -9.19 7.83
C GLU A 74 -8.69 -9.33 7.49
N TYR A 75 -8.10 -8.27 6.97
CA TYR A 75 -6.67 -8.23 6.65
C TYR A 75 -6.12 -6.83 6.84
N GLU A 76 -4.81 -6.73 6.98
CA GLU A 76 -4.12 -5.46 7.23
C GLU A 76 -3.05 -5.24 6.16
N VAL A 77 -2.83 -4.00 5.79
CA VAL A 77 -1.87 -3.63 4.74
C VAL A 77 -0.98 -2.49 5.20
N TYR A 78 0.33 -2.63 5.02
CA TYR A 78 1.31 -1.58 5.31
C TYR A 78 2.01 -1.22 4.02
N VAL A 79 2.32 0.05 3.83
CA VAL A 79 2.95 0.51 2.60
C VAL A 79 3.90 1.66 2.93
N VAL A 80 5.02 1.72 2.23
CA VAL A 80 6.00 2.80 2.40
C VAL A 80 6.50 3.21 1.01
N ALA A 81 7.02 4.42 0.93
CA ALA A 81 7.61 4.95 -0.29
C ALA A 81 9.12 4.98 -0.06
N GLU A 82 9.88 4.90 -1.12
CA GLU A 82 11.33 4.89 -1.04
C GLU A 82 11.89 5.79 -2.14
N ASN A 83 12.94 6.52 -1.83
CA ASN A 83 13.66 7.26 -2.86
C ASN A 83 15.12 6.99 -2.59
N GLN A 84 15.97 7.39 -3.52
CA GLN A 84 17.41 7.17 -3.42
C GLN A 84 18.10 7.94 -2.27
N GLN A 85 17.30 8.66 -1.49
CA GLN A 85 17.79 9.47 -0.37
C GLN A 85 17.39 8.86 0.99
N GLY A 86 16.27 8.17 1.03
CA GLY A 86 15.77 7.58 2.27
C GLY A 86 14.39 6.97 2.05
N LYS A 87 13.70 6.58 3.12
CA LYS A 87 12.36 5.96 2.99
C LYS A 87 11.35 6.69 3.84
N SER A 88 10.08 6.52 3.48
CA SER A 88 8.99 7.23 4.12
C SER A 88 8.49 6.55 5.38
N LYS A 89 7.62 7.25 6.09
CA LYS A 89 6.94 6.69 7.25
C LYS A 89 5.90 5.72 6.68
N ALA A 90 5.60 4.65 7.42
CA ALA A 90 4.60 3.69 6.99
C ALA A 90 3.20 4.24 7.21
N ALA A 91 2.29 3.81 6.35
CA ALA A 91 0.86 4.07 6.50
C ALA A 91 0.25 2.69 6.46
N HIS A 92 -0.84 2.49 7.18
CA HIS A 92 -1.49 1.19 7.27
C HIS A 92 -3.00 1.31 7.33
N PHE A 93 -3.69 0.32 6.78
CA PHE A 93 -5.15 0.28 6.84
C PHE A 93 -5.61 -1.17 6.98
N VAL A 94 -6.81 -1.35 7.49
CA VAL A 94 -7.39 -2.68 7.76
C VAL A 94 -8.72 -2.73 7.01
N PHE A 95 -9.04 -3.87 6.40
CA PHE A 95 -10.23 -3.99 5.58
C PHE A 95 -10.79 -5.42 5.54
N ARG A 96 -12.09 -5.52 5.26
CA ARG A 96 -12.79 -6.79 5.03
C ARG A 96 -14.00 -6.43 4.19
N THR A 97 -14.54 -7.38 3.45
CA THR A 97 -15.71 -7.14 2.60
C THR A 97 -16.54 -8.43 2.65
N HIS A 98 -17.58 -8.51 1.83
CA HIS A 98 -18.51 -9.67 1.79
C HIS A 98 -19.02 -10.01 3.18
N HIS A 99 -19.37 -8.99 3.94
CA HIS A 99 -19.89 -9.17 5.29
C HIS A 99 -21.32 -9.73 5.23
N HIS A 100 -21.94 -9.66 4.07
CA HIS A 100 -23.28 -10.15 3.86
C HIS A 100 -23.20 -11.26 2.82
N HIS A 101 -24.06 -12.26 2.95
CA HIS A 101 -24.08 -13.42 2.06
C HIS A 101 -25.53 -13.72 1.82
N HIS A 102 -25.82 -14.61 0.86
CA HIS A 102 -27.20 -15.00 0.59
C HIS A 102 -27.72 -15.74 1.83
N HIS A 103 -29.02 -15.63 2.06
CA HIS A 103 -29.69 -16.25 3.20
C HIS A 103 -31.11 -16.47 2.72
N MET A 1 20.60 13.49 -2.45
CA MET A 1 20.46 12.94 -1.08
C MET A 1 20.37 14.06 -0.03
N GLN A 2 21.48 14.47 0.56
CA GLN A 2 21.46 15.44 1.69
C GLN A 2 20.58 16.71 1.57
N PRO A 3 20.54 17.39 0.40
CA PRO A 3 19.65 18.57 0.38
C PRO A 3 18.15 18.28 0.20
N VAL A 4 17.75 17.02 0.32
CA VAL A 4 16.37 16.60 0.08
C VAL A 4 15.75 15.96 1.33
N ARG A 5 14.50 16.31 1.62
CA ARG A 5 13.77 15.75 2.76
C ARG A 5 13.27 14.33 2.50
N GLU A 6 12.92 13.65 3.59
CA GLU A 6 12.38 12.29 3.51
C GLU A 6 10.98 12.35 2.92
N PRO A 7 10.52 11.26 2.28
CA PRO A 7 9.16 11.30 1.72
C PRO A 7 8.05 11.15 2.76
N SER A 8 6.87 11.58 2.37
CA SER A 8 5.68 11.53 3.20
C SER A 8 5.06 10.16 3.12
N ALA A 9 4.31 9.78 4.14
CA ALA A 9 3.61 8.51 4.14
C ALA A 9 2.77 8.40 2.85
N PRO A 10 2.67 7.19 2.28
CA PRO A 10 1.86 7.06 1.06
C PRO A 10 0.39 7.35 1.33
N LYS A 11 -0.29 7.79 0.30
CA LYS A 11 -1.69 8.19 0.42
C LYS A 11 -2.54 6.92 0.46
N LEU A 12 -3.68 6.96 1.13
CA LEU A 12 -4.51 5.77 1.28
C LEU A 12 -5.97 6.17 1.17
N GLU A 13 -6.62 5.69 0.13
CA GLU A 13 -8.03 6.03 -0.10
C GLU A 13 -8.97 4.83 0.12
N GLY A 14 -8.38 3.67 0.40
CA GLY A 14 -9.17 2.47 0.75
C GLY A 14 -10.23 2.06 -0.26
N GLN A 15 -9.93 2.15 -1.54
CA GLN A 15 -10.91 1.88 -2.59
C GLN A 15 -11.06 0.38 -2.78
N MET A 16 -12.28 -0.12 -2.56
CA MET A 16 -12.59 -1.54 -2.63
C MET A 16 -12.24 -2.17 -3.98
N GLY A 17 -11.79 -3.41 -3.95
CA GLY A 17 -11.44 -4.11 -5.19
C GLY A 17 -12.64 -4.77 -5.84
N GLU A 18 -12.98 -4.29 -7.02
CA GLU A 18 -14.14 -4.80 -7.77
C GLU A 18 -13.89 -6.21 -8.30
N ASP A 19 -12.63 -6.57 -8.44
CA ASP A 19 -12.26 -7.91 -8.91
C ASP A 19 -12.56 -8.97 -7.86
N GLY A 20 -12.66 -8.53 -6.61
CA GLY A 20 -12.80 -9.44 -5.49
C GLY A 20 -11.42 -9.99 -5.17
N ASN A 21 -11.22 -10.49 -3.94
CA ASN A 21 -9.92 -11.05 -3.53
C ASN A 21 -8.79 -10.01 -3.76
N SER A 22 -9.17 -8.73 -3.69
CA SER A 22 -8.29 -7.62 -4.07
C SER A 22 -8.72 -6.26 -3.51
N ILE A 23 -7.85 -5.26 -3.61
CA ILE A 23 -8.16 -3.88 -3.18
C ILE A 23 -7.18 -2.86 -3.80
N LYS A 24 -7.59 -1.60 -3.92
CA LYS A 24 -6.72 -0.55 -4.46
C LYS A 24 -6.31 0.42 -3.35
N VAL A 25 -5.02 0.47 -3.08
CA VAL A 25 -4.49 1.40 -2.08
C VAL A 25 -3.66 2.39 -2.90
N ASN A 26 -3.68 3.66 -2.54
CA ASN A 26 -3.01 4.68 -3.36
C ASN A 26 -1.51 4.70 -3.14
N LEU A 27 -0.80 5.15 -4.16
CA LEU A 27 0.65 5.25 -4.13
C LEU A 27 1.10 6.67 -4.46
N ILE A 28 2.25 7.07 -3.97
CA ILE A 28 2.80 8.38 -4.33
C ILE A 28 3.10 8.28 -5.84
N LYS A 29 2.67 9.27 -6.61
CA LYS A 29 2.93 9.27 -8.07
C LYS A 29 3.69 10.48 -8.59
N GLN A 30 4.25 11.26 -7.69
CA GLN A 30 4.96 12.49 -8.04
C GLN A 30 6.04 12.71 -7.01
N ASP A 31 6.94 13.65 -7.25
CA ASP A 31 7.99 13.99 -6.28
C ASP A 31 7.34 14.35 -4.95
N ASP A 32 7.86 13.78 -3.87
CA ASP A 32 7.28 14.00 -2.56
C ASP A 32 7.80 15.23 -1.88
N GLY A 33 9.09 15.41 -2.03
CA GLY A 33 9.78 16.48 -1.36
C GLY A 33 10.71 17.16 -2.32
N GLY A 34 11.91 16.61 -2.38
CA GLY A 34 12.95 17.14 -3.25
C GLY A 34 13.24 16.33 -4.49
N SER A 35 12.82 15.06 -4.47
CA SER A 35 13.13 14.13 -5.56
C SER A 35 12.04 13.07 -5.62
N PRO A 36 11.95 12.33 -6.74
CA PRO A 36 10.96 11.25 -6.76
C PRO A 36 11.37 10.07 -5.90
N ILE A 37 10.43 9.15 -5.73
CA ILE A 37 10.67 7.95 -4.93
C ILE A 37 11.48 6.98 -5.81
N ARG A 38 12.38 6.21 -5.20
CA ARG A 38 13.16 5.22 -5.94
C ARG A 38 12.32 3.94 -6.09
N HIS A 39 11.80 3.41 -4.98
CA HIS A 39 10.98 2.18 -4.97
C HIS A 39 9.84 2.21 -3.96
N TYR A 40 8.87 1.31 -4.11
CA TYR A 40 7.78 1.17 -3.14
C TYR A 40 7.75 -0.25 -2.63
N LEU A 41 7.40 -0.42 -1.37
CA LEU A 41 7.33 -1.73 -0.74
C LEU A 41 5.97 -1.84 -0.05
N VAL A 42 5.28 -2.95 -0.25
CA VAL A 42 3.98 -3.20 0.38
C VAL A 42 4.06 -4.51 1.14
N ARG A 43 3.67 -4.49 2.41
CA ARG A 43 3.73 -5.66 3.28
C ARG A 43 2.33 -5.88 3.84
N TYR A 44 1.68 -6.98 3.48
CA TYR A 44 0.30 -7.22 3.93
C TYR A 44 0.13 -8.63 4.47
N ARG A 45 -0.78 -8.78 5.42
CA ARG A 45 -1.05 -10.04 6.12
C ARG A 45 -2.55 -10.19 6.12
N ALA A 46 -3.04 -11.42 6.16
CA ALA A 46 -4.47 -11.68 6.19
C ALA A 46 -4.73 -12.69 7.28
N LEU A 47 -5.99 -12.91 7.64
CA LEU A 47 -6.31 -13.89 8.67
C LEU A 47 -5.83 -15.29 8.25
N SER A 48 -5.90 -15.56 6.96
CA SER A 48 -5.44 -16.83 6.40
C SER A 48 -4.02 -16.79 5.80
N SER A 49 -3.32 -15.67 5.90
CA SER A 49 -1.98 -15.56 5.31
C SER A 49 -0.99 -14.71 6.10
N GLU A 50 0.24 -15.20 6.20
CA GLU A 50 1.32 -14.46 6.87
C GLU A 50 1.72 -13.22 6.06
N TRP A 51 2.56 -12.37 6.66
CA TRP A 51 3.05 -11.17 5.99
C TRP A 51 3.77 -11.44 4.68
N LYS A 52 3.20 -10.94 3.58
CA LYS A 52 3.88 -10.97 2.29
C LYS A 52 4.92 -9.89 2.47
N PRO A 53 6.20 -10.15 2.12
CA PRO A 53 7.22 -9.15 2.46
C PRO A 53 7.29 -7.88 1.63
N GLU A 54 7.15 -8.01 0.31
CA GLU A 54 7.29 -6.87 -0.58
C GLU A 54 6.49 -7.08 -1.86
N ILE A 55 6.02 -5.99 -2.44
CA ILE A 55 5.37 -5.98 -3.75
C ILE A 55 6.09 -4.83 -4.46
N ARG A 56 6.61 -5.10 -5.65
CA ARG A 56 7.34 -4.10 -6.45
C ARG A 56 6.41 -3.03 -6.89
N LEU A 57 6.81 -1.77 -6.96
CA LEU A 57 6.09 -0.79 -7.79
C LEU A 57 7.02 0.31 -8.32
N PRO A 58 6.75 0.83 -9.54
CA PRO A 58 7.62 1.90 -10.06
C PRO A 58 7.34 3.24 -9.41
N SER A 59 8.28 4.16 -9.56
CA SER A 59 8.23 5.48 -8.91
C SER A 59 6.98 6.35 -9.12
N GLY A 60 6.29 6.20 -10.25
CA GLY A 60 5.14 7.04 -10.56
C GLY A 60 3.80 6.35 -10.73
N SER A 61 3.54 5.27 -10.01
CA SER A 61 2.24 4.60 -10.13
C SER A 61 1.23 5.32 -9.24
N ASP A 62 0.01 5.51 -9.73
CA ASP A 62 -1.03 6.20 -8.93
C ASP A 62 -1.55 5.35 -7.78
N HIS A 63 -1.55 4.04 -7.96
CA HIS A 63 -2.08 3.15 -6.95
C HIS A 63 -1.49 1.76 -7.12
N VAL A 64 -1.77 0.90 -6.16
CA VAL A 64 -1.37 -0.49 -6.22
C VAL A 64 -2.62 -1.34 -6.05
N MET A 65 -2.89 -2.16 -7.05
CA MET A 65 -4.03 -3.06 -7.05
C MET A 65 -3.58 -4.39 -6.42
N LEU A 66 -3.65 -4.48 -5.10
CA LEU A 66 -3.24 -5.69 -4.41
C LEU A 66 -4.24 -6.79 -4.70
N LYS A 67 -3.73 -8.00 -4.88
CA LYS A 67 -4.55 -9.17 -5.13
C LYS A 67 -3.97 -10.27 -4.25
N SER A 68 -4.62 -11.43 -4.22
CA SER A 68 -4.19 -12.58 -3.41
C SER A 68 -4.23 -12.25 -1.92
N LEU A 69 -5.36 -11.74 -1.48
CA LEU A 69 -5.60 -11.38 -0.10
C LEU A 69 -7.00 -11.88 0.27
N ASP A 70 -7.27 -12.04 1.55
CA ASP A 70 -8.58 -12.53 1.99
C ASP A 70 -9.63 -11.49 1.67
N TRP A 71 -10.81 -11.93 1.26
CA TRP A 71 -11.90 -10.99 0.98
C TRP A 71 -13.03 -11.21 1.97
N ASN A 72 -13.28 -12.47 2.31
CA ASN A 72 -14.34 -12.85 3.24
C ASN A 72 -13.83 -12.92 4.67
N ALA A 73 -12.61 -12.44 4.87
CA ALA A 73 -11.98 -12.42 6.18
C ALA A 73 -11.17 -11.14 6.24
N GLU A 74 -10.75 -10.77 7.43
CA GLU A 74 -10.07 -9.50 7.65
C GLU A 74 -8.58 -9.57 7.32
N TYR A 75 -8.03 -8.49 6.80
CA TYR A 75 -6.62 -8.42 6.47
C TYR A 75 -6.10 -7.00 6.68
N GLU A 76 -4.79 -6.87 6.84
CA GLU A 76 -4.15 -5.58 7.10
C GLU A 76 -3.06 -5.33 6.05
N VAL A 77 -2.90 -4.07 5.67
CA VAL A 77 -1.91 -3.70 4.65
C VAL A 77 -1.04 -2.56 5.15
N TYR A 78 0.27 -2.70 5.00
CA TYR A 78 1.22 -1.63 5.31
C TYR A 78 1.94 -1.31 4.02
N VAL A 79 2.19 -0.04 3.76
CA VAL A 79 2.88 0.37 2.54
C VAL A 79 3.84 1.50 2.91
N VAL A 80 5.04 1.46 2.31
CA VAL A 80 6.07 2.47 2.54
C VAL A 80 6.71 2.84 1.21
N ALA A 81 7.36 3.99 1.19
CA ALA A 81 8.11 4.46 0.03
C ALA A 81 9.57 4.49 0.43
N GLU A 82 10.45 4.19 -0.51
CA GLU A 82 11.89 4.26 -0.30
C GLU A 82 12.43 5.17 -1.38
N ASN A 83 13.17 6.19 -1.00
CA ASN A 83 13.74 7.09 -1.99
C ASN A 83 15.23 7.22 -1.76
N GLN A 84 15.85 8.05 -2.57
CA GLN A 84 17.29 8.21 -2.60
C GLN A 84 17.87 8.87 -1.32
N GLN A 85 17.01 9.17 -0.36
CA GLN A 85 17.43 9.74 0.91
C GLN A 85 17.13 8.82 2.09
N GLY A 86 16.00 8.12 2.02
CA GLY A 86 15.58 7.28 3.12
C GLY A 86 14.20 6.71 2.85
N LYS A 87 13.38 6.57 3.89
CA LYS A 87 12.06 5.96 3.74
C LYS A 87 10.95 6.78 4.36
N SER A 88 9.74 6.51 3.89
CA SER A 88 8.55 7.21 4.38
C SER A 88 8.00 6.53 5.61
N LYS A 89 7.11 7.21 6.32
CA LYS A 89 6.43 6.58 7.44
C LYS A 89 5.47 5.60 6.82
N ALA A 90 5.22 4.48 7.47
CA ALA A 90 4.25 3.52 6.94
C ALA A 90 2.84 4.06 7.07
N ALA A 91 2.00 3.71 6.11
CA ALA A 91 0.58 4.01 6.18
C ALA A 91 -0.05 2.63 6.20
N HIS A 92 -1.08 2.43 7.01
CA HIS A 92 -1.72 1.14 7.15
C HIS A 92 -3.22 1.22 7.27
N PHE A 93 -3.89 0.19 6.77
CA PHE A 93 -5.35 0.10 6.86
C PHE A 93 -5.77 -1.35 6.93
N VAL A 94 -6.96 -1.58 7.47
CA VAL A 94 -7.51 -2.92 7.67
C VAL A 94 -8.84 -2.98 6.92
N PHE A 95 -9.14 -4.10 6.28
CA PHE A 95 -10.37 -4.22 5.48
C PHE A 95 -10.88 -5.67 5.40
N ARG A 96 -12.16 -5.82 5.09
CA ARG A 96 -12.82 -7.11 4.80
C ARG A 96 -14.05 -6.71 4.01
N THR A 97 -14.65 -7.65 3.29
CA THR A 97 -15.85 -7.40 2.50
C THR A 97 -16.68 -8.70 2.55
N HIS A 98 -17.80 -8.75 1.83
CA HIS A 98 -18.67 -9.94 1.78
C HIS A 98 -19.05 -10.42 3.18
N HIS A 99 -19.45 -9.47 4.01
CA HIS A 99 -19.84 -9.77 5.38
C HIS A 99 -21.10 -10.64 5.39
N HIS A 100 -21.32 -11.32 6.50
CA HIS A 100 -22.48 -12.21 6.67
C HIS A 100 -23.80 -11.46 6.94
N HIS A 101 -23.98 -10.31 6.33
CA HIS A 101 -25.20 -9.52 6.44
C HIS A 101 -25.36 -8.77 5.14
N HIS A 102 -26.61 -8.55 4.73
CA HIS A 102 -26.92 -7.93 3.45
C HIS A 102 -28.03 -6.91 3.65
N HIS A 103 -28.57 -6.39 2.54
CA HIS A 103 -29.65 -5.42 2.58
C HIS A 103 -30.59 -5.84 1.46
N MET A 1 23.24 15.58 -1.06
CA MET A 1 21.92 14.92 -0.80
C MET A 1 21.30 15.40 0.50
N GLN A 2 22.08 15.99 1.41
CA GLN A 2 21.56 16.44 2.71
C GLN A 2 20.30 17.33 2.73
N PRO A 3 20.15 18.30 1.79
CA PRO A 3 18.91 19.09 1.90
C PRO A 3 17.63 18.38 1.41
N VAL A 4 17.73 17.13 0.98
CA VAL A 4 16.55 16.40 0.51
C VAL A 4 15.81 15.85 1.72
N ARG A 5 14.55 16.23 1.86
CA ARG A 5 13.72 15.73 2.95
C ARG A 5 13.20 14.37 2.54
N GLU A 6 12.93 13.53 3.53
CA GLU A 6 12.46 12.16 3.29
C GLU A 6 11.06 12.21 2.67
N PRO A 7 10.68 11.17 1.92
CA PRO A 7 9.32 11.24 1.37
C PRO A 7 8.22 11.11 2.45
N SER A 8 7.08 11.69 2.13
CA SER A 8 5.92 11.71 3.01
C SER A 8 5.24 10.36 2.91
N ALA A 9 4.51 9.98 3.95
CA ALA A 9 3.81 8.72 3.98
C ALA A 9 2.91 8.59 2.73
N PRO A 10 2.79 7.39 2.15
CA PRO A 10 1.95 7.26 0.97
C PRO A 10 0.49 7.59 1.30
N LYS A 11 -0.22 8.12 0.32
CA LYS A 11 -1.59 8.57 0.52
C LYS A 11 -2.49 7.35 0.36
N LEU A 12 -3.55 7.26 1.14
CA LEU A 12 -4.41 6.07 1.12
C LEU A 12 -5.88 6.44 1.09
N GLU A 13 -6.63 5.74 0.24
CA GLU A 13 -8.08 5.91 0.15
C GLU A 13 -8.83 4.61 0.49
N GLY A 14 -8.21 3.47 0.20
CA GLY A 14 -8.84 2.18 0.50
C GLY A 14 -10.05 1.89 -0.36
N GLN A 15 -9.92 2.08 -1.66
CA GLN A 15 -11.04 1.91 -2.59
C GLN A 15 -11.33 0.41 -2.72
N MET A 16 -12.58 0.06 -2.47
CA MET A 16 -13.04 -1.34 -2.45
C MET A 16 -12.65 -2.10 -3.71
N GLY A 17 -12.39 -3.39 -3.54
CA GLY A 17 -12.03 -4.25 -4.66
C GLY A 17 -13.16 -5.13 -5.12
N GLU A 18 -14.05 -4.60 -5.97
CA GLU A 18 -15.15 -5.37 -6.55
C GLU A 18 -14.57 -6.43 -7.47
N ASP A 19 -13.31 -6.24 -7.80
CA ASP A 19 -12.50 -7.15 -8.61
C ASP A 19 -12.38 -8.54 -7.98
N GLY A 20 -12.71 -8.62 -6.69
CA GLY A 20 -12.69 -9.88 -5.96
C GLY A 20 -11.30 -10.30 -5.52
N ASN A 21 -11.20 -10.78 -4.28
CA ASN A 21 -9.94 -11.27 -3.71
C ASN A 21 -8.85 -10.19 -3.79
N SER A 22 -9.26 -8.92 -3.76
CA SER A 22 -8.33 -7.81 -3.95
C SER A 22 -8.84 -6.45 -3.44
N ILE A 23 -7.99 -5.43 -3.56
CA ILE A 23 -8.32 -4.05 -3.19
C ILE A 23 -7.37 -3.07 -3.90
N LYS A 24 -7.79 -1.81 -4.06
CA LYS A 24 -6.96 -0.76 -4.66
C LYS A 24 -6.49 0.14 -3.51
N VAL A 25 -5.20 0.43 -3.46
CA VAL A 25 -4.65 1.34 -2.45
C VAL A 25 -3.88 2.39 -3.24
N ASN A 26 -3.99 3.64 -2.82
CA ASN A 26 -3.35 4.75 -3.53
C ASN A 26 -1.86 4.81 -3.24
N LEU A 27 -1.13 5.37 -4.18
CA LEU A 27 0.31 5.56 -4.06
C LEU A 27 0.65 7.03 -4.30
N ILE A 28 1.94 7.34 -4.21
CA ILE A 28 2.44 8.69 -4.44
C ILE A 28 2.52 8.99 -5.95
N LYS A 29 2.07 10.19 -6.34
CA LYS A 29 2.13 10.63 -7.75
C LYS A 29 2.92 11.94 -7.97
N GLN A 30 3.68 12.35 -6.97
CA GLN A 30 4.44 13.61 -7.05
C GLN A 30 5.69 13.55 -6.19
N ASP A 31 6.50 14.60 -6.22
CA ASP A 31 7.70 14.68 -5.39
C ASP A 31 7.29 15.08 -3.96
N ASP A 32 7.23 14.07 -3.10
CA ASP A 32 6.81 14.29 -1.71
C ASP A 32 7.89 14.92 -0.92
N GLY A 33 9.10 14.70 -1.39
CA GLY A 33 10.27 15.12 -0.68
C GLY A 33 11.14 16.05 -1.46
N GLY A 34 12.40 15.70 -1.46
CA GLY A 34 13.43 16.51 -2.11
C GLY A 34 13.91 15.91 -3.41
N SER A 35 13.51 14.69 -3.66
CA SER A 35 13.84 13.96 -4.88
C SER A 35 12.67 13.02 -5.09
N PRO A 36 12.42 12.59 -6.34
CA PRO A 36 11.28 11.70 -6.53
C PRO A 36 11.50 10.33 -5.92
N ILE A 37 10.40 9.62 -5.71
CA ILE A 37 10.43 8.27 -5.18
C ILE A 37 11.14 7.41 -6.23
N ARG A 38 11.83 6.36 -5.80
CA ARG A 38 12.48 5.43 -6.71
C ARG A 38 11.72 4.11 -6.73
N HIS A 39 11.30 3.64 -5.56
CA HIS A 39 10.58 2.37 -5.43
C HIS A 39 9.45 2.44 -4.40
N TYR A 40 8.52 1.50 -4.48
CA TYR A 40 7.45 1.35 -3.49
C TYR A 40 7.54 -0.06 -2.95
N LEU A 41 7.30 -0.20 -1.65
CA LEU A 41 7.33 -1.50 -1.00
C LEU A 41 6.03 -1.66 -0.21
N VAL A 42 5.29 -2.72 -0.47
CA VAL A 42 4.02 -3.00 0.23
C VAL A 42 4.16 -4.31 0.99
N ARG A 43 3.59 -4.39 2.19
CA ARG A 43 3.65 -5.59 3.01
C ARG A 43 2.26 -5.77 3.58
N TYR A 44 1.67 -6.95 3.45
CA TYR A 44 0.29 -7.15 3.88
C TYR A 44 0.09 -8.57 4.36
N ARG A 45 -0.90 -8.77 5.21
CA ARG A 45 -1.18 -10.07 5.84
C ARG A 45 -2.68 -10.19 6.00
N ALA A 46 -3.20 -11.40 5.87
CA ALA A 46 -4.63 -11.64 5.99
C ALA A 46 -4.87 -12.55 7.20
N LEU A 47 -6.11 -12.64 7.65
CA LEU A 47 -6.42 -13.48 8.81
C LEU A 47 -5.98 -14.92 8.58
N SER A 48 -6.18 -15.39 7.35
CA SER A 48 -5.84 -16.75 6.94
C SER A 48 -4.46 -16.90 6.30
N SER A 49 -3.64 -15.85 6.28
CA SER A 49 -2.36 -15.90 5.57
C SER A 49 -1.22 -15.16 6.27
N GLU A 50 0.00 -15.44 5.84
CA GLU A 50 1.21 -14.84 6.42
C GLU A 50 1.47 -13.45 5.85
N TRP A 51 2.41 -12.73 6.46
CA TRP A 51 2.88 -11.45 5.95
C TRP A 51 3.62 -11.64 4.65
N LYS A 52 3.03 -11.16 3.56
CA LYS A 52 3.69 -11.20 2.25
C LYS A 52 4.79 -10.16 2.42
N PRO A 53 6.06 -10.54 2.18
CA PRO A 53 7.14 -9.64 2.61
C PRO A 53 7.33 -8.34 1.83
N GLU A 54 7.12 -8.37 0.53
CA GLU A 54 7.32 -7.19 -0.30
C GLU A 54 6.54 -7.31 -1.59
N ILE A 55 5.85 -6.25 -1.98
CA ILE A 55 5.33 -6.13 -3.31
C ILE A 55 6.09 -4.91 -3.81
N ARG A 56 6.94 -5.15 -4.80
CA ARG A 56 7.74 -4.13 -5.46
C ARG A 56 6.88 -3.30 -6.30
N LEU A 57 7.11 -2.01 -6.42
CA LEU A 57 6.55 -1.27 -7.57
C LEU A 57 7.46 -0.10 -7.95
N PRO A 58 7.45 0.31 -9.24
CA PRO A 58 8.37 1.38 -9.67
C PRO A 58 7.85 2.76 -9.30
N SER A 59 8.70 3.76 -9.41
CA SER A 59 8.33 5.14 -9.11
C SER A 59 7.12 5.65 -9.90
N GLY A 60 6.90 5.08 -11.07
CA GLY A 60 5.81 5.52 -11.93
C GLY A 60 4.44 4.92 -11.63
N SER A 61 4.31 4.06 -10.63
CA SER A 61 2.99 3.50 -10.30
C SER A 61 2.28 4.49 -9.38
N ASP A 62 1.18 5.07 -9.84
CA ASP A 62 0.46 6.07 -9.05
C ASP A 62 -0.52 5.44 -8.05
N HIS A 63 -0.77 4.15 -8.23
CA HIS A 63 -1.62 3.38 -7.33
C HIS A 63 -1.10 1.96 -7.37
N VAL A 64 -1.56 1.12 -6.45
CA VAL A 64 -1.19 -0.28 -6.42
C VAL A 64 -2.45 -1.09 -6.20
N MET A 65 -2.52 -2.25 -6.85
CA MET A 65 -3.64 -3.16 -6.74
C MET A 65 -3.09 -4.42 -6.10
N LEU A 66 -3.72 -4.89 -5.03
CA LEU A 66 -3.23 -6.07 -4.32
C LEU A 66 -4.23 -7.19 -4.47
N LYS A 67 -3.75 -8.39 -4.79
CA LYS A 67 -4.59 -9.59 -4.90
C LYS A 67 -4.02 -10.55 -3.87
N SER A 68 -4.59 -11.75 -3.77
CA SER A 68 -4.12 -12.78 -2.81
C SER A 68 -4.24 -12.28 -1.37
N LEU A 69 -5.46 -11.91 -1.01
CA LEU A 69 -5.78 -11.44 0.33
C LEU A 69 -7.16 -12.01 0.64
N ASP A 70 -7.56 -12.02 1.91
CA ASP A 70 -8.85 -12.59 2.28
C ASP A 70 -9.98 -11.68 1.85
N TRP A 71 -11.00 -12.26 1.22
CA TRP A 71 -12.16 -11.49 0.80
C TRP A 71 -13.36 -11.82 1.68
N ASN A 72 -13.18 -12.75 2.61
CA ASN A 72 -14.27 -13.16 3.50
C ASN A 72 -13.84 -13.03 4.97
N ALA A 73 -12.76 -12.32 5.18
CA ALA A 73 -12.20 -12.10 6.52
C ALA A 73 -11.39 -10.82 6.41
N GLU A 74 -10.95 -10.30 7.54
CA GLU A 74 -10.21 -9.05 7.57
C GLU A 74 -8.72 -9.27 7.28
N TYR A 75 -8.10 -8.25 6.73
CA TYR A 75 -6.68 -8.27 6.42
C TYR A 75 -6.13 -6.87 6.59
N GLU A 76 -4.82 -6.77 6.77
CA GLU A 76 -4.15 -5.50 7.02
C GLU A 76 -3.08 -5.26 5.95
N VAL A 77 -2.88 -4.01 5.58
CA VAL A 77 -1.92 -3.63 4.54
C VAL A 77 -1.06 -2.47 5.02
N TYR A 78 0.25 -2.61 4.88
CA TYR A 78 1.22 -1.55 5.19
C TYR A 78 1.92 -1.19 3.90
N VAL A 79 2.20 0.08 3.69
CA VAL A 79 2.85 0.52 2.47
C VAL A 79 3.84 1.63 2.81
N VAL A 80 5.00 1.61 2.18
CA VAL A 80 6.02 2.63 2.36
C VAL A 80 6.57 2.98 0.98
N ALA A 81 7.19 4.15 0.90
CA ALA A 81 7.82 4.63 -0.31
C ALA A 81 9.30 4.65 -0.02
N GLU A 82 10.12 4.53 -1.05
CA GLU A 82 11.56 4.60 -0.92
C GLU A 82 12.05 5.54 -2.01
N ASN A 83 12.58 6.69 -1.62
CA ASN A 83 13.10 7.64 -2.59
C ASN A 83 14.60 7.40 -2.66
N GLN A 84 15.31 8.20 -3.43
CA GLN A 84 16.74 7.98 -3.65
C GLN A 84 17.62 8.31 -2.40
N GLN A 85 16.99 8.70 -1.31
CA GLN A 85 17.70 9.02 -0.06
C GLN A 85 17.26 8.15 1.13
N GLY A 86 15.98 7.78 1.17
CA GLY A 86 15.48 6.98 2.28
C GLY A 86 14.01 6.62 2.16
N LYS A 87 13.51 5.90 3.16
CA LYS A 87 12.12 5.46 3.19
C LYS A 87 11.18 6.50 3.76
N SER A 88 9.90 6.34 3.45
CA SER A 88 8.85 7.21 3.97
C SER A 88 8.35 6.63 5.27
N LYS A 89 7.51 7.38 5.95
CA LYS A 89 6.82 6.85 7.13
C LYS A 89 5.78 5.89 6.57
N ALA A 90 5.46 4.85 7.30
CA ALA A 90 4.47 3.88 6.86
C ALA A 90 3.06 4.44 6.99
N ALA A 91 2.17 3.90 6.17
CA ALA A 91 0.75 4.16 6.26
C ALA A 91 0.14 2.75 6.22
N HIS A 92 -0.92 2.54 6.97
CA HIS A 92 -1.55 1.23 7.04
C HIS A 92 -3.05 1.31 7.14
N PHE A 93 -3.74 0.31 6.59
CA PHE A 93 -5.19 0.27 6.66
C PHE A 93 -5.65 -1.19 6.76
N VAL A 94 -6.85 -1.38 7.28
CA VAL A 94 -7.41 -2.73 7.51
C VAL A 94 -8.73 -2.75 6.75
N PHE A 95 -9.05 -3.87 6.12
CA PHE A 95 -10.28 -3.97 5.33
C PHE A 95 -10.82 -5.40 5.36
N ARG A 96 -12.11 -5.54 5.05
CA ARG A 96 -12.79 -6.84 4.96
C ARG A 96 -13.97 -6.58 4.04
N THR A 97 -14.47 -7.62 3.39
CA THR A 97 -15.59 -7.48 2.46
C THR A 97 -16.40 -8.77 2.54
N HIS A 98 -17.44 -8.88 1.70
CA HIS A 98 -18.39 -10.02 1.65
C HIS A 98 -19.25 -10.18 2.91
N HIS A 99 -18.85 -9.55 3.99
CA HIS A 99 -19.60 -9.56 5.24
C HIS A 99 -20.85 -8.67 5.09
N HIS A 100 -21.92 -9.25 4.58
CA HIS A 100 -23.18 -8.55 4.34
C HIS A 100 -24.28 -9.14 5.22
N HIS A 101 -23.87 -10.02 6.12
CA HIS A 101 -24.80 -10.76 6.95
C HIS A 101 -25.36 -9.91 8.09
N HIS A 102 -26.52 -10.32 8.58
CA HIS A 102 -27.21 -9.66 9.69
C HIS A 102 -27.33 -10.68 10.82
N HIS A 103 -26.30 -11.51 10.96
CA HIS A 103 -26.27 -12.61 11.92
C HIS A 103 -25.56 -12.16 13.18
N MET A 1 21.64 13.37 3.54
CA MET A 1 20.26 13.86 3.76
C MET A 1 20.26 15.20 4.48
N GLN A 2 20.43 16.28 3.73
CA GLN A 2 20.40 17.64 4.30
C GLN A 2 19.62 18.61 3.38
N PRO A 3 20.10 18.86 2.13
CA PRO A 3 19.22 19.73 1.32
C PRO A 3 18.00 18.98 0.77
N VAL A 4 18.00 17.67 0.96
CA VAL A 4 16.93 16.79 0.52
C VAL A 4 16.56 15.91 1.70
N ARG A 5 15.27 15.78 1.95
CA ARG A 5 14.75 14.96 3.05
C ARG A 5 14.04 13.73 2.51
N GLU A 6 13.63 12.88 3.43
CA GLU A 6 12.94 11.64 3.13
C GLU A 6 11.51 11.90 2.61
N PRO A 7 10.90 10.93 1.90
CA PRO A 7 9.56 11.13 1.35
C PRO A 7 8.40 11.05 2.35
N SER A 8 7.23 11.44 1.86
CA SER A 8 6.01 11.51 2.66
C SER A 8 5.31 10.17 2.70
N ALA A 9 4.51 9.95 3.73
CA ALA A 9 3.76 8.70 3.86
C ALA A 9 2.80 8.59 2.65
N PRO A 10 2.57 7.36 2.14
CA PRO A 10 1.67 7.23 0.99
C PRO A 10 0.21 7.50 1.33
N LYS A 11 -0.58 7.76 0.29
CA LYS A 11 -1.99 8.10 0.44
C LYS A 11 -2.80 6.82 0.56
N LEU A 12 -4.02 6.89 1.04
CA LEU A 12 -4.86 5.70 1.18
C LEU A 12 -6.32 6.06 1.05
N GLU A 13 -6.97 5.54 0.01
CA GLU A 13 -8.39 5.81 -0.22
C GLU A 13 -9.26 4.56 0.00
N GLY A 14 -8.61 3.43 0.27
CA GLY A 14 -9.32 2.20 0.62
C GLY A 14 -10.35 1.69 -0.38
N GLN A 15 -10.04 1.79 -1.67
CA GLN A 15 -11.00 1.42 -2.70
C GLN A 15 -11.02 -0.08 -2.91
N MET A 16 -12.13 -0.72 -2.55
CA MET A 16 -12.27 -2.17 -2.63
C MET A 16 -12.09 -2.71 -4.05
N GLY A 17 -11.65 -3.96 -4.15
CA GLY A 17 -11.43 -4.58 -5.44
C GLY A 17 -12.70 -5.18 -6.00
N GLU A 18 -13.01 -4.82 -7.24
CA GLU A 18 -14.21 -5.31 -7.93
C GLU A 18 -13.98 -6.74 -8.39
N ASP A 19 -12.72 -7.10 -8.56
CA ASP A 19 -12.33 -8.47 -8.92
C ASP A 19 -12.59 -9.42 -7.77
N GLY A 20 -12.67 -8.86 -6.56
CA GLY A 20 -12.75 -9.66 -5.35
C GLY A 20 -11.35 -10.17 -5.03
N ASN A 21 -11.14 -10.66 -3.81
CA ASN A 21 -9.84 -11.21 -3.40
C ASN A 21 -8.70 -10.19 -3.65
N SER A 22 -9.06 -8.90 -3.63
CA SER A 22 -8.15 -7.82 -4.00
C SER A 22 -8.61 -6.44 -3.49
N ILE A 23 -7.72 -5.45 -3.55
CA ILE A 23 -8.04 -4.06 -3.16
C ILE A 23 -7.05 -3.06 -3.77
N LYS A 24 -7.49 -1.82 -3.98
CA LYS A 24 -6.63 -0.76 -4.50
C LYS A 24 -6.29 0.21 -3.37
N VAL A 25 -5.02 0.44 -3.15
CA VAL A 25 -4.56 1.38 -2.14
C VAL A 25 -3.80 2.41 -2.95
N ASN A 26 -3.91 3.68 -2.60
CA ASN A 26 -3.29 4.72 -3.40
C ASN A 26 -1.81 4.85 -3.12
N LEU A 27 -1.10 5.40 -4.08
CA LEU A 27 0.33 5.59 -3.95
C LEU A 27 0.66 7.06 -4.20
N ILE A 28 1.94 7.37 -4.13
CA ILE A 28 2.44 8.72 -4.32
C ILE A 28 2.41 9.06 -5.82
N LYS A 29 1.72 10.14 -6.16
CA LYS A 29 1.55 10.57 -7.55
C LYS A 29 2.08 11.98 -7.83
N GLN A 30 2.84 12.51 -6.89
CA GLN A 30 3.37 13.86 -6.96
C GLN A 30 4.71 13.84 -6.22
N ASP A 31 5.48 14.91 -6.24
CA ASP A 31 6.75 14.93 -5.52
C ASP A 31 6.47 15.00 -4.02
N ASP A 32 7.30 14.33 -3.23
CA ASP A 32 7.12 14.30 -1.78
C ASP A 32 8.11 15.15 -1.04
N GLY A 33 9.25 15.39 -1.65
CA GLY A 33 10.32 16.10 -0.98
C GLY A 33 11.40 16.50 -1.95
N GLY A 34 12.64 16.32 -1.52
CA GLY A 34 13.79 16.79 -2.29
C GLY A 34 14.35 15.80 -3.29
N SER A 35 13.66 14.69 -3.48
CA SER A 35 14.09 13.66 -4.42
C SER A 35 12.84 12.89 -4.84
N PRO A 36 12.73 12.53 -6.14
CA PRO A 36 11.56 11.75 -6.52
C PRO A 36 11.67 10.33 -5.98
N ILE A 37 10.53 9.68 -5.83
CA ILE A 37 10.49 8.32 -5.32
C ILE A 37 11.26 7.43 -6.29
N ARG A 38 11.99 6.47 -5.75
CA ARG A 38 12.71 5.50 -6.55
C ARG A 38 11.84 4.25 -6.68
N HIS A 39 11.37 3.72 -5.56
CA HIS A 39 10.55 2.49 -5.57
C HIS A 39 9.45 2.53 -4.49
N TYR A 40 8.51 1.61 -4.58
CA TYR A 40 7.47 1.43 -3.55
C TYR A 40 7.56 0.01 -3.02
N LEU A 41 7.32 -0.13 -1.72
CA LEU A 41 7.41 -1.42 -1.06
C LEU A 41 6.12 -1.64 -0.26
N VAL A 42 5.45 -2.78 -0.44
CA VAL A 42 4.18 -3.07 0.26
C VAL A 42 4.26 -4.41 1.00
N ARG A 43 3.62 -4.50 2.16
CA ARG A 43 3.58 -5.73 2.95
C ARG A 43 2.17 -5.91 3.50
N TYR A 44 1.62 -7.12 3.48
CA TYR A 44 0.27 -7.35 3.99
C TYR A 44 0.10 -8.75 4.57
N ARG A 45 -0.90 -8.92 5.43
CA ARG A 45 -1.19 -10.20 6.12
C ARG A 45 -2.69 -10.24 6.39
N ALA A 46 -3.26 -11.43 6.45
CA ALA A 46 -4.69 -11.61 6.69
C ALA A 46 -4.93 -12.69 7.74
N LEU A 47 -6.19 -13.01 7.98
CA LEU A 47 -6.54 -14.05 8.96
C LEU A 47 -5.93 -15.39 8.55
N SER A 48 -6.01 -15.73 7.26
CA SER A 48 -5.43 -16.97 6.75
C SER A 48 -4.15 -16.72 5.96
N SER A 49 -4.05 -15.58 5.29
CA SER A 49 -2.85 -15.27 4.50
C SER A 49 -1.71 -14.78 5.39
N GLU A 50 -0.53 -15.36 5.18
CA GLU A 50 0.68 -14.98 5.90
C GLU A 50 1.13 -13.55 5.62
N TRP A 51 2.07 -13.06 6.42
CA TRP A 51 2.75 -11.80 6.12
C TRP A 51 3.56 -12.00 4.86
N LYS A 52 3.03 -11.54 3.73
CA LYS A 52 3.74 -11.66 2.46
C LYS A 52 5.00 -10.82 2.62
N PRO A 53 6.12 -11.24 2.00
CA PRO A 53 7.37 -10.53 2.30
C PRO A 53 7.43 -9.07 1.86
N GLU A 54 7.37 -8.83 0.55
CA GLU A 54 7.41 -7.47 0.02
C GLU A 54 6.87 -7.47 -1.39
N ILE A 55 6.14 -6.42 -1.78
CA ILE A 55 5.65 -6.31 -3.14
C ILE A 55 6.35 -5.11 -3.77
N ARG A 56 7.01 -5.37 -4.88
CA ARG A 56 7.71 -4.36 -5.67
C ARG A 56 6.74 -3.42 -6.31
N LEU A 57 7.02 -2.14 -6.43
CA LEU A 57 6.32 -1.31 -7.42
C LEU A 57 7.22 -0.18 -7.93
N PRO A 58 7.11 0.19 -9.22
CA PRO A 58 8.00 1.23 -9.76
C PRO A 58 7.54 2.64 -9.39
N SER A 59 8.41 3.61 -9.53
CA SER A 59 8.10 5.00 -9.18
C SER A 59 6.88 5.58 -9.88
N GLY A 60 6.55 5.06 -11.05
CA GLY A 60 5.43 5.58 -11.83
C GLY A 60 4.06 4.99 -11.52
N SER A 61 3.93 4.14 -10.52
CA SER A 61 2.62 3.57 -10.20
C SER A 61 1.84 4.56 -9.33
N ASP A 62 0.72 5.02 -9.85
CA ASP A 62 -0.15 6.01 -9.17
C ASP A 62 -0.89 5.39 -7.98
N HIS A 63 -1.17 4.10 -8.09
CA HIS A 63 -1.83 3.35 -7.04
C HIS A 63 -1.34 1.93 -7.16
N VAL A 64 -1.63 1.11 -6.16
CA VAL A 64 -1.21 -0.29 -6.17
C VAL A 64 -2.43 -1.15 -5.88
N MET A 65 -2.66 -2.16 -6.70
CA MET A 65 -3.74 -3.09 -6.46
C MET A 65 -3.14 -4.38 -5.95
N LEU A 66 -3.49 -4.75 -4.73
CA LEU A 66 -3.01 -5.98 -4.14
C LEU A 66 -4.03 -7.05 -4.44
N LYS A 67 -3.56 -8.28 -4.61
CA LYS A 67 -4.42 -9.43 -4.87
C LYS A 67 -3.88 -10.54 -3.99
N SER A 68 -4.53 -11.69 -4.01
CA SER A 68 -4.11 -12.85 -3.18
C SER A 68 -4.14 -12.47 -1.70
N LEU A 69 -5.30 -12.00 -1.27
CA LEU A 69 -5.53 -11.60 0.12
C LEU A 69 -6.93 -12.10 0.48
N ASP A 70 -7.20 -12.25 1.78
CA ASP A 70 -8.49 -12.75 2.22
C ASP A 70 -9.51 -11.66 1.92
N TRP A 71 -10.70 -12.04 1.48
CA TRP A 71 -11.74 -11.04 1.18
C TRP A 71 -12.92 -11.15 2.14
N ASN A 72 -13.22 -12.37 2.56
CA ASN A 72 -14.34 -12.63 3.46
C ASN A 72 -13.87 -12.60 4.91
N ALA A 73 -12.64 -12.15 5.12
CA ALA A 73 -12.03 -12.08 6.44
C ALA A 73 -11.17 -10.83 6.42
N GLU A 74 -10.73 -10.39 7.58
CA GLU A 74 -9.97 -9.16 7.68
C GLU A 74 -8.49 -9.34 7.37
N TYR A 75 -7.89 -8.26 6.87
CA TYR A 75 -6.48 -8.23 6.57
C TYR A 75 -5.95 -6.83 6.78
N GLU A 76 -4.65 -6.72 6.98
CA GLU A 76 -3.98 -5.45 7.22
C GLU A 76 -2.94 -5.24 6.13
N VAL A 77 -2.77 -4.00 5.72
CA VAL A 77 -1.82 -3.65 4.67
C VAL A 77 -0.94 -2.50 5.14
N TYR A 78 0.36 -2.61 4.91
CA TYR A 78 1.32 -1.55 5.21
C TYR A 78 2.04 -1.23 3.91
N VAL A 79 2.25 0.04 3.64
CA VAL A 79 2.91 0.47 2.41
C VAL A 79 3.86 1.61 2.74
N VAL A 80 5.03 1.58 2.12
CA VAL A 80 6.04 2.64 2.29
C VAL A 80 6.62 2.94 0.91
N ALA A 81 7.22 4.10 0.79
CA ALA A 81 7.86 4.54 -0.43
C ALA A 81 9.30 4.84 -0.07
N GLU A 82 10.17 4.85 -1.05
CA GLU A 82 11.54 5.27 -0.82
C GLU A 82 11.94 6.19 -1.92
N ASN A 83 12.79 7.15 -1.61
CA ASN A 83 13.30 8.05 -2.62
C ASN A 83 14.80 7.82 -2.60
N GLN A 84 15.53 8.52 -3.44
CA GLN A 84 16.96 8.29 -3.56
C GLN A 84 17.79 8.76 -2.33
N GLN A 85 17.11 9.28 -1.31
CA GLN A 85 17.76 9.72 -0.08
C GLN A 85 17.31 8.96 1.19
N GLY A 86 16.09 8.44 1.21
CA GLY A 86 15.60 7.75 2.39
C GLY A 86 14.19 7.15 2.21
N LYS A 87 13.60 6.67 3.29
CA LYS A 87 12.30 5.97 3.27
C LYS A 87 11.18 6.79 3.87
N SER A 88 9.96 6.44 3.49
CA SER A 88 8.78 7.16 3.98
C SER A 88 8.22 6.51 5.23
N LYS A 89 7.36 7.23 5.92
CA LYS A 89 6.64 6.66 7.05
C LYS A 89 5.63 5.68 6.46
N ALA A 90 5.30 4.66 7.22
CA ALA A 90 4.31 3.69 6.79
C ALA A 90 2.91 4.26 6.96
N ALA A 91 2.00 3.76 6.13
CA ALA A 91 0.59 4.05 6.25
C ALA A 91 -0.04 2.67 6.25
N HIS A 92 -1.06 2.46 7.08
CA HIS A 92 -1.70 1.17 7.20
C HIS A 92 -3.21 1.24 7.32
N PHE A 93 -3.88 0.22 6.81
CA PHE A 93 -5.34 0.14 6.89
C PHE A 93 -5.80 -1.32 6.96
N VAL A 94 -7.00 -1.54 7.48
CA VAL A 94 -7.58 -2.87 7.67
C VAL A 94 -8.90 -2.90 6.91
N PHE A 95 -9.20 -3.99 6.21
CA PHE A 95 -10.41 -4.09 5.39
C PHE A 95 -10.93 -5.54 5.30
N ARG A 96 -12.23 -5.68 5.02
CA ARG A 96 -12.87 -6.97 4.70
C ARG A 96 -14.08 -6.60 3.85
N THR A 97 -14.58 -7.55 3.08
CA THR A 97 -15.77 -7.34 2.25
C THR A 97 -16.63 -8.59 2.44
N HIS A 98 -17.76 -8.68 1.74
CA HIS A 98 -18.71 -9.79 1.89
C HIS A 98 -19.21 -9.86 3.34
N HIS A 99 -19.26 -8.69 3.96
CA HIS A 99 -19.74 -8.53 5.34
C HIS A 99 -21.07 -7.78 5.23
N HIS A 100 -21.70 -7.92 4.07
CA HIS A 100 -22.94 -7.24 3.74
C HIS A 100 -23.79 -8.20 2.94
N HIS A 101 -25.11 -8.01 2.96
CA HIS A 101 -26.03 -8.91 2.25
C HIS A 101 -26.04 -8.61 0.75
N HIS A 102 -25.61 -9.58 -0.03
CA HIS A 102 -25.61 -9.48 -1.49
C HIS A 102 -27.06 -9.56 -1.97
N HIS A 103 -27.42 -8.63 -2.84
CA HIS A 103 -28.72 -8.58 -3.50
C HIS A 103 -28.34 -8.18 -4.90
N MET A 1 22.74 13.68 -0.46
CA MET A 1 21.77 13.16 0.54
C MET A 1 21.12 14.30 1.31
N GLN A 2 21.91 15.03 2.09
CA GLN A 2 21.42 16.10 2.97
C GLN A 2 20.52 17.20 2.37
N PRO A 3 20.75 17.67 1.12
CA PRO A 3 19.83 18.75 0.70
C PRO A 3 18.42 18.31 0.26
N VAL A 4 18.10 17.02 0.35
CA VAL A 4 16.78 16.53 -0.06
C VAL A 4 16.18 15.67 1.06
N ARG A 5 14.91 15.92 1.37
CA ARG A 5 14.20 15.20 2.44
C ARG A 5 13.67 13.83 2.01
N GLU A 6 13.28 13.06 3.01
CA GLU A 6 12.68 11.74 2.85
C GLU A 6 11.28 11.87 2.24
N PRO A 7 10.75 10.79 1.64
CA PRO A 7 9.40 10.94 1.05
C PRO A 7 8.25 11.01 2.03
N SER A 8 7.08 11.38 1.52
CA SER A 8 5.87 11.58 2.29
C SER A 8 5.17 10.24 2.50
N ALA A 9 4.38 10.17 3.56
CA ALA A 9 3.60 8.97 3.81
C ALA A 9 2.67 8.79 2.60
N PRO A 10 2.41 7.55 2.17
CA PRO A 10 1.54 7.37 1.00
C PRO A 10 0.10 7.72 1.30
N LYS A 11 -0.64 8.01 0.25
CA LYS A 11 -2.06 8.38 0.42
C LYS A 11 -2.79 7.06 0.61
N LEU A 12 -3.98 7.07 1.19
CA LEU A 12 -4.76 5.85 1.35
C LEU A 12 -6.22 6.20 1.27
N GLU A 13 -6.88 5.68 0.24
CA GLU A 13 -8.30 5.96 0.05
C GLU A 13 -9.15 4.69 0.27
N GLY A 14 -8.48 3.55 0.34
CA GLY A 14 -9.17 2.28 0.61
C GLY A 14 -10.20 1.91 -0.43
N GLN A 15 -9.82 1.94 -1.70
CA GLN A 15 -10.76 1.70 -2.78
C GLN A 15 -10.99 0.20 -2.87
N MET A 16 -12.22 -0.24 -2.61
CA MET A 16 -12.56 -1.67 -2.60
C MET A 16 -12.23 -2.37 -3.92
N GLY A 17 -11.77 -3.61 -3.82
CA GLY A 17 -11.44 -4.38 -5.01
C GLY A 17 -12.67 -5.04 -5.59
N GLU A 18 -13.08 -4.55 -6.76
CA GLU A 18 -14.27 -5.04 -7.45
C GLU A 18 -14.06 -6.48 -7.91
N ASP A 19 -12.81 -6.83 -8.17
CA ASP A 19 -12.43 -8.17 -8.60
C ASP A 19 -12.71 -9.22 -7.54
N GLY A 20 -12.75 -8.78 -6.28
CA GLY A 20 -12.84 -9.70 -5.15
C GLY A 20 -11.46 -10.27 -4.87
N ASN A 21 -11.24 -10.78 -3.66
CA ASN A 21 -9.95 -11.38 -3.26
C ASN A 21 -8.80 -10.37 -3.50
N SER A 22 -9.13 -9.08 -3.47
CA SER A 22 -8.20 -8.01 -3.81
C SER A 22 -8.66 -6.65 -3.33
N ILE A 23 -7.79 -5.64 -3.43
CA ILE A 23 -8.11 -4.25 -3.08
C ILE A 23 -7.10 -3.28 -3.72
N LYS A 24 -7.49 -2.03 -3.91
CA LYS A 24 -6.59 -1.00 -4.46
C LYS A 24 -6.28 -0.03 -3.32
N VAL A 25 -5.02 0.37 -3.21
CA VAL A 25 -4.59 1.32 -2.18
C VAL A 25 -3.83 2.39 -2.96
N ASN A 26 -3.84 3.63 -2.48
CA ASN A 26 -3.21 4.72 -3.21
C ASN A 26 -1.69 4.74 -3.10
N LEU A 27 -1.05 5.14 -4.18
CA LEU A 27 0.40 5.21 -4.26
C LEU A 27 0.90 6.61 -4.69
N ILE A 28 2.10 6.99 -4.29
CA ILE A 28 2.71 8.25 -4.69
C ILE A 28 3.10 8.25 -6.19
N LYS A 29 2.74 9.32 -6.91
CA LYS A 29 3.09 9.48 -8.32
C LYS A 29 3.91 10.72 -8.67
N GLN A 30 4.47 11.38 -7.66
CA GLN A 30 5.25 12.59 -7.88
C GLN A 30 6.43 12.58 -6.91
N ASP A 31 7.33 13.53 -7.03
CA ASP A 31 8.43 13.65 -6.09
C ASP A 31 7.90 14.34 -4.84
N ASP A 32 8.03 13.65 -3.72
CA ASP A 32 7.51 14.14 -2.43
C ASP A 32 8.45 15.13 -1.77
N GLY A 33 9.67 15.18 -2.27
CA GLY A 33 10.67 16.05 -1.69
C GLY A 33 11.61 16.63 -2.72
N GLY A 34 12.88 16.28 -2.61
CA GLY A 34 13.88 16.81 -3.52
C GLY A 34 14.33 15.77 -4.54
N SER A 35 13.66 14.63 -4.54
CA SER A 35 13.96 13.54 -5.45
C SER A 35 12.73 12.66 -5.57
N PRO A 36 12.51 12.02 -6.73
CA PRO A 36 11.37 11.10 -6.81
C PRO A 36 11.64 9.83 -6.02
N ILE A 37 10.60 9.04 -5.82
CA ILE A 37 10.68 7.79 -5.07
C ILE A 37 11.53 6.82 -5.90
N ARG A 38 12.25 5.94 -5.24
CA ARG A 38 13.09 4.95 -5.91
C ARG A 38 12.38 3.59 -5.85
N HIS A 39 11.87 3.22 -4.67
CA HIS A 39 11.15 1.95 -4.50
C HIS A 39 9.95 2.09 -3.54
N TYR A 40 9.05 1.11 -3.59
CA TYR A 40 7.94 1.04 -2.61
C TYR A 40 8.01 -0.30 -1.94
N LEU A 41 7.58 -0.34 -0.69
CA LEU A 41 7.57 -1.57 0.07
C LEU A 41 6.18 -1.72 0.66
N VAL A 42 5.39 -2.61 0.09
CA VAL A 42 4.03 -2.87 0.56
C VAL A 42 4.05 -4.23 1.23
N ARG A 43 3.60 -4.31 2.47
CA ARG A 43 3.59 -5.55 3.21
C ARG A 43 2.17 -5.74 3.68
N TYR A 44 1.59 -6.90 3.42
CA TYR A 44 0.22 -7.14 3.84
C TYR A 44 0.06 -8.58 4.30
N ARG A 45 -0.80 -8.77 5.28
CA ARG A 45 -1.00 -10.08 5.91
C ARG A 45 -2.49 -10.23 6.15
N ALA A 46 -2.98 -11.44 5.99
CA ALA A 46 -4.41 -11.72 6.15
C ALA A 46 -4.60 -12.68 7.33
N LEU A 47 -5.83 -12.89 7.74
CA LEU A 47 -6.11 -13.81 8.84
C LEU A 47 -5.58 -15.21 8.52
N SER A 48 -5.75 -15.62 7.27
CA SER A 48 -5.30 -16.92 6.79
C SER A 48 -3.95 -16.89 6.03
N SER A 49 -3.27 -15.75 6.01
CA SER A 49 -2.03 -15.62 5.23
C SER A 49 -0.88 -14.95 5.99
N GLU A 50 0.33 -15.14 5.48
CA GLU A 50 1.53 -14.56 6.04
C GLU A 50 1.73 -13.13 5.51
N TRP A 51 2.70 -12.42 6.07
CA TRP A 51 3.08 -11.10 5.57
C TRP A 51 3.75 -11.26 4.21
N LYS A 52 3.08 -10.84 3.14
CA LYS A 52 3.68 -10.88 1.82
C LYS A 52 4.80 -9.84 1.89
N PRO A 53 5.98 -10.14 1.34
CA PRO A 53 7.13 -9.25 1.58
C PRO A 53 7.12 -7.84 0.96
N GLU A 54 7.24 -7.73 -0.36
CA GLU A 54 7.38 -6.42 -1.01
C GLU A 54 6.78 -6.50 -2.40
N ILE A 55 6.30 -5.37 -2.91
CA ILE A 55 5.63 -5.33 -4.22
C ILE A 55 6.27 -4.21 -5.07
N ARG A 56 6.62 -4.57 -6.31
CA ARG A 56 7.38 -3.71 -7.27
C ARG A 56 6.66 -2.54 -7.99
N LEU A 57 6.84 -1.30 -7.59
CA LEU A 57 6.07 -0.23 -8.23
C LEU A 57 6.88 1.04 -8.54
N PRO A 58 6.54 1.74 -9.64
CA PRO A 58 7.28 2.96 -10.01
C PRO A 58 6.75 4.23 -9.32
N SER A 59 7.58 5.27 -9.28
CA SER A 59 7.23 6.58 -8.69
C SER A 59 6.24 7.38 -9.56
N GLY A 60 5.50 6.69 -10.42
CA GLY A 60 4.56 7.35 -11.33
C GLY A 60 3.25 6.59 -11.40
N SER A 61 2.85 5.98 -10.30
CA SER A 61 1.59 5.23 -10.25
C SER A 61 0.79 5.82 -9.10
N ASP A 62 -0.48 6.15 -9.33
CA ASP A 62 -1.30 6.77 -8.28
C ASP A 62 -1.96 5.73 -7.38
N HIS A 63 -1.78 4.46 -7.71
CA HIS A 63 -2.34 3.37 -6.91
C HIS A 63 -1.55 2.10 -7.09
N VAL A 64 -1.82 1.13 -6.23
CA VAL A 64 -1.24 -0.20 -6.31
C VAL A 64 -2.40 -1.17 -6.07
N MET A 65 -2.47 -2.22 -6.87
CA MET A 65 -3.52 -3.24 -6.74
C MET A 65 -2.92 -4.42 -6.01
N LEU A 66 -3.58 -4.90 -4.98
CA LEU A 66 -3.11 -6.04 -4.20
C LEU A 66 -4.12 -7.16 -4.37
N LYS A 67 -3.63 -8.38 -4.55
CA LYS A 67 -4.49 -9.55 -4.75
C LYS A 67 -3.97 -10.65 -3.84
N SER A 68 -4.64 -11.78 -3.84
CA SER A 68 -4.24 -12.96 -3.03
C SER A 68 -4.29 -12.62 -1.54
N LEU A 69 -5.42 -12.07 -1.12
CA LEU A 69 -5.66 -11.69 0.26
C LEU A 69 -7.07 -12.13 0.63
N ASP A 70 -7.35 -12.28 1.91
CA ASP A 70 -8.66 -12.74 2.37
C ASP A 70 -9.71 -11.71 2.05
N TRP A 71 -10.90 -12.14 1.66
CA TRP A 71 -11.99 -11.22 1.37
C TRP A 71 -13.13 -11.37 2.36
N ASN A 72 -13.35 -12.58 2.84
CA ASN A 72 -14.42 -12.89 3.80
C ASN A 72 -13.87 -12.96 5.23
N ALA A 73 -12.77 -12.28 5.45
CA ALA A 73 -12.08 -12.24 6.74
C ALA A 73 -11.25 -10.98 6.61
N GLU A 74 -10.60 -10.55 7.68
CA GLU A 74 -9.85 -9.30 7.63
C GLU A 74 -8.37 -9.50 7.37
N TYR A 75 -7.79 -8.46 6.80
CA TYR A 75 -6.38 -8.42 6.48
C TYR A 75 -5.91 -7.00 6.72
N GLU A 76 -4.61 -6.84 6.92
CA GLU A 76 -4.01 -5.55 7.18
C GLU A 76 -2.98 -5.27 6.10
N VAL A 77 -2.86 -4.02 5.71
CA VAL A 77 -1.93 -3.60 4.67
C VAL A 77 -1.10 -2.44 5.17
N TYR A 78 0.22 -2.52 5.03
CA TYR A 78 1.12 -1.43 5.37
C TYR A 78 1.88 -1.06 4.11
N VAL A 79 2.08 0.21 3.87
CA VAL A 79 2.78 0.66 2.69
C VAL A 79 3.70 1.83 3.07
N VAL A 80 4.92 1.80 2.56
CA VAL A 80 5.88 2.88 2.74
C VAL A 80 6.56 3.13 1.40
N ALA A 81 7.11 4.32 1.26
CA ALA A 81 7.84 4.70 0.06
C ALA A 81 9.30 4.83 0.48
N GLU A 82 10.20 4.65 -0.47
CA GLU A 82 11.63 4.77 -0.21
C GLU A 82 12.21 5.59 -1.34
N ASN A 83 13.14 6.48 -1.04
CA ASN A 83 13.85 7.19 -2.07
C ASN A 83 15.32 7.01 -1.71
N GLN A 84 16.20 7.48 -2.58
CA GLN A 84 17.63 7.30 -2.42
C GLN A 84 18.24 8.04 -1.20
N GLN A 85 17.41 8.72 -0.41
CA GLN A 85 17.86 9.41 0.80
C GLN A 85 17.35 8.71 2.07
N GLY A 86 16.13 8.19 2.02
CA GLY A 86 15.54 7.55 3.19
C GLY A 86 14.15 7.04 2.90
N LYS A 87 13.40 6.67 3.93
CA LYS A 87 12.05 6.10 3.75
C LYS A 87 10.97 6.95 4.38
N SER A 88 9.76 6.78 3.87
CA SER A 88 8.61 7.54 4.31
C SER A 88 7.97 6.96 5.55
N LYS A 89 7.02 7.70 6.11
CA LYS A 89 6.23 7.21 7.24
C LYS A 89 5.25 6.20 6.66
N ALA A 90 4.80 5.26 7.47
CA ALA A 90 3.86 4.24 7.03
C ALA A 90 2.42 4.73 7.07
N ALA A 91 1.59 4.08 6.27
CA ALA A 91 0.15 4.26 6.31
C ALA A 91 -0.38 2.83 6.29
N HIS A 92 -1.43 2.56 7.06
CA HIS A 92 -2.00 1.22 7.15
C HIS A 92 -3.51 1.20 7.27
N PHE A 93 -4.13 0.16 6.74
CA PHE A 93 -5.59 0.01 6.81
C PHE A 93 -5.98 -1.47 6.89
N VAL A 94 -7.18 -1.72 7.42
CA VAL A 94 -7.72 -3.07 7.61
C VAL A 94 -9.07 -3.11 6.89
N PHE A 95 -9.37 -4.19 6.17
CA PHE A 95 -10.61 -4.28 5.39
C PHE A 95 -11.15 -5.72 5.32
N ARG A 96 -12.46 -5.84 5.13
CA ARG A 96 -13.14 -7.13 4.87
C ARG A 96 -14.37 -6.81 4.04
N THR A 97 -14.85 -7.78 3.29
CA THR A 97 -16.08 -7.63 2.51
C THR A 97 -16.85 -8.93 2.77
N HIS A 98 -17.95 -9.16 2.03
CA HIS A 98 -18.76 -10.38 2.16
C HIS A 98 -19.26 -10.64 3.58
N HIS A 99 -19.50 -9.57 4.32
CA HIS A 99 -20.03 -9.66 5.66
C HIS A 99 -21.54 -9.41 5.55
N HIS A 100 -22.27 -9.61 6.63
CA HIS A 100 -23.72 -9.47 6.63
C HIS A 100 -24.16 -8.75 7.90
N HIS A 101 -25.45 -8.47 7.99
CA HIS A 101 -26.00 -7.78 9.15
C HIS A 101 -27.08 -8.69 9.75
N HIS A 102 -27.58 -8.33 10.93
CA HIS A 102 -28.58 -9.15 11.61
C HIS A 102 -29.60 -8.23 12.27
N HIS A 103 -30.84 -8.69 12.36
CA HIS A 103 -31.92 -7.95 12.99
C HIS A 103 -32.70 -8.96 13.81
N MET A 1 23.39 14.73 0.22
CA MET A 1 21.92 14.52 0.35
C MET A 1 21.27 15.58 1.25
N GLN A 2 22.06 16.54 1.74
CA GLN A 2 21.54 17.55 2.67
C GLN A 2 20.31 18.37 2.21
N PRO A 3 20.22 18.79 0.93
CA PRO A 3 19.02 19.58 0.63
C PRO A 3 17.71 18.80 0.42
N VAL A 4 17.78 17.47 0.42
CA VAL A 4 16.59 16.65 0.17
C VAL A 4 16.13 15.98 1.47
N ARG A 5 14.85 16.15 1.76
CA ARG A 5 14.22 15.55 2.94
C ARG A 5 13.63 14.21 2.56
N GLU A 6 13.38 13.37 3.55
CA GLU A 6 12.79 12.05 3.33
C GLU A 6 11.35 12.21 2.80
N PRO A 7 10.85 11.22 2.04
CA PRO A 7 9.48 11.35 1.54
C PRO A 7 8.39 11.22 2.61
N SER A 8 7.26 11.84 2.32
CA SER A 8 6.09 11.81 3.18
C SER A 8 5.42 10.45 3.07
N ALA A 9 4.67 10.07 4.10
CA ALA A 9 3.99 8.78 4.14
C ALA A 9 3.05 8.63 2.93
N PRO A 10 2.90 7.39 2.40
CA PRO A 10 2.00 7.22 1.27
C PRO A 10 0.55 7.47 1.65
N LYS A 11 -0.25 7.78 0.63
CA LYS A 11 -1.67 8.10 0.81
C LYS A 11 -2.44 6.80 0.81
N LEU A 12 -3.69 6.85 1.25
CA LEU A 12 -4.54 5.67 1.28
C LEU A 12 -5.97 6.12 1.26
N GLU A 13 -6.70 5.79 0.20
CA GLU A 13 -8.09 6.18 0.09
C GLU A 13 -9.02 4.94 0.05
N GLY A 14 -8.43 3.75 0.17
CA GLY A 14 -9.19 2.50 0.30
C GLY A 14 -10.19 2.11 -0.79
N GLN A 15 -9.77 2.06 -2.05
CA GLN A 15 -10.70 1.69 -3.12
C GLN A 15 -10.87 0.19 -3.15
N MET A 16 -12.05 -0.28 -2.77
CA MET A 16 -12.32 -1.72 -2.72
C MET A 16 -12.22 -2.35 -4.11
N GLY A 17 -11.94 -3.64 -4.14
CA GLY A 17 -11.88 -4.35 -5.40
C GLY A 17 -13.15 -5.15 -5.61
N GLU A 18 -13.95 -4.76 -6.59
CA GLU A 18 -15.20 -5.45 -6.91
C GLU A 18 -14.85 -6.74 -7.65
N ASP A 19 -13.57 -6.84 -8.02
CA ASP A 19 -13.00 -8.03 -8.64
C ASP A 19 -13.09 -9.20 -7.67
N GLY A 20 -13.11 -8.86 -6.38
CA GLY A 20 -13.08 -9.85 -5.31
C GLY A 20 -11.65 -10.29 -5.09
N ASN A 21 -11.35 -10.74 -3.87
CA ASN A 21 -10.02 -11.24 -3.51
C ASN A 21 -8.90 -10.19 -3.80
N SER A 22 -9.28 -8.93 -3.96
CA SER A 22 -8.36 -7.86 -4.36
C SER A 22 -8.76 -6.47 -3.83
N ILE A 23 -7.83 -5.52 -3.84
CA ILE A 23 -8.09 -4.13 -3.44
C ILE A 23 -7.08 -3.19 -4.09
N LYS A 24 -7.41 -1.91 -4.23
CA LYS A 24 -6.50 -0.91 -4.77
C LYS A 24 -6.20 0.09 -3.66
N VAL A 25 -4.94 0.44 -3.50
CA VAL A 25 -4.52 1.42 -2.50
C VAL A 25 -3.79 2.53 -3.26
N ASN A 26 -4.05 3.77 -2.89
CA ASN A 26 -3.47 4.94 -3.57
C ASN A 26 -1.98 5.03 -3.32
N LEU A 27 -1.25 5.45 -4.32
CA LEU A 27 0.20 5.56 -4.24
C LEU A 27 0.67 6.96 -4.59
N ILE A 28 1.81 7.33 -4.04
CA ILE A 28 2.42 8.63 -4.29
C ILE A 28 2.68 8.79 -5.79
N LYS A 29 2.28 9.91 -6.37
CA LYS A 29 2.52 10.20 -7.79
C LYS A 29 3.31 11.49 -8.03
N GLN A 30 3.90 12.04 -6.98
CA GLN A 30 4.70 13.27 -7.09
C GLN A 30 5.89 13.18 -6.14
N ASP A 31 6.79 14.15 -6.18
CA ASP A 31 7.92 14.18 -5.25
C ASP A 31 7.39 14.70 -3.91
N ASP A 32 7.30 13.80 -2.94
CA ASP A 32 6.74 14.10 -1.63
C ASP A 32 7.68 14.86 -0.69
N GLY A 33 8.78 15.37 -1.21
CA GLY A 33 9.70 16.11 -0.35
C GLY A 33 10.89 16.71 -1.03
N GLY A 34 11.99 15.96 -1.05
CA GLY A 34 13.23 16.46 -1.62
C GLY A 34 13.63 15.90 -2.97
N SER A 35 13.13 14.72 -3.29
CA SER A 35 13.50 14.03 -4.53
C SER A 35 12.37 13.06 -4.82
N PRO A 36 12.10 12.74 -6.09
CA PRO A 36 11.01 11.79 -6.33
C PRO A 36 11.31 10.40 -5.78
N ILE A 37 10.24 9.67 -5.52
CA ILE A 37 10.33 8.32 -4.99
C ILE A 37 10.90 7.44 -6.10
N ARG A 38 11.75 6.49 -5.74
CA ARG A 38 12.33 5.55 -6.70
C ARG A 38 11.44 4.31 -6.80
N HIS A 39 11.10 3.75 -5.65
CA HIS A 39 10.33 2.50 -5.58
C HIS A 39 9.32 2.53 -4.43
N TYR A 40 8.36 1.62 -4.48
CA TYR A 40 7.38 1.44 -3.42
C TYR A 40 7.49 0.03 -2.91
N LEU A 41 7.29 -0.14 -1.62
CA LEU A 41 7.40 -1.45 -0.99
C LEU A 41 6.13 -1.65 -0.16
N VAL A 42 5.42 -2.75 -0.41
CA VAL A 42 4.19 -3.06 0.32
C VAL A 42 4.35 -4.39 1.03
N ARG A 43 3.76 -4.52 2.21
CA ARG A 43 3.80 -5.75 3.00
C ARG A 43 2.41 -5.92 3.56
N TYR A 44 1.80 -7.08 3.43
CA TYR A 44 0.43 -7.28 3.90
C TYR A 44 0.25 -8.69 4.42
N ARG A 45 -0.75 -8.87 5.27
CA ARG A 45 -1.03 -10.16 5.90
C ARG A 45 -2.53 -10.26 6.07
N ALA A 46 -3.09 -11.45 5.89
CA ALA A 46 -4.51 -11.68 6.03
C ALA A 46 -4.76 -12.54 7.25
N LEU A 47 -6.00 -12.62 7.71
CA LEU A 47 -6.32 -13.44 8.88
C LEU A 47 -5.89 -14.88 8.63
N SER A 48 -6.12 -15.35 7.41
CA SER A 48 -5.77 -16.71 7.00
C SER A 48 -4.38 -16.86 6.36
N SER A 49 -3.56 -15.80 6.38
CA SER A 49 -2.27 -15.85 5.67
C SER A 49 -1.10 -15.20 6.39
N GLU A 50 0.10 -15.50 5.89
CA GLU A 50 1.35 -14.93 6.40
C GLU A 50 1.57 -13.49 5.92
N TRP A 51 2.54 -12.81 6.53
CA TRP A 51 3.01 -11.53 6.02
C TRP A 51 3.75 -11.77 4.71
N LYS A 52 3.17 -11.31 3.62
CA LYS A 52 3.82 -11.44 2.32
C LYS A 52 5.03 -10.51 2.38
N PRO A 53 6.20 -10.95 1.88
CA PRO A 53 7.40 -10.16 2.18
C PRO A 53 7.53 -8.79 1.51
N GLU A 54 7.22 -8.68 0.23
CA GLU A 54 7.41 -7.43 -0.50
C GLU A 54 6.55 -7.43 -1.75
N ILE A 55 5.96 -6.28 -2.06
CA ILE A 55 5.39 -6.05 -3.36
C ILE A 55 6.11 -4.77 -3.80
N ARG A 56 6.90 -4.94 -4.82
CA ARG A 56 7.69 -3.90 -5.49
C ARG A 56 6.78 -3.07 -6.32
N LEU A 57 6.99 -1.77 -6.43
CA LEU A 57 6.41 -1.03 -7.56
C LEU A 57 7.30 0.15 -7.95
N PRO A 58 7.27 0.57 -9.23
CA PRO A 58 8.16 1.66 -9.67
C PRO A 58 7.64 3.03 -9.30
N SER A 59 8.43 4.06 -9.53
CA SER A 59 8.00 5.43 -9.31
C SER A 59 6.76 5.77 -10.14
N GLY A 60 6.67 5.13 -11.30
CA GLY A 60 5.55 5.35 -12.23
C GLY A 60 4.33 4.48 -11.98
N SER A 61 3.84 4.47 -10.76
CA SER A 61 2.61 3.73 -10.42
C SER A 61 1.78 4.61 -9.49
N ASP A 62 0.68 5.16 -9.99
CA ASP A 62 -0.19 6.07 -9.22
C ASP A 62 -1.00 5.33 -8.14
N HIS A 63 -1.09 4.02 -8.28
CA HIS A 63 -1.80 3.19 -7.30
C HIS A 63 -1.19 1.80 -7.37
N VAL A 64 -1.48 1.00 -6.37
CA VAL A 64 -1.01 -0.38 -6.32
C VAL A 64 -2.22 -1.25 -6.06
N MET A 65 -2.35 -2.31 -6.84
CA MET A 65 -3.44 -3.26 -6.65
C MET A 65 -2.87 -4.50 -5.99
N LEU A 66 -3.50 -4.92 -4.91
CA LEU A 66 -3.09 -6.11 -4.18
C LEU A 66 -4.17 -7.14 -4.38
N LYS A 67 -3.80 -8.40 -4.31
CA LYS A 67 -4.74 -9.51 -4.45
C LYS A 67 -4.11 -10.67 -3.72
N SER A 68 -4.79 -11.82 -3.72
CA SER A 68 -4.35 -13.00 -2.97
C SER A 68 -4.36 -12.61 -1.48
N LEU A 69 -5.52 -12.09 -1.08
CA LEU A 69 -5.77 -11.60 0.28
C LEU A 69 -7.17 -12.07 0.64
N ASP A 70 -7.49 -12.09 1.91
CA ASP A 70 -8.81 -12.54 2.35
C ASP A 70 -9.85 -11.50 1.95
N TRP A 71 -11.01 -11.95 1.50
CA TRP A 71 -12.10 -11.04 1.15
C TRP A 71 -13.27 -11.21 2.09
N ASN A 72 -13.44 -12.43 2.59
CA ASN A 72 -14.51 -12.77 3.53
C ASN A 72 -14.00 -12.66 4.96
N ALA A 73 -12.80 -12.14 5.11
CA ALA A 73 -12.17 -11.97 6.42
C ALA A 73 -11.26 -10.76 6.28
N GLU A 74 -10.85 -10.20 7.40
CA GLU A 74 -10.03 -8.99 7.41
C GLU A 74 -8.54 -9.25 7.23
N TYR A 75 -7.89 -8.27 6.62
CA TYR A 75 -6.47 -8.30 6.35
C TYR A 75 -5.91 -6.91 6.58
N GLU A 76 -4.61 -6.83 6.82
CA GLU A 76 -3.94 -5.57 7.09
C GLU A 76 -2.86 -5.34 6.05
N VAL A 77 -2.67 -4.09 5.65
CA VAL A 77 -1.70 -3.71 4.63
C VAL A 77 -0.83 -2.58 5.12
N TYR A 78 0.49 -2.70 4.94
CA TYR A 78 1.44 -1.65 5.26
C TYR A 78 2.16 -1.29 3.98
N VAL A 79 2.41 0.00 3.76
CA VAL A 79 3.06 0.46 2.55
C VAL A 79 4.02 1.59 2.92
N VAL A 80 5.18 1.61 2.27
CA VAL A 80 6.18 2.65 2.46
C VAL A 80 6.72 3.07 1.10
N ALA A 81 7.32 4.25 1.06
CA ALA A 81 7.94 4.78 -0.15
C ALA A 81 9.44 4.67 0.06
N GLU A 82 10.18 4.48 -1.02
CA GLU A 82 11.63 4.41 -0.98
C GLU A 82 12.14 5.38 -2.04
N ASN A 83 12.75 6.48 -1.63
CA ASN A 83 13.24 7.46 -2.59
C ASN A 83 14.73 7.27 -2.74
N GLN A 84 15.38 8.15 -3.49
CA GLN A 84 16.80 7.98 -3.79
C GLN A 84 17.74 8.33 -2.61
N GLN A 85 17.17 8.72 -1.48
CA GLN A 85 17.95 9.05 -0.28
C GLN A 85 17.60 8.17 0.93
N GLY A 86 16.34 7.83 1.08
CA GLY A 86 15.87 7.05 2.22
C GLY A 86 14.43 6.62 2.06
N LYS A 87 13.70 6.51 3.15
CA LYS A 87 12.31 5.99 3.12
C LYS A 87 11.28 6.85 3.82
N SER A 88 10.03 6.54 3.56
CA SER A 88 8.91 7.28 4.14
C SER A 88 8.40 6.62 5.40
N LYS A 89 7.55 7.33 6.13
CA LYS A 89 6.88 6.73 7.29
C LYS A 89 5.87 5.75 6.71
N ALA A 90 5.61 4.65 7.41
CA ALA A 90 4.62 3.68 6.96
C ALA A 90 3.20 4.22 7.12
N ALA A 91 2.31 3.70 6.30
CA ALA A 91 0.88 3.97 6.42
C ALA A 91 0.26 2.59 6.37
N HIS A 92 -0.83 2.39 7.08
CA HIS A 92 -1.49 1.09 7.15
C HIS A 92 -3.00 1.18 7.19
N PHE A 93 -3.67 0.18 6.64
CA PHE A 93 -5.14 0.12 6.66
C PHE A 93 -5.61 -1.33 6.72
N VAL A 94 -6.82 -1.51 7.22
CA VAL A 94 -7.43 -2.84 7.39
C VAL A 94 -8.76 -2.81 6.64
N PHE A 95 -9.09 -3.88 5.94
CA PHE A 95 -10.32 -3.93 5.15
C PHE A 95 -10.84 -5.36 5.02
N ARG A 96 -12.15 -5.49 4.76
CA ARG A 96 -12.78 -6.76 4.40
C ARG A 96 -14.10 -6.42 3.72
N THR A 97 -14.65 -7.38 3.01
CA THR A 97 -15.90 -7.20 2.27
C THR A 97 -16.73 -8.44 2.58
N HIS A 98 -17.75 -8.73 1.78
CA HIS A 98 -18.60 -9.91 1.96
C HIS A 98 -19.14 -10.00 3.39
N HIS A 99 -19.88 -8.97 3.79
CA HIS A 99 -20.47 -8.95 5.13
C HIS A 99 -21.59 -10.00 5.18
N HIS A 100 -21.96 -10.40 6.37
CA HIS A 100 -23.07 -11.32 6.56
C HIS A 100 -24.17 -10.56 7.29
N HIS A 101 -25.41 -10.89 6.98
CA HIS A 101 -26.57 -10.28 7.62
C HIS A 101 -27.56 -11.40 7.85
N HIS A 102 -28.49 -11.21 8.77
CA HIS A 102 -29.47 -12.23 9.07
C HIS A 102 -30.52 -12.26 7.95
N HIS A 103 -31.00 -13.45 7.64
CA HIS A 103 -32.03 -13.62 6.61
C HIS A 103 -33.39 -13.20 7.13
N MET A 1 22.44 15.17 -2.01
CA MET A 1 21.65 14.30 -1.11
C MET A 1 21.16 15.06 0.12
N GLN A 2 22.02 15.85 0.77
CA GLN A 2 21.63 16.55 2.01
C GLN A 2 20.33 17.39 2.01
N PRO A 3 20.03 18.17 0.94
CA PRO A 3 18.79 18.95 1.06
C PRO A 3 17.49 18.15 0.82
N VAL A 4 17.61 16.85 0.59
CA VAL A 4 16.43 16.03 0.30
C VAL A 4 15.82 15.49 1.58
N ARG A 5 14.61 15.95 1.89
CA ARG A 5 13.87 15.41 3.04
C ARG A 5 13.31 14.06 2.64
N GLU A 6 12.98 13.25 3.63
CA GLU A 6 12.39 11.94 3.38
C GLU A 6 10.98 12.13 2.80
N PRO A 7 10.49 11.16 2.00
CA PRO A 7 9.14 11.32 1.45
C PRO A 7 8.01 11.25 2.48
N SER A 8 6.89 11.84 2.10
CA SER A 8 5.67 11.86 2.92
C SER A 8 5.02 10.48 2.84
N ALA A 9 4.25 10.14 3.86
CA ALA A 9 3.55 8.87 3.89
C ALA A 9 2.70 8.71 2.62
N PRO A 10 2.55 7.47 2.12
CA PRO A 10 1.73 7.31 0.91
C PRO A 10 0.27 7.64 1.16
N LYS A 11 -0.39 8.07 0.09
CA LYS A 11 -1.79 8.49 0.18
C LYS A 11 -2.63 7.23 0.15
N LEU A 12 -3.67 7.16 0.97
CA LEU A 12 -4.48 5.95 1.08
C LEU A 12 -5.95 6.32 1.14
N GLU A 13 -6.71 5.85 0.17
CA GLU A 13 -8.15 6.12 0.13
C GLU A 13 -8.96 4.82 0.32
N GLY A 14 -8.30 3.67 0.19
CA GLY A 14 -8.96 2.39 0.43
C GLY A 14 -10.01 2.02 -0.60
N GLN A 15 -9.63 2.00 -1.87
CA GLN A 15 -10.58 1.75 -2.95
C GLN A 15 -10.97 0.28 -2.94
N MET A 16 -12.21 -0.01 -2.56
CA MET A 16 -12.68 -1.38 -2.40
C MET A 16 -12.45 -2.29 -3.61
N GLY A 17 -12.02 -3.51 -3.32
CA GLY A 17 -11.77 -4.48 -4.36
C GLY A 17 -13.00 -5.31 -4.68
N GLU A 18 -13.89 -4.74 -5.47
CA GLU A 18 -15.10 -5.45 -5.92
C GLU A 18 -14.68 -6.61 -6.83
N ASP A 19 -13.43 -6.53 -7.26
CA ASP A 19 -12.76 -7.54 -8.07
C ASP A 19 -12.68 -8.90 -7.36
N GLY A 20 -12.83 -8.86 -6.04
CA GLY A 20 -12.77 -10.06 -5.23
C GLY A 20 -11.35 -10.51 -4.92
N ASN A 21 -11.15 -11.00 -3.69
CA ASN A 21 -9.86 -11.52 -3.23
C ASN A 21 -8.75 -10.47 -3.40
N SER A 22 -9.14 -9.19 -3.38
CA SER A 22 -8.21 -8.09 -3.62
C SER A 22 -8.71 -6.74 -3.15
N ILE A 23 -7.87 -5.71 -3.33
CA ILE A 23 -8.20 -4.31 -3.03
C ILE A 23 -7.22 -3.41 -3.79
N LYS A 24 -7.58 -2.15 -4.04
CA LYS A 24 -6.67 -1.21 -4.69
C LYS A 24 -6.35 -0.16 -3.63
N VAL A 25 -5.10 0.21 -3.53
CA VAL A 25 -4.68 1.24 -2.57
C VAL A 25 -3.87 2.22 -3.40
N ASN A 26 -4.09 3.52 -3.19
CA ASN A 26 -3.38 4.54 -3.96
C ASN A 26 -1.91 4.62 -3.54
N LEU A 27 -1.09 5.13 -4.42
CA LEU A 27 0.34 5.25 -4.16
C LEU A 27 0.80 6.68 -4.37
N ILE A 28 2.08 6.91 -4.17
CA ILE A 28 2.71 8.19 -4.43
C ILE A 28 3.03 8.22 -5.93
N LYS A 29 2.54 9.25 -6.61
CA LYS A 29 2.80 9.43 -8.04
C LYS A 29 3.46 10.77 -8.37
N GLN A 30 3.95 11.44 -7.34
CA GLN A 30 4.56 12.76 -7.48
C GLN A 30 5.62 12.87 -6.40
N ASP A 31 6.55 13.81 -6.53
CA ASP A 31 7.60 13.97 -5.52
C ASP A 31 6.98 14.57 -4.25
N ASP A 32 7.34 14.02 -3.10
CA ASP A 32 6.85 14.50 -1.80
C ASP A 32 7.90 15.35 -1.12
N GLY A 33 9.08 15.40 -1.71
CA GLY A 33 10.19 16.09 -1.08
C GLY A 33 11.21 16.67 -2.02
N GLY A 34 12.44 16.21 -1.85
CA GLY A 34 13.58 16.75 -2.59
C GLY A 34 14.10 15.88 -3.72
N SER A 35 13.57 14.67 -3.86
CA SER A 35 14.00 13.73 -4.87
C SER A 35 12.91 12.68 -4.98
N PRO A 36 12.55 12.27 -6.21
CA PRO A 36 11.44 11.31 -6.30
C PRO A 36 11.76 9.96 -5.68
N ILE A 37 10.70 9.27 -5.34
CA ILE A 37 10.78 7.97 -4.69
C ILE A 37 11.45 7.01 -5.69
N ARG A 38 12.38 6.19 -5.21
CA ARG A 38 13.08 5.24 -6.06
C ARG A 38 12.26 3.95 -6.20
N HIS A 39 11.82 3.41 -5.07
CA HIS A 39 11.07 2.14 -5.06
C HIS A 39 9.90 2.21 -4.07
N TYR A 40 8.90 1.36 -4.29
CA TYR A 40 7.78 1.24 -3.34
C TYR A 40 7.82 -0.13 -2.74
N LEU A 41 7.50 -0.21 -1.45
CA LEU A 41 7.55 -1.47 -0.72
C LEU A 41 6.23 -1.68 0.02
N VAL A 42 5.38 -2.55 -0.51
CA VAL A 42 4.10 -2.87 0.14
C VAL A 42 4.24 -4.23 0.83
N ARG A 43 3.65 -4.36 2.01
CA ARG A 43 3.72 -5.60 2.80
C ARG A 43 2.35 -5.80 3.40
N TYR A 44 1.75 -6.98 3.25
CA TYR A 44 0.38 -7.20 3.74
C TYR A 44 0.14 -8.64 4.16
N ARG A 45 -0.79 -8.82 5.10
CA ARG A 45 -1.08 -10.14 5.71
C ARG A 45 -2.56 -10.18 6.03
N ALA A 46 -3.14 -11.36 5.99
CA ALA A 46 -4.54 -11.56 6.30
C ALA A 46 -4.69 -12.59 7.41
N LEU A 47 -5.92 -12.83 7.84
CA LEU A 47 -6.18 -13.79 8.91
C LEU A 47 -5.58 -15.16 8.59
N SER A 48 -5.77 -15.61 7.36
CA SER A 48 -5.21 -16.89 6.90
C SER A 48 -4.00 -16.70 5.97
N SER A 49 -3.99 -15.63 5.18
CA SER A 49 -2.89 -15.41 4.22
C SER A 49 -1.66 -14.77 4.88
N GLU A 50 -0.50 -15.35 4.63
CA GLU A 50 0.78 -14.90 5.21
C GLU A 50 1.23 -13.49 4.78
N TRP A 51 2.23 -12.97 5.50
CA TRP A 51 2.84 -11.68 5.18
C TRP A 51 3.56 -11.74 3.84
N LYS A 52 3.05 -11.03 2.84
CA LYS A 52 3.73 -10.97 1.55
C LYS A 52 4.91 -10.03 1.79
N PRO A 53 6.11 -10.40 1.33
CA PRO A 53 7.27 -9.59 1.73
C PRO A 53 7.48 -8.24 1.03
N GLU A 54 7.11 -8.15 -0.23
CA GLU A 54 7.33 -6.94 -1.02
C GLU A 54 6.38 -6.95 -2.19
N ILE A 55 5.90 -5.77 -2.58
CA ILE A 55 5.29 -5.59 -3.88
C ILE A 55 6.03 -4.34 -4.35
N ARG A 56 6.81 -4.54 -5.39
CA ARG A 56 7.59 -3.52 -6.08
C ARG A 56 6.70 -2.62 -6.83
N LEU A 57 6.98 -1.33 -6.93
CA LEU A 57 6.38 -0.52 -8.00
C LEU A 57 7.31 0.62 -8.39
N PRO A 58 7.23 1.11 -9.66
CA PRO A 58 8.11 2.21 -10.07
C PRO A 58 7.66 3.55 -9.53
N SER A 59 8.56 4.51 -9.55
CA SER A 59 8.37 5.86 -8.98
C SER A 59 7.05 6.58 -9.27
N GLY A 60 6.50 6.39 -10.47
CA GLY A 60 5.28 7.09 -10.86
C GLY A 60 4.03 6.25 -10.92
N SER A 61 3.98 5.14 -10.18
CA SER A 61 2.78 4.30 -10.20
C SER A 61 1.67 5.03 -9.45
N ASP A 62 0.49 5.09 -10.07
CA ASP A 62 -0.65 5.81 -9.50
C ASP A 62 -1.25 5.10 -8.29
N HIS A 63 -1.35 3.79 -8.38
CA HIS A 63 -1.94 2.98 -7.32
C HIS A 63 -1.37 1.57 -7.43
N VAL A 64 -1.70 0.73 -6.47
CA VAL A 64 -1.27 -0.66 -6.47
C VAL A 64 -2.47 -1.55 -6.18
N MET A 65 -2.64 -2.56 -7.03
CA MET A 65 -3.69 -3.56 -6.86
C MET A 65 -3.08 -4.73 -6.11
N LEU A 66 -3.64 -5.07 -4.97
CA LEU A 66 -3.14 -6.21 -4.18
C LEU A 66 -4.13 -7.33 -4.29
N LYS A 67 -3.67 -8.52 -4.60
CA LYS A 67 -4.53 -9.71 -4.69
C LYS A 67 -3.94 -10.74 -3.72
N SER A 68 -4.54 -11.92 -3.65
CA SER A 68 -4.07 -13.01 -2.77
C SER A 68 -4.14 -12.60 -1.30
N LEU A 69 -5.31 -12.11 -0.91
CA LEU A 69 -5.59 -11.68 0.45
C LEU A 69 -7.00 -12.16 0.78
N ASP A 70 -7.31 -12.28 2.05
CA ASP A 70 -8.62 -12.77 2.47
C ASP A 70 -9.64 -11.68 2.17
N TRP A 71 -10.83 -12.05 1.76
CA TRP A 71 -11.86 -11.06 1.43
C TRP A 71 -13.03 -11.13 2.41
N ASN A 72 -13.29 -12.31 2.93
CA ASN A 72 -14.40 -12.54 3.87
C ASN A 72 -13.92 -12.41 5.32
N ALA A 73 -12.70 -11.92 5.49
CA ALA A 73 -12.10 -11.75 6.80
C ALA A 73 -11.21 -10.51 6.70
N GLU A 74 -10.77 -10.00 7.84
CA GLU A 74 -9.95 -8.80 7.85
C GLU A 74 -8.49 -9.10 7.57
N TYR A 75 -7.83 -8.12 6.97
CA TYR A 75 -6.42 -8.20 6.65
C TYR A 75 -5.84 -6.81 6.82
N GLU A 76 -4.52 -6.74 6.97
CA GLU A 76 -3.83 -5.49 7.19
C GLU A 76 -2.83 -5.26 6.06
N VAL A 77 -2.71 -4.02 5.63
CA VAL A 77 -1.80 -3.64 4.55
C VAL A 77 -0.92 -2.50 5.03
N TYR A 78 0.38 -2.61 4.83
CA TYR A 78 1.33 -1.56 5.15
C TYR A 78 2.06 -1.20 3.88
N VAL A 79 2.32 0.08 3.69
CA VAL A 79 3.02 0.53 2.49
C VAL A 79 3.96 1.67 2.87
N VAL A 80 5.17 1.63 2.33
CA VAL A 80 6.16 2.70 2.53
C VAL A 80 6.79 3.04 1.20
N ALA A 81 7.35 4.23 1.14
CA ALA A 81 8.06 4.72 -0.03
C ALA A 81 9.54 4.66 0.33
N GLU A 82 10.39 4.44 -0.65
CA GLU A 82 11.83 4.40 -0.44
C GLU A 82 12.48 5.29 -1.49
N ASN A 83 13.02 6.43 -1.09
CA ASN A 83 13.69 7.32 -2.03
C ASN A 83 15.19 7.14 -1.80
N GLN A 84 16.01 7.76 -2.63
CA GLN A 84 17.45 7.52 -2.56
C GLN A 84 18.15 8.11 -1.31
N GLN A 85 17.39 8.76 -0.44
CA GLN A 85 17.93 9.34 0.80
C GLN A 85 17.30 8.77 2.09
N GLY A 86 16.14 8.13 1.98
CA GLY A 86 15.45 7.63 3.16
C GLY A 86 14.09 7.05 2.82
N LYS A 87 13.25 6.85 3.83
CA LYS A 87 11.94 6.21 3.63
C LYS A 87 10.79 7.03 4.17
N SER A 88 9.59 6.70 3.72
CA SER A 88 8.41 7.42 4.16
C SER A 88 7.86 6.80 5.41
N LYS A 89 7.02 7.53 6.12
CA LYS A 89 6.34 6.97 7.28
C LYS A 89 5.39 5.94 6.71
N ALA A 90 5.19 4.85 7.44
CA ALA A 90 4.26 3.82 7.01
C ALA A 90 2.83 4.33 7.11
N ALA A 91 1.99 3.86 6.20
CA ALA A 91 0.57 4.10 6.25
C ALA A 91 -0.01 2.69 6.22
N HIS A 92 -1.02 2.44 7.04
CA HIS A 92 -1.63 1.13 7.11
C HIS A 92 -3.15 1.21 7.18
N PHE A 93 -3.81 0.21 6.64
CA PHE A 93 -5.27 0.16 6.65
C PHE A 93 -5.75 -1.29 6.76
N VAL A 94 -6.97 -1.46 7.25
CA VAL A 94 -7.57 -2.78 7.48
C VAL A 94 -8.92 -2.78 6.76
N PHE A 95 -9.25 -3.86 6.07
CA PHE A 95 -10.49 -3.94 5.31
C PHE A 95 -11.03 -5.38 5.28
N ARG A 96 -12.33 -5.53 5.03
CA ARG A 96 -12.98 -6.82 4.82
C ARG A 96 -14.22 -6.52 4.00
N THR A 97 -14.74 -7.49 3.29
CA THR A 97 -15.95 -7.34 2.48
C THR A 97 -16.77 -8.60 2.72
N HIS A 98 -17.85 -8.79 1.95
CA HIS A 98 -18.73 -9.96 2.08
C HIS A 98 -19.30 -10.05 3.50
N HIS A 99 -19.62 -8.89 4.07
CA HIS A 99 -20.14 -8.80 5.42
C HIS A 99 -21.55 -8.21 5.35
N HIS A 100 -22.39 -8.56 6.30
CA HIS A 100 -23.76 -8.08 6.32
C HIS A 100 -23.82 -6.56 6.54
N HIS A 101 -24.71 -5.91 5.82
CA HIS A 101 -24.93 -4.47 5.97
C HIS A 101 -25.74 -4.27 7.25
N HIS A 102 -25.75 -3.04 7.75
CA HIS A 102 -26.49 -2.70 8.96
C HIS A 102 -26.72 -1.21 8.90
N HIS A 103 -27.61 -0.71 9.75
CA HIS A 103 -27.80 0.72 9.90
C HIS A 103 -26.64 1.19 10.76
N MET A 1 22.87 14.79 -0.32
CA MET A 1 21.76 14.40 0.58
C MET A 1 21.20 15.59 1.36
N GLN A 2 22.01 16.59 1.71
CA GLN A 2 21.54 17.71 2.52
C GLN A 2 20.27 18.47 2.03
N PRO A 3 20.15 18.80 0.72
CA PRO A 3 18.94 19.55 0.39
C PRO A 3 17.65 18.71 0.19
N VAL A 4 17.75 17.39 0.29
CA VAL A 4 16.60 16.52 0.04
C VAL A 4 16.22 15.77 1.31
N ARG A 5 14.92 15.79 1.60
CA ARG A 5 14.37 15.15 2.79
C ARG A 5 13.76 13.82 2.40
N GLU A 6 13.49 12.98 3.39
CA GLU A 6 12.86 11.69 3.16
C GLU A 6 11.43 11.90 2.68
N PRO A 7 10.84 10.91 1.97
CA PRO A 7 9.48 11.11 1.48
C PRO A 7 8.39 11.07 2.55
N SER A 8 7.27 11.66 2.21
CA SER A 8 6.09 11.70 3.06
C SER A 8 5.39 10.35 2.97
N ALA A 9 4.64 10.00 3.99
CA ALA A 9 3.91 8.73 4.03
C ALA A 9 3.01 8.62 2.78
N PRO A 10 2.86 7.42 2.21
CA PRO A 10 2.04 7.29 1.01
C PRO A 10 0.56 7.59 1.24
N LYS A 11 -0.12 7.94 0.16
CA LYS A 11 -1.53 8.32 0.21
C LYS A 11 -2.34 7.06 0.39
N LEU A 12 -3.55 7.16 0.94
CA LEU A 12 -4.42 6.00 1.10
C LEU A 12 -5.88 6.42 1.06
N GLU A 13 -6.68 5.67 0.30
CA GLU A 13 -8.13 5.90 0.22
C GLU A 13 -8.92 4.63 0.58
N GLY A 14 -8.27 3.47 0.50
CA GLY A 14 -8.93 2.20 0.82
C GLY A 14 -9.98 1.86 -0.22
N GLN A 15 -9.58 1.90 -1.48
CA GLN A 15 -10.50 1.71 -2.58
C GLN A 15 -10.88 0.24 -2.71
N MET A 16 -12.15 -0.06 -2.47
CA MET A 16 -12.66 -1.44 -2.49
C MET A 16 -12.29 -2.19 -3.77
N GLY A 17 -11.82 -3.42 -3.62
CA GLY A 17 -11.43 -4.24 -4.76
C GLY A 17 -12.60 -5.00 -5.35
N GLU A 18 -13.12 -4.47 -6.45
CA GLU A 18 -14.27 -5.05 -7.14
C GLU A 18 -13.99 -6.43 -7.71
N ASP A 19 -12.72 -6.75 -7.93
CA ASP A 19 -12.31 -8.06 -8.45
C ASP A 19 -12.60 -9.16 -7.43
N GLY A 20 -12.67 -8.79 -6.16
CA GLY A 20 -12.78 -9.76 -5.08
C GLY A 20 -11.41 -10.34 -4.81
N ASN A 21 -11.16 -10.78 -3.57
CA ASN A 21 -9.84 -11.33 -3.18
C ASN A 21 -8.72 -10.32 -3.51
N SER A 22 -9.08 -9.04 -3.55
CA SER A 22 -8.21 -7.97 -4.01
C SER A 22 -8.58 -6.62 -3.40
N ILE A 23 -7.69 -5.63 -3.53
CA ILE A 23 -7.96 -4.24 -3.12
C ILE A 23 -7.00 -3.29 -3.83
N LYS A 24 -7.37 -2.02 -3.96
CA LYS A 24 -6.48 -1.02 -4.56
C LYS A 24 -6.15 -0.05 -3.44
N VAL A 25 -4.87 0.26 -3.28
CA VAL A 25 -4.45 1.22 -2.26
C VAL A 25 -3.70 2.32 -3.02
N ASN A 26 -3.97 3.56 -2.65
CA ASN A 26 -3.36 4.71 -3.32
C ASN A 26 -1.84 4.75 -3.19
N LEU A 27 -1.19 5.28 -4.21
CA LEU A 27 0.26 5.46 -4.18
C LEU A 27 0.66 6.92 -4.46
N ILE A 28 1.96 7.15 -4.45
CA ILE A 28 2.56 8.46 -4.72
C ILE A 28 2.82 8.62 -6.23
N LYS A 29 2.36 9.73 -6.80
CA LYS A 29 2.60 10.04 -8.22
C LYS A 29 3.30 11.38 -8.41
N GLN A 30 3.85 11.92 -7.34
CA GLN A 30 4.49 13.23 -7.35
C GLN A 30 5.65 13.22 -6.36
N ASP A 31 6.47 14.27 -6.35
CA ASP A 31 7.54 14.33 -5.36
C ASP A 31 6.87 14.54 -4.00
N ASP A 32 7.32 13.79 -3.00
CA ASP A 32 6.72 13.82 -1.68
C ASP A 32 7.60 14.47 -0.64
N GLY A 33 8.76 14.96 -1.07
CA GLY A 33 9.65 15.60 -0.13
C GLY A 33 10.81 16.31 -0.79
N GLY A 34 11.91 15.58 -0.89
CA GLY A 34 13.14 16.14 -1.45
C GLY A 34 13.54 15.71 -2.84
N SER A 35 13.12 14.52 -3.23
CA SER A 35 13.47 13.95 -4.52
C SER A 35 12.41 12.91 -4.84
N PRO A 36 12.19 12.60 -6.13
CA PRO A 36 11.15 11.62 -6.43
C PRO A 36 11.46 10.23 -5.88
N ILE A 37 10.40 9.48 -5.66
CA ILE A 37 10.47 8.14 -5.10
C ILE A 37 11.12 7.24 -6.15
N ARG A 38 12.03 6.36 -5.72
CA ARG A 38 12.64 5.41 -6.63
C ARG A 38 11.82 4.12 -6.63
N HIS A 39 11.49 3.62 -5.44
CA HIS A 39 10.81 2.34 -5.30
C HIS A 39 9.68 2.36 -4.26
N TYR A 40 8.78 1.38 -4.36
CA TYR A 40 7.69 1.23 -3.39
C TYR A 40 7.72 -0.17 -2.82
N LEU A 41 7.41 -0.29 -1.54
CA LEU A 41 7.40 -1.59 -0.87
C LEU A 41 6.05 -1.73 -0.14
N VAL A 42 5.36 -2.83 -0.38
CA VAL A 42 4.05 -3.09 0.26
C VAL A 42 4.12 -4.44 0.98
N ARG A 43 3.54 -4.52 2.16
CA ARG A 43 3.55 -5.75 2.97
C ARG A 43 2.16 -5.89 3.57
N TYR A 44 1.54 -7.05 3.46
CA TYR A 44 0.17 -7.24 3.94
C TYR A 44 -0.04 -8.67 4.42
N ARG A 45 -1.01 -8.85 5.30
CA ARG A 45 -1.31 -10.15 5.92
C ARG A 45 -2.79 -10.18 6.24
N ALA A 46 -3.38 -11.36 6.26
CA ALA A 46 -4.80 -11.52 6.53
C ALA A 46 -5.00 -12.55 7.63
N LEU A 47 -6.25 -12.79 8.01
CA LEU A 47 -6.56 -13.76 9.05
C LEU A 47 -5.96 -15.14 8.69
N SER A 48 -6.10 -15.54 7.44
CA SER A 48 -5.53 -16.80 6.95
C SER A 48 -4.27 -16.59 6.09
N SER A 49 -4.21 -15.49 5.34
CA SER A 49 -3.06 -15.26 4.44
C SER A 49 -1.83 -14.72 5.17
N GLU A 50 -0.67 -15.20 4.76
CA GLU A 50 0.63 -14.84 5.33
C GLU A 50 1.04 -13.37 5.12
N TRP A 51 2.07 -12.94 5.85
CA TRP A 51 2.70 -11.65 5.61
C TRP A 51 3.47 -11.73 4.28
N LYS A 52 2.89 -11.20 3.22
CA LYS A 52 3.58 -11.17 1.93
C LYS A 52 4.78 -10.26 2.13
N PRO A 53 5.97 -10.70 1.68
CA PRO A 53 7.17 -9.92 2.06
C PRO A 53 7.31 -8.54 1.44
N GLU A 54 7.15 -8.44 0.12
CA GLU A 54 7.33 -7.17 -0.58
C GLU A 54 6.61 -7.26 -1.91
N ILE A 55 6.07 -6.14 -2.37
CA ILE A 55 5.45 -6.05 -3.68
C ILE A 55 6.15 -4.90 -4.38
N ARG A 56 6.72 -5.19 -5.53
CA ARG A 56 7.44 -4.21 -6.35
C ARG A 56 6.50 -3.20 -6.89
N LEU A 57 6.88 -1.93 -6.99
CA LEU A 57 6.18 -1.01 -7.91
C LEU A 57 7.13 0.07 -8.43
N PRO A 58 6.96 0.50 -9.70
CA PRO A 58 7.85 1.54 -10.22
C PRO A 58 7.48 2.92 -9.70
N SER A 59 8.42 3.85 -9.81
CA SER A 59 8.29 5.22 -9.32
C SER A 59 7.00 5.99 -9.63
N GLY A 60 6.42 5.74 -10.80
CA GLY A 60 5.24 6.48 -11.22
C GLY A 60 3.92 5.70 -11.21
N SER A 61 3.81 4.69 -10.36
CA SER A 61 2.56 3.92 -10.29
C SER A 61 1.54 4.76 -9.51
N ASP A 62 0.33 4.90 -10.06
CA ASP A 62 -0.71 5.74 -9.45
C ASP A 62 -1.30 5.12 -8.19
N HIS A 63 -1.47 3.81 -8.21
CA HIS A 63 -1.99 3.05 -7.08
C HIS A 63 -1.40 1.67 -7.19
N VAL A 64 -1.61 0.85 -6.18
CA VAL A 64 -1.14 -0.53 -6.18
C VAL A 64 -2.34 -1.44 -5.99
N MET A 65 -2.48 -2.42 -6.86
CA MET A 65 -3.54 -3.40 -6.77
C MET A 65 -2.96 -4.63 -6.08
N LEU A 66 -3.56 -5.04 -4.97
CA LEU A 66 -3.09 -6.21 -4.23
C LEU A 66 -4.07 -7.35 -4.46
N LYS A 67 -3.55 -8.56 -4.39
CA LYS A 67 -4.34 -9.79 -4.59
C LYS A 67 -3.76 -10.81 -3.64
N SER A 68 -4.36 -11.99 -3.57
CA SER A 68 -3.92 -13.06 -2.66
C SER A 68 -4.02 -12.58 -1.20
N LEU A 69 -5.22 -12.14 -0.86
CA LEU A 69 -5.53 -11.64 0.48
C LEU A 69 -6.94 -12.14 0.76
N ASP A 70 -7.31 -12.22 2.03
CA ASP A 70 -8.64 -12.73 2.38
C ASP A 70 -9.65 -11.65 2.04
N TRP A 71 -10.83 -12.04 1.60
CA TRP A 71 -11.88 -11.08 1.29
C TRP A 71 -13.05 -11.21 2.26
N ASN A 72 -13.29 -12.41 2.74
CA ASN A 72 -14.40 -12.69 3.66
C ASN A 72 -13.94 -12.65 5.11
N ALA A 73 -12.77 -12.05 5.32
CA ALA A 73 -12.18 -11.93 6.65
C ALA A 73 -11.34 -10.67 6.61
N GLU A 74 -10.93 -10.19 7.77
CA GLU A 74 -10.19 -8.94 7.87
C GLU A 74 -8.71 -9.14 7.59
N TYR A 75 -8.11 -8.13 6.99
CA TYR A 75 -6.69 -8.14 6.66
C TYR A 75 -6.11 -6.75 6.82
N GLU A 76 -4.79 -6.68 6.97
CA GLU A 76 -4.08 -5.43 7.20
C GLU A 76 -3.04 -5.23 6.10
N VAL A 77 -2.83 -3.98 5.71
CA VAL A 77 -1.88 -3.64 4.65
C VAL A 77 -0.99 -2.49 5.11
N TYR A 78 0.31 -2.62 4.92
CA TYR A 78 1.29 -1.58 5.21
C TYR A 78 2.00 -1.23 3.92
N VAL A 79 2.25 0.05 3.68
CA VAL A 79 2.91 0.50 2.47
C VAL A 79 3.89 1.62 2.84
N VAL A 80 5.07 1.59 2.21
CA VAL A 80 6.10 2.61 2.41
C VAL A 80 6.68 2.98 1.06
N ALA A 81 7.32 4.14 1.00
CA ALA A 81 7.97 4.61 -0.21
C ALA A 81 9.45 4.76 0.08
N GLU A 82 10.28 4.55 -0.92
CA GLU A 82 11.72 4.71 -0.80
C GLU A 82 12.16 5.69 -1.88
N ASN A 83 12.74 6.81 -1.48
CA ASN A 83 13.23 7.78 -2.44
C ASN A 83 14.73 7.63 -2.46
N GLN A 84 15.40 8.36 -3.34
CA GLN A 84 16.82 8.20 -3.53
C GLN A 84 17.71 8.61 -2.33
N GLN A 85 17.10 9.11 -1.26
CA GLN A 85 17.83 9.50 -0.05
C GLN A 85 17.39 8.77 1.22
N GLY A 86 16.16 8.28 1.28
CA GLY A 86 15.65 7.63 2.47
C GLY A 86 14.26 7.06 2.29
N LYS A 87 13.57 6.75 3.37
CA LYS A 87 12.24 6.10 3.28
C LYS A 87 11.15 6.85 4.01
N SER A 88 9.92 6.56 3.62
CA SER A 88 8.76 7.24 4.16
C SER A 88 8.25 6.58 5.42
N LYS A 89 7.39 7.28 6.14
CA LYS A 89 6.69 6.70 7.27
C LYS A 89 5.71 5.71 6.66
N ALA A 90 5.41 4.65 7.39
CA ALA A 90 4.45 3.67 6.92
C ALA A 90 3.04 4.23 7.06
N ALA A 91 2.19 3.82 6.15
CA ALA A 91 0.76 4.11 6.24
C ALA A 91 0.15 2.72 6.22
N HIS A 92 -0.88 2.50 7.03
CA HIS A 92 -1.52 1.20 7.11
C HIS A 92 -3.02 1.30 7.24
N PHE A 93 -3.72 0.32 6.71
CA PHE A 93 -5.17 0.28 6.79
C PHE A 93 -5.63 -1.17 6.92
N VAL A 94 -6.82 -1.35 7.48
CA VAL A 94 -7.40 -2.68 7.71
C VAL A 94 -8.69 -2.70 6.92
N PHE A 95 -9.00 -3.83 6.29
CA PHE A 95 -10.18 -3.93 5.44
C PHE A 95 -10.76 -5.34 5.42
N ARG A 96 -12.02 -5.46 5.02
CA ARG A 96 -12.73 -6.73 4.84
C ARG A 96 -13.91 -6.37 3.98
N THR A 97 -14.49 -7.34 3.27
CA THR A 97 -15.62 -7.08 2.38
C THR A 97 -16.55 -8.29 2.48
N HIS A 98 -17.62 -8.30 1.67
CA HIS A 98 -18.61 -9.40 1.64
C HIS A 98 -19.22 -9.67 3.04
N HIS A 99 -19.23 -8.64 3.87
CA HIS A 99 -19.77 -8.78 5.22
C HIS A 99 -21.29 -8.90 5.15
N HIS A 100 -21.80 -10.05 5.59
CA HIS A 100 -23.22 -10.35 5.55
C HIS A 100 -23.53 -11.27 6.72
N HIS A 101 -24.76 -11.22 7.22
CA HIS A 101 -25.19 -12.06 8.31
C HIS A 101 -26.69 -12.31 8.11
N HIS A 102 -27.22 -13.29 8.82
CA HIS A 102 -28.62 -13.70 8.68
C HIS A 102 -29.49 -13.11 9.81
N HIS A 103 -28.99 -12.07 10.44
CA HIS A 103 -29.68 -11.39 11.53
C HIS A 103 -29.09 -9.99 11.53
N MET A 1 22.31 14.17 -0.72
CA MET A 1 21.71 13.71 0.57
C MET A 1 21.30 14.88 1.47
N GLN A 2 22.18 15.82 1.75
CA GLN A 2 21.84 16.94 2.65
C GLN A 2 20.66 17.85 2.25
N PRO A 3 20.56 18.28 0.96
CA PRO A 3 19.44 19.19 0.69
C PRO A 3 18.07 18.54 0.44
N VAL A 4 17.94 17.25 0.69
CA VAL A 4 16.70 16.53 0.38
C VAL A 4 16.23 15.69 1.57
N ARG A 5 14.94 15.83 1.90
CA ARG A 5 14.33 15.07 3.00
C ARG A 5 13.73 13.76 2.50
N GLU A 6 13.40 12.88 3.43
CA GLU A 6 12.75 11.61 3.12
C GLU A 6 11.31 11.88 2.66
N PRO A 7 10.70 10.95 1.90
CA PRO A 7 9.32 11.17 1.46
C PRO A 7 8.25 11.09 2.55
N SER A 8 7.13 11.72 2.27
CA SER A 8 5.97 11.72 3.16
C SER A 8 5.26 10.39 3.03
N ALA A 9 4.53 10.00 4.07
CA ALA A 9 3.78 8.75 4.09
C ALA A 9 2.87 8.63 2.85
N PRO A 10 2.64 7.40 2.36
CA PRO A 10 1.81 7.25 1.17
C PRO A 10 0.35 7.59 1.38
N LYS A 11 -0.34 7.80 0.27
CA LYS A 11 -1.73 8.24 0.28
C LYS A 11 -2.60 6.99 0.27
N LEU A 12 -3.76 7.03 0.91
CA LEU A 12 -4.63 5.85 0.97
C LEU A 12 -6.07 6.28 0.84
N GLU A 13 -6.72 5.86 -0.24
CA GLU A 13 -8.11 6.21 -0.49
C GLU A 13 -9.03 4.99 -0.26
N GLY A 14 -8.43 3.85 0.04
CA GLY A 14 -9.18 2.64 0.39
C GLY A 14 -10.28 2.24 -0.58
N GLN A 15 -9.95 2.12 -1.86
CA GLN A 15 -10.97 1.84 -2.86
C GLN A 15 -11.22 0.35 -2.89
N MET A 16 -12.41 -0.03 -2.44
CA MET A 16 -12.80 -1.42 -2.27
C MET A 16 -12.62 -2.28 -3.51
N GLY A 17 -12.22 -3.52 -3.28
CA GLY A 17 -12.06 -4.47 -4.35
C GLY A 17 -13.32 -5.28 -4.54
N GLU A 18 -14.28 -4.72 -5.26
CA GLU A 18 -15.53 -5.41 -5.60
C GLU A 18 -15.21 -6.57 -6.54
N ASP A 19 -14.01 -6.48 -7.10
CA ASP A 19 -13.43 -7.49 -7.99
C ASP A 19 -13.26 -8.81 -7.25
N GLY A 20 -13.18 -8.73 -5.92
CA GLY A 20 -12.98 -9.89 -5.08
C GLY A 20 -11.52 -10.28 -4.97
N ASN A 21 -11.16 -10.83 -3.80
CA ASN A 21 -9.79 -11.32 -3.53
C ASN A 21 -8.69 -10.27 -3.80
N SER A 22 -9.05 -8.99 -3.84
CA SER A 22 -8.13 -7.91 -4.17
C SER A 22 -8.62 -6.57 -3.62
N ILE A 23 -7.80 -5.52 -3.74
CA ILE A 23 -8.19 -4.15 -3.34
C ILE A 23 -7.23 -3.12 -3.97
N LYS A 24 -7.69 -1.88 -4.17
CA LYS A 24 -6.87 -0.83 -4.76
C LYS A 24 -6.45 0.16 -3.66
N VAL A 25 -5.19 0.52 -3.62
CA VAL A 25 -4.66 1.47 -2.64
C VAL A 25 -3.84 2.48 -3.45
N ASN A 26 -3.73 3.71 -2.98
CA ASN A 26 -3.06 4.76 -3.75
C ASN A 26 -1.56 4.85 -3.50
N LEU A 27 -0.88 5.35 -4.52
CA LEU A 27 0.57 5.50 -4.51
C LEU A 27 0.97 6.94 -4.84
N ILE A 28 2.12 7.33 -4.33
CA ILE A 28 2.69 8.68 -4.52
C ILE A 28 2.65 9.11 -6.00
N LYS A 29 2.07 10.29 -6.24
CA LYS A 29 1.98 10.88 -7.58
C LYS A 29 2.64 12.26 -7.67
N GLN A 30 3.42 12.62 -6.66
CA GLN A 30 4.06 13.94 -6.58
C GLN A 30 5.39 13.78 -5.86
N ASP A 31 6.29 14.75 -5.96
CA ASP A 31 7.53 14.67 -5.19
C ASP A 31 7.19 15.15 -3.78
N ASP A 32 7.26 14.25 -2.82
CA ASP A 32 6.93 14.55 -1.44
C ASP A 32 8.04 15.27 -0.71
N GLY A 33 9.18 15.38 -1.35
CA GLY A 33 10.34 15.96 -0.71
C GLY A 33 11.30 16.66 -1.62
N GLY A 34 12.54 16.20 -1.54
CA GLY A 34 13.63 16.82 -2.27
C GLY A 34 14.14 16.06 -3.48
N SER A 35 13.60 14.87 -3.72
CA SER A 35 14.03 14.03 -4.83
C SER A 35 12.92 13.03 -5.07
N PRO A 36 12.69 12.66 -6.35
CA PRO A 36 11.59 11.72 -6.59
C PRO A 36 11.82 10.34 -5.99
N ILE A 37 10.71 9.62 -5.87
CA ILE A 37 10.69 8.27 -5.33
C ILE A 37 11.44 7.35 -6.30
N ARG A 38 12.07 6.31 -5.76
CA ARG A 38 12.75 5.30 -6.55
C ARG A 38 11.78 4.12 -6.74
N HIS A 39 11.31 3.58 -5.62
CA HIS A 39 10.43 2.40 -5.62
C HIS A 39 9.36 2.46 -4.53
N TYR A 40 8.46 1.49 -4.54
CA TYR A 40 7.44 1.33 -3.50
C TYR A 40 7.54 -0.07 -2.94
N LEU A 41 7.27 -0.19 -1.65
CA LEU A 41 7.31 -1.49 -0.98
C LEU A 41 6.00 -1.66 -0.19
N VAL A 42 5.30 -2.76 -0.42
CA VAL A 42 4.03 -3.04 0.29
C VAL A 42 4.14 -4.36 1.05
N ARG A 43 3.59 -4.41 2.26
CA ARG A 43 3.62 -5.61 3.12
C ARG A 43 2.19 -5.83 3.62
N TYR A 44 1.65 -7.03 3.51
CA TYR A 44 0.26 -7.27 3.93
C TYR A 44 0.06 -8.68 4.48
N ARG A 45 -0.91 -8.83 5.37
CA ARG A 45 -1.19 -10.10 6.05
C ARG A 45 -2.67 -10.16 6.35
N ALA A 46 -3.22 -11.36 6.43
CA ALA A 46 -4.64 -11.56 6.72
C ALA A 46 -4.79 -12.62 7.80
N LEU A 47 -6.02 -12.94 8.16
CA LEU A 47 -6.25 -13.95 9.19
C LEU A 47 -5.64 -15.30 8.78
N SER A 48 -5.78 -15.68 7.52
CA SER A 48 -5.16 -16.91 7.03
C SER A 48 -3.92 -16.68 6.16
N SER A 49 -3.84 -15.52 5.51
CA SER A 49 -2.68 -15.20 4.65
C SER A 49 -1.50 -14.65 5.43
N GLU A 50 -0.34 -15.24 5.23
CA GLU A 50 0.93 -14.82 5.85
C GLU A 50 1.33 -13.38 5.47
N TRP A 51 2.27 -12.82 6.23
CA TRP A 51 2.86 -11.51 5.90
C TRP A 51 3.67 -11.60 4.63
N LYS A 52 3.11 -11.14 3.52
CA LYS A 52 3.85 -11.10 2.27
C LYS A 52 4.86 -9.98 2.50
N PRO A 53 6.16 -10.24 2.27
CA PRO A 53 7.17 -9.26 2.68
C PRO A 53 7.34 -8.04 1.78
N GLU A 54 7.08 -8.19 0.49
CA GLU A 54 7.32 -7.12 -0.46
C GLU A 54 6.43 -7.23 -1.69
N ILE A 55 5.86 -6.11 -2.10
CA ILE A 55 5.32 -5.98 -3.42
C ILE A 55 6.06 -4.74 -3.89
N ARG A 56 6.90 -4.95 -4.88
CA ARG A 56 7.70 -3.93 -5.55
C ARG A 56 6.82 -3.13 -6.42
N LEU A 57 7.03 -1.83 -6.55
CA LEU A 57 6.49 -1.13 -7.71
C LEU A 57 7.39 0.06 -8.09
N PRO A 58 7.40 0.46 -9.38
CA PRO A 58 8.28 1.55 -9.78
C PRO A 58 7.72 2.91 -9.42
N SER A 59 8.55 3.94 -9.44
CA SER A 59 8.11 5.31 -9.17
C SER A 59 7.05 5.78 -10.18
N GLY A 60 6.99 5.10 -11.32
CA GLY A 60 6.00 5.43 -12.35
C GLY A 60 4.63 4.78 -12.13
N SER A 61 4.35 4.29 -10.93
CA SER A 61 3.04 3.70 -10.62
C SER A 61 2.40 4.61 -9.56
N ASP A 62 1.20 5.12 -9.84
CA ASP A 62 0.52 6.04 -8.91
C ASP A 62 -0.59 5.34 -8.12
N HIS A 63 -0.74 4.04 -8.35
CA HIS A 63 -1.71 3.23 -7.62
C HIS A 63 -1.17 1.82 -7.61
N VAL A 64 -1.70 1.00 -6.71
CA VAL A 64 -1.31 -0.40 -6.63
C VAL A 64 -2.57 -1.19 -6.32
N MET A 65 -2.70 -2.36 -6.94
CA MET A 65 -3.82 -3.24 -6.65
C MET A 65 -3.24 -4.53 -6.10
N LEU A 66 -3.58 -4.83 -4.87
CA LEU A 66 -3.10 -6.02 -4.19
C LEU A 66 -4.11 -7.10 -4.44
N LYS A 67 -3.68 -8.35 -4.35
CA LYS A 67 -4.54 -9.50 -4.55
C LYS A 67 -3.89 -10.64 -3.79
N SER A 68 -4.49 -11.82 -3.83
CA SER A 68 -4.00 -12.98 -3.08
C SER A 68 -3.99 -12.65 -1.60
N LEU A 69 -5.14 -12.15 -1.16
CA LEU A 69 -5.38 -11.73 0.20
C LEU A 69 -6.76 -12.27 0.59
N ASP A 70 -7.05 -12.33 1.88
CA ASP A 70 -8.34 -12.85 2.32
C ASP A 70 -9.39 -11.81 1.97
N TRP A 71 -10.55 -12.24 1.50
CA TRP A 71 -11.63 -11.30 1.20
C TRP A 71 -12.82 -11.51 2.13
N ASN A 72 -13.04 -12.74 2.57
CA ASN A 72 -14.15 -13.07 3.46
C ASN A 72 -13.70 -12.95 4.92
N ALA A 73 -12.49 -12.44 5.10
CA ALA A 73 -11.88 -12.28 6.40
C ALA A 73 -11.05 -11.02 6.30
N GLU A 74 -10.67 -10.46 7.43
CA GLU A 74 -9.93 -9.20 7.46
C GLU A 74 -8.44 -9.34 7.23
N TYR A 75 -7.87 -8.29 6.68
CA TYR A 75 -6.45 -8.21 6.41
C TYR A 75 -5.97 -6.80 6.62
N GLU A 76 -4.68 -6.66 6.87
CA GLU A 76 -4.03 -5.39 7.12
C GLU A 76 -2.98 -5.17 6.04
N VAL A 77 -2.83 -3.93 5.61
CA VAL A 77 -1.87 -3.57 4.57
C VAL A 77 -1.01 -2.41 5.04
N TYR A 78 0.30 -2.54 4.90
CA TYR A 78 1.25 -1.48 5.22
C TYR A 78 1.99 -1.16 3.94
N VAL A 79 2.21 0.11 3.68
CA VAL A 79 2.87 0.54 2.45
C VAL A 79 3.83 1.67 2.79
N VAL A 80 4.97 1.68 2.13
CA VAL A 80 5.97 2.75 2.29
C VAL A 80 6.51 3.10 0.91
N ALA A 81 7.06 4.30 0.81
CA ALA A 81 7.71 4.76 -0.41
C ALA A 81 9.20 4.72 -0.13
N GLU A 82 10.00 4.49 -1.15
CA GLU A 82 11.44 4.46 -1.02
C GLU A 82 11.97 5.47 -2.03
N ASN A 83 12.70 6.47 -1.57
CA ASN A 83 13.24 7.47 -2.48
C ASN A 83 14.75 7.36 -2.39
N GLN A 84 15.45 8.09 -3.25
CA GLN A 84 16.91 7.96 -3.34
C GLN A 84 17.69 8.50 -2.12
N GLN A 85 16.99 8.97 -1.09
CA GLN A 85 17.62 9.42 0.14
C GLN A 85 17.17 8.68 1.40
N GLY A 86 16.07 7.94 1.32
CA GLY A 86 15.54 7.25 2.48
C GLY A 86 14.14 6.72 2.21
N LYS A 87 13.36 6.47 3.25
CA LYS A 87 12.02 5.89 3.07
C LYS A 87 10.95 6.67 3.82
N SER A 88 9.71 6.45 3.43
CA SER A 88 8.59 7.17 4.01
C SER A 88 8.09 6.49 5.27
N LYS A 89 7.33 7.22 6.06
CA LYS A 89 6.67 6.63 7.23
C LYS A 89 5.61 5.70 6.65
N ALA A 90 5.33 4.61 7.34
CA ALA A 90 4.32 3.67 6.89
C ALA A 90 2.91 4.22 7.11
N ALA A 91 2.01 3.82 6.24
CA ALA A 91 0.59 4.10 6.39
C ALA A 91 -0.05 2.73 6.32
N HIS A 92 -1.13 2.52 7.04
CA HIS A 92 -1.80 1.22 7.08
C HIS A 92 -3.31 1.32 7.12
N PHE A 93 -3.96 0.32 6.55
CA PHE A 93 -5.42 0.26 6.55
C PHE A 93 -5.86 -1.21 6.64
N VAL A 94 -7.07 -1.43 7.11
CA VAL A 94 -7.62 -2.78 7.33
C VAL A 94 -8.94 -2.86 6.55
N PHE A 95 -9.24 -4.00 5.95
CA PHE A 95 -10.45 -4.15 5.13
C PHE A 95 -10.90 -5.61 5.07
N ARG A 96 -12.18 -5.82 4.76
CA ARG A 96 -12.75 -7.13 4.47
C ARG A 96 -14.01 -6.84 3.68
N THR A 97 -14.54 -7.82 2.97
CA THR A 97 -15.78 -7.66 2.22
C THR A 97 -16.65 -8.85 2.61
N HIS A 98 -17.83 -8.97 2.02
CA HIS A 98 -18.78 -10.04 2.36
C HIS A 98 -19.01 -10.13 3.87
N HIS A 99 -19.68 -9.13 4.41
CA HIS A 99 -20.01 -9.11 5.85
C HIS A 99 -21.00 -10.25 6.16
N HIS A 100 -21.57 -10.82 5.11
CA HIS A 100 -22.43 -11.98 5.20
C HIS A 100 -22.04 -12.85 4.00
N HIS A 101 -21.99 -14.15 4.20
CA HIS A 101 -21.62 -15.09 3.16
C HIS A 101 -22.26 -16.42 3.58
N HIS A 102 -22.25 -17.41 2.71
CA HIS A 102 -22.86 -18.70 3.00
C HIS A 102 -21.82 -19.81 2.87
N HIS A 103 -22.06 -20.93 3.55
CA HIS A 103 -21.18 -22.09 3.51
C HIS A 103 -22.07 -23.22 3.98
N MET A 1 23.35 14.48 -0.23
CA MET A 1 22.20 13.78 0.42
C MET A 1 21.51 14.69 1.44
N GLN A 2 22.24 15.58 2.07
CA GLN A 2 21.70 16.47 3.11
C GLN A 2 20.53 17.41 2.70
N PRO A 3 20.56 18.02 1.49
CA PRO A 3 19.44 18.93 1.24
C PRO A 3 18.11 18.27 0.82
N VAL A 4 18.08 16.96 0.67
CA VAL A 4 16.87 16.27 0.22
C VAL A 4 16.32 15.41 1.37
N ARG A 5 15.05 15.65 1.67
CA ARG A 5 14.35 14.95 2.75
C ARG A 5 13.76 13.61 2.30
N GLU A 6 13.34 12.82 3.27
CA GLU A 6 12.65 11.56 3.00
C GLU A 6 11.22 11.88 2.54
N PRO A 7 10.57 10.96 1.80
CA PRO A 7 9.22 11.26 1.31
C PRO A 7 8.09 11.20 2.34
N SER A 8 6.95 11.77 1.95
CA SER A 8 5.75 11.81 2.77
C SER A 8 5.07 10.45 2.79
N ALA A 9 4.31 10.19 3.83
CA ALA A 9 3.57 8.94 3.94
C ALA A 9 2.64 8.81 2.72
N PRO A 10 2.48 7.58 2.18
CA PRO A 10 1.60 7.43 1.01
C PRO A 10 0.15 7.70 1.35
N LYS A 11 -0.62 8.07 0.32
CA LYS A 11 -2.04 8.37 0.50
C LYS A 11 -2.76 7.05 0.71
N LEU A 12 -3.96 7.10 1.26
CA LEU A 12 -4.77 5.91 1.37
C LEU A 12 -6.23 6.30 1.25
N GLU A 13 -6.95 5.61 0.37
CA GLU A 13 -8.38 5.82 0.18
C GLU A 13 -9.17 4.55 0.48
N GLY A 14 -8.52 3.40 0.33
CA GLY A 14 -9.18 2.12 0.62
C GLY A 14 -10.30 1.85 -0.36
N GLN A 15 -10.02 1.98 -1.64
CA GLN A 15 -11.05 1.80 -2.67
C GLN A 15 -11.34 0.31 -2.75
N MET A 16 -12.58 -0.04 -2.46
CA MET A 16 -12.99 -1.43 -2.36
C MET A 16 -12.68 -2.24 -3.61
N GLY A 17 -12.14 -3.43 -3.39
CA GLY A 17 -11.85 -4.32 -4.49
C GLY A 17 -13.06 -5.18 -4.79
N GLU A 18 -14.00 -4.62 -5.54
CA GLU A 18 -15.22 -5.31 -5.96
C GLU A 18 -14.85 -6.46 -6.91
N ASP A 19 -13.60 -6.44 -7.36
CA ASP A 19 -13.01 -7.48 -8.19
C ASP A 19 -13.02 -8.83 -7.46
N GLY A 20 -13.05 -8.75 -6.13
CA GLY A 20 -13.00 -9.94 -5.30
C GLY A 20 -11.57 -10.39 -5.06
N ASN A 21 -11.28 -10.83 -3.83
CA ASN A 21 -9.95 -11.33 -3.45
C ASN A 21 -8.85 -10.28 -3.72
N SER A 22 -9.24 -9.02 -3.82
CA SER A 22 -8.34 -7.92 -4.20
C SER A 22 -8.76 -6.58 -3.58
N ILE A 23 -7.91 -5.56 -3.69
CA ILE A 23 -8.24 -4.18 -3.27
C ILE A 23 -7.31 -3.16 -3.96
N LYS A 24 -7.74 -1.91 -4.08
CA LYS A 24 -6.93 -0.84 -4.68
C LYS A 24 -6.49 0.11 -3.56
N VAL A 25 -5.20 0.36 -3.43
CA VAL A 25 -4.69 1.31 -2.42
C VAL A 25 -3.91 2.39 -3.16
N ASN A 26 -4.03 3.61 -2.65
CA ASN A 26 -3.43 4.81 -3.26
C ASN A 26 -1.91 4.87 -3.16
N LEU A 27 -1.27 5.35 -4.22
CA LEU A 27 0.18 5.53 -4.26
C LEU A 27 0.64 6.95 -4.62
N ILE A 28 1.83 7.31 -4.14
CA ILE A 28 2.46 8.59 -4.47
C ILE A 28 2.70 8.67 -5.98
N LYS A 29 2.38 9.81 -6.58
CA LYS A 29 2.60 10.01 -8.03
C LYS A 29 3.49 11.20 -8.37
N GLN A 30 4.19 11.74 -7.39
CA GLN A 30 5.04 12.92 -7.59
C GLN A 30 6.18 12.86 -6.59
N ASP A 31 7.11 13.80 -6.63
CA ASP A 31 8.16 13.85 -5.61
C ASP A 31 7.54 14.51 -4.38
N ASP A 32 7.87 13.98 -3.20
CA ASP A 32 7.28 14.49 -1.96
C ASP A 32 8.29 15.29 -1.15
N GLY A 33 9.43 15.58 -1.75
CA GLY A 33 10.46 16.28 -1.02
C GLY A 33 11.58 16.86 -1.86
N GLY A 34 12.76 16.26 -1.73
CA GLY A 34 13.93 16.78 -2.45
C GLY A 34 14.36 15.95 -3.64
N SER A 35 13.68 14.84 -3.89
CA SER A 35 13.99 13.97 -5.02
C SER A 35 12.78 13.10 -5.28
N PRO A 36 12.62 12.57 -6.51
CA PRO A 36 11.50 11.67 -6.71
C PRO A 36 11.71 10.35 -5.98
N ILE A 37 10.64 9.60 -5.85
CA ILE A 37 10.66 8.28 -5.23
C ILE A 37 11.47 7.38 -6.17
N ARG A 38 12.10 6.35 -5.64
CA ARG A 38 12.83 5.37 -6.44
C ARG A 38 11.96 4.11 -6.57
N HIS A 39 11.48 3.59 -5.43
CA HIS A 39 10.67 2.36 -5.42
C HIS A 39 9.53 2.46 -4.39
N TYR A 40 8.57 1.55 -4.49
CA TYR A 40 7.51 1.41 -3.49
C TYR A 40 7.54 0.00 -2.95
N LEU A 41 7.27 -0.13 -1.65
CA LEU A 41 7.28 -1.43 -0.99
C LEU A 41 5.97 -1.58 -0.21
N VAL A 42 5.25 -2.65 -0.46
CA VAL A 42 3.98 -2.92 0.25
C VAL A 42 4.09 -4.24 0.99
N ARG A 43 3.69 -4.27 2.26
CA ARG A 43 3.76 -5.48 3.08
C ARG A 43 2.35 -5.70 3.62
N TYR A 44 1.79 -6.88 3.48
CA TYR A 44 0.42 -7.12 3.95
C TYR A 44 0.27 -8.53 4.48
N ARG A 45 -0.66 -8.72 5.39
CA ARG A 45 -0.88 -10.01 6.06
C ARG A 45 -2.38 -10.18 6.20
N ALA A 46 -2.85 -11.40 6.10
CA ALA A 46 -4.28 -11.68 6.13
C ALA A 46 -4.60 -12.66 7.26
N LEU A 47 -5.87 -12.95 7.48
CA LEU A 47 -6.26 -13.91 8.50
C LEU A 47 -5.70 -15.29 8.17
N SER A 48 -5.75 -15.65 6.90
CA SER A 48 -5.28 -16.94 6.42
C SER A 48 -3.87 -16.94 5.83
N SER A 49 -3.17 -15.80 5.86
CA SER A 49 -1.83 -15.73 5.26
C SER A 49 -0.86 -14.82 6.02
N GLU A 50 0.40 -15.19 5.97
CA GLU A 50 1.47 -14.48 6.68
C GLU A 50 1.82 -13.15 6.00
N TRP A 51 2.77 -12.42 6.57
CA TRP A 51 3.23 -11.16 6.00
C TRP A 51 3.93 -11.37 4.67
N LYS A 52 3.29 -10.96 3.59
CA LYS A 52 3.92 -11.00 2.27
C LYS A 52 4.97 -9.89 2.38
N PRO A 53 6.23 -10.17 2.00
CA PRO A 53 7.29 -9.19 2.32
C PRO A 53 7.27 -7.89 1.52
N GLU A 54 7.13 -7.96 0.20
CA GLU A 54 7.16 -6.78 -0.64
C GLU A 54 6.37 -6.98 -1.92
N ILE A 55 5.52 -6.01 -2.24
CA ILE A 55 4.95 -5.93 -3.56
C ILE A 55 5.70 -4.73 -4.13
N ARG A 56 6.50 -5.01 -5.14
CA ARG A 56 7.32 -4.00 -5.82
C ARG A 56 6.43 -3.07 -6.57
N LEU A 57 6.74 -1.79 -6.63
CA LEU A 57 6.17 -0.95 -7.70
C LEU A 57 7.14 0.18 -8.08
N PRO A 58 7.14 0.61 -9.36
CA PRO A 58 8.07 1.69 -9.74
C PRO A 58 7.56 3.05 -9.29
N SER A 59 8.45 4.03 -9.26
CA SER A 59 8.13 5.38 -8.80
C SER A 59 6.96 6.08 -9.49
N GLY A 60 6.66 5.69 -10.72
CA GLY A 60 5.57 6.30 -11.47
C GLY A 60 4.22 5.64 -11.31
N SER A 61 4.09 4.67 -10.41
CA SER A 61 2.81 3.99 -10.22
C SER A 61 1.93 4.86 -9.31
N ASP A 62 0.73 5.20 -9.75
CA ASP A 62 -0.18 6.08 -9.00
C ASP A 62 -1.07 5.32 -8.01
N HIS A 63 -1.15 4.01 -8.18
CA HIS A 63 -1.92 3.17 -7.27
C HIS A 63 -1.27 1.79 -7.27
N VAL A 64 -1.70 0.94 -6.35
CA VAL A 64 -1.23 -0.44 -6.32
C VAL A 64 -2.45 -1.34 -6.17
N MET A 65 -2.55 -2.32 -7.06
CA MET A 65 -3.62 -3.31 -7.01
C MET A 65 -3.11 -4.51 -6.22
N LEU A 66 -3.68 -4.75 -5.05
CA LEU A 66 -3.31 -5.90 -4.24
C LEU A 66 -4.32 -6.98 -4.48
N LYS A 67 -3.90 -8.22 -4.28
CA LYS A 67 -4.74 -9.40 -4.50
C LYS A 67 -4.07 -10.48 -3.68
N SER A 68 -4.58 -11.71 -3.76
CA SER A 68 -4.07 -12.84 -2.98
C SER A 68 -4.18 -12.49 -1.50
N LEU A 69 -5.38 -12.08 -1.10
CA LEU A 69 -5.69 -11.66 0.25
C LEU A 69 -7.08 -12.16 0.58
N ASP A 70 -7.41 -12.26 1.86
CA ASP A 70 -8.72 -12.72 2.28
C ASP A 70 -9.74 -11.64 1.93
N TRP A 71 -10.95 -12.04 1.60
CA TRP A 71 -12.00 -11.09 1.29
C TRP A 71 -13.09 -11.17 2.35
N ASN A 72 -13.54 -12.39 2.64
CA ASN A 72 -14.58 -12.65 3.64
C ASN A 72 -14.02 -12.63 5.07
N ALA A 73 -12.76 -12.29 5.19
CA ALA A 73 -12.08 -12.20 6.48
C ALA A 73 -11.17 -11.00 6.33
N GLU A 74 -10.74 -10.41 7.42
CA GLU A 74 -9.97 -9.17 7.35
C GLU A 74 -8.47 -9.38 7.22
N TYR A 75 -7.83 -8.35 6.67
CA TYR A 75 -6.39 -8.35 6.43
C TYR A 75 -5.91 -6.93 6.64
N GLU A 76 -4.61 -6.79 6.87
CA GLU A 76 -3.99 -5.48 7.12
C GLU A 76 -2.92 -5.23 6.07
N VAL A 77 -2.78 -3.98 5.66
CA VAL A 77 -1.84 -3.57 4.62
C VAL A 77 -0.98 -2.42 5.10
N TYR A 78 0.32 -2.50 4.90
CA TYR A 78 1.26 -1.41 5.18
C TYR A 78 1.95 -1.07 3.88
N VAL A 79 2.15 0.21 3.62
CA VAL A 79 2.79 0.65 2.38
C VAL A 79 3.74 1.79 2.71
N VAL A 80 4.91 1.77 2.09
CA VAL A 80 5.91 2.82 2.26
C VAL A 80 6.50 3.16 0.89
N ALA A 81 7.11 4.33 0.81
CA ALA A 81 7.79 4.78 -0.39
C ALA A 81 9.26 4.84 -0.04
N GLU A 82 10.10 4.63 -1.03
CA GLU A 82 11.55 4.66 -0.84
C GLU A 82 12.12 5.58 -1.89
N ASN A 83 12.75 6.67 -1.48
CA ASN A 83 13.35 7.60 -2.44
C ASN A 83 14.85 7.35 -2.38
N GLN A 84 15.61 8.11 -3.13
CA GLN A 84 17.05 7.88 -3.22
C GLN A 84 17.84 8.30 -1.95
N GLN A 85 17.14 8.78 -0.92
CA GLN A 85 17.78 9.20 0.34
C GLN A 85 17.28 8.43 1.57
N GLY A 86 16.05 7.94 1.54
CA GLY A 86 15.49 7.25 2.68
C GLY A 86 14.08 6.77 2.41
N LYS A 87 13.29 6.53 3.46
CA LYS A 87 11.93 6.00 3.30
C LYS A 87 10.85 6.82 3.97
N SER A 88 9.63 6.61 3.50
CA SER A 88 8.48 7.35 3.99
C SER A 88 7.94 6.73 5.26
N LYS A 89 7.14 7.49 5.99
CA LYS A 89 6.45 6.94 7.15
C LYS A 89 5.44 5.96 6.57
N ALA A 90 5.22 4.84 7.25
CA ALA A 90 4.25 3.87 6.79
C ALA A 90 2.82 4.37 6.96
N ALA A 91 1.95 3.95 6.06
CA ALA A 91 0.52 4.20 6.18
C ALA A 91 -0.08 2.80 6.17
N HIS A 92 -1.14 2.59 6.94
CA HIS A 92 -1.75 1.27 7.04
C HIS A 92 -3.26 1.31 7.16
N PHE A 93 -3.91 0.28 6.64
CA PHE A 93 -5.37 0.16 6.71
C PHE A 93 -5.77 -1.32 6.80
N VAL A 94 -6.97 -1.56 7.32
CA VAL A 94 -7.51 -2.90 7.51
C VAL A 94 -8.84 -2.95 6.75
N PHE A 95 -9.15 -4.06 6.09
CA PHE A 95 -10.37 -4.16 5.29
C PHE A 95 -10.93 -5.58 5.24
N ARG A 96 -12.24 -5.71 5.03
CA ARG A 96 -12.94 -6.99 4.82
C ARG A 96 -14.19 -6.65 4.03
N THR A 97 -14.72 -7.63 3.31
CA THR A 97 -15.91 -7.43 2.46
C THR A 97 -16.70 -8.75 2.45
N HIS A 98 -17.85 -8.77 1.79
CA HIS A 98 -18.71 -9.98 1.67
C HIS A 98 -19.02 -10.64 3.02
N HIS A 99 -18.99 -9.86 4.09
CA HIS A 99 -19.19 -10.37 5.44
C HIS A 99 -20.68 -10.54 5.76
N HIS A 100 -21.32 -11.46 5.05
CA HIS A 100 -22.74 -11.74 5.20
C HIS A 100 -22.90 -13.23 5.38
N HIS A 101 -23.91 -13.66 6.12
CA HIS A 101 -24.14 -15.08 6.35
C HIS A 101 -24.69 -15.70 5.07
N HIS A 102 -24.18 -16.87 4.70
CA HIS A 102 -24.65 -17.58 3.52
C HIS A 102 -26.05 -18.12 3.77
N HIS A 103 -26.95 -17.87 2.83
CA HIS A 103 -28.32 -18.35 2.86
C HIS A 103 -28.60 -18.61 1.39
N MET A 1 22.67 14.98 -1.42
CA MET A 1 21.75 14.15 -0.60
C MET A 1 21.08 15.00 0.50
N GLN A 2 21.82 15.80 1.25
CA GLN A 2 21.22 16.58 2.35
C GLN A 2 20.06 17.56 2.03
N PRO A 3 20.04 18.24 0.85
CA PRO A 3 18.91 19.16 0.71
C PRO A 3 17.54 18.52 0.42
N VAL A 4 17.49 17.22 0.19
CA VAL A 4 16.24 16.53 -0.11
C VAL A 4 15.87 15.70 1.11
N ARG A 5 14.60 15.76 1.51
CA ARG A 5 14.12 15.02 2.68
C ARG A 5 13.54 13.68 2.26
N GLU A 6 13.37 12.81 3.24
CA GLU A 6 12.75 11.50 3.00
C GLU A 6 11.30 11.73 2.58
N PRO A 7 10.72 10.80 1.79
CA PRO A 7 9.34 11.04 1.39
C PRO A 7 8.31 10.98 2.52
N SER A 8 7.18 11.61 2.28
CA SER A 8 6.05 11.64 3.21
C SER A 8 5.36 10.30 3.22
N ALA A 9 4.67 9.99 4.32
CA ALA A 9 3.92 8.75 4.43
C ALA A 9 2.98 8.62 3.20
N PRO A 10 2.78 7.38 2.70
CA PRO A 10 1.95 7.24 1.50
C PRO A 10 0.49 7.59 1.70
N LYS A 11 -0.17 7.86 0.59
CA LYS A 11 -1.57 8.29 0.60
C LYS A 11 -2.43 7.04 0.52
N LEU A 12 -3.65 7.11 1.03
CA LEU A 12 -4.54 5.96 1.00
C LEU A 12 -5.98 6.41 0.86
N GLU A 13 -6.70 5.79 -0.06
CA GLU A 13 -8.13 6.04 -0.26
C GLU A 13 -8.97 4.81 0.08
N GLY A 14 -8.38 3.63 -0.04
CA GLY A 14 -9.09 2.40 0.28
C GLY A 14 -10.18 2.09 -0.72
N GLN A 15 -9.85 2.12 -2.00
CA GLN A 15 -10.84 1.90 -3.04
C GLN A 15 -11.14 0.41 -3.05
N MET A 16 -12.38 0.08 -2.74
CA MET A 16 -12.80 -1.31 -2.57
C MET A 16 -12.59 -2.13 -3.84
N GLY A 17 -12.16 -3.36 -3.65
CA GLY A 17 -11.95 -4.25 -4.78
C GLY A 17 -13.25 -4.93 -5.18
N GLU A 18 -13.97 -4.33 -6.12
CA GLU A 18 -15.22 -4.89 -6.64
C GLU A 18 -14.93 -6.19 -7.39
N ASP A 19 -13.65 -6.36 -7.72
CA ASP A 19 -13.11 -7.51 -8.41
C ASP A 19 -13.14 -8.75 -7.52
N GLY A 20 -13.16 -8.51 -6.21
CA GLY A 20 -13.07 -9.57 -5.23
C GLY A 20 -11.63 -10.04 -5.08
N ASN A 21 -11.32 -10.61 -3.92
CA ASN A 21 -9.98 -11.16 -3.61
C ASN A 21 -8.82 -10.16 -3.86
N SER A 22 -9.13 -8.87 -3.93
CA SER A 22 -8.14 -7.85 -4.23
C SER A 22 -8.61 -6.47 -3.73
N ILE A 23 -7.76 -5.46 -3.83
CA ILE A 23 -8.08 -4.08 -3.44
C ILE A 23 -7.13 -3.10 -4.11
N LYS A 24 -7.58 -1.86 -4.32
CA LYS A 24 -6.76 -0.82 -4.96
C LYS A 24 -6.36 0.18 -3.88
N VAL A 25 -5.08 0.30 -3.59
CA VAL A 25 -4.61 1.23 -2.56
C VAL A 25 -3.80 2.33 -3.27
N ASN A 26 -4.02 3.56 -2.85
CA ASN A 26 -3.37 4.73 -3.44
C ASN A 26 -1.87 4.73 -3.20
N LEU A 27 -1.13 5.29 -4.14
CA LEU A 27 0.31 5.44 -4.00
C LEU A 27 0.70 6.90 -4.20
N ILE A 28 1.99 7.18 -4.11
CA ILE A 28 2.50 8.52 -4.33
C ILE A 28 2.59 8.76 -5.84
N LYS A 29 1.97 9.83 -6.32
CA LYS A 29 2.03 10.21 -7.75
C LYS A 29 2.60 11.62 -7.99
N GLN A 30 3.20 12.20 -6.97
CA GLN A 30 3.81 13.54 -7.05
C GLN A 30 5.05 13.53 -6.18
N ASP A 31 5.91 14.53 -6.30
CA ASP A 31 7.09 14.59 -5.42
C ASP A 31 6.60 14.70 -3.98
N ASP A 32 7.07 13.81 -3.12
CA ASP A 32 6.55 13.71 -1.77
C ASP A 32 7.40 14.38 -0.70
N GLY A 33 8.41 15.12 -1.12
CA GLY A 33 9.25 15.83 -0.17
C GLY A 33 10.42 16.53 -0.81
N GLY A 34 11.49 15.78 -1.03
CA GLY A 34 12.70 16.36 -1.58
C GLY A 34 13.01 16.04 -3.03
N SER A 35 12.65 14.82 -3.45
CA SER A 35 12.94 14.35 -4.80
C SER A 35 11.94 13.25 -5.11
N PRO A 36 11.78 12.87 -6.40
CA PRO A 36 10.84 11.79 -6.67
C PRO A 36 11.28 10.45 -6.08
N ILE A 37 10.31 9.59 -5.91
CA ILE A 37 10.51 8.25 -5.34
C ILE A 37 11.37 7.44 -6.31
N ARG A 38 12.05 6.43 -5.79
CA ARG A 38 12.82 5.49 -6.62
C ARG A 38 12.04 4.16 -6.62
N HIS A 39 11.64 3.67 -5.46
CA HIS A 39 10.88 2.42 -5.35
C HIS A 39 9.72 2.47 -4.33
N TYR A 40 8.78 1.54 -4.45
CA TYR A 40 7.69 1.37 -3.48
C TYR A 40 7.74 -0.04 -2.94
N LEU A 41 7.44 -0.18 -1.65
CA LEU A 41 7.43 -1.48 -1.00
C LEU A 41 6.11 -1.66 -0.25
N VAL A 42 5.42 -2.76 -0.47
CA VAL A 42 4.14 -3.03 0.21
C VAL A 42 4.19 -4.39 0.90
N ARG A 43 3.58 -4.49 2.07
CA ARG A 43 3.53 -5.73 2.85
C ARG A 43 2.14 -5.84 3.44
N TYR A 44 1.53 -7.02 3.42
CA TYR A 44 0.18 -7.20 3.97
C TYR A 44 0.06 -8.57 4.61
N ARG A 45 -0.95 -8.75 5.46
CA ARG A 45 -1.18 -9.99 6.20
C ARG A 45 -2.67 -10.08 6.51
N ALA A 46 -3.20 -11.28 6.60
CA ALA A 46 -4.63 -11.51 6.84
C ALA A 46 -4.82 -12.63 7.86
N LEU A 47 -6.06 -13.06 8.05
CA LEU A 47 -6.35 -14.15 8.97
C LEU A 47 -5.64 -15.44 8.54
N SER A 48 -5.70 -15.75 7.25
CA SER A 48 -5.04 -16.94 6.71
C SER A 48 -3.76 -16.59 5.94
N SER A 49 -3.72 -15.44 5.29
CA SER A 49 -2.52 -15.03 4.55
C SER A 49 -1.45 -14.51 5.51
N GLU A 50 -0.24 -15.01 5.36
CA GLU A 50 0.89 -14.59 6.21
C GLU A 50 1.38 -13.20 5.81
N TRP A 51 2.35 -12.66 6.55
CA TRP A 51 3.00 -11.40 6.17
C TRP A 51 3.75 -11.62 4.85
N LYS A 52 3.14 -11.19 3.75
CA LYS A 52 3.75 -11.37 2.43
C LYS A 52 5.05 -10.58 2.43
N PRO A 53 6.09 -11.07 1.73
CA PRO A 53 7.39 -10.38 1.90
C PRO A 53 7.45 -8.94 1.41
N GLU A 54 7.27 -8.71 0.12
CA GLU A 54 7.34 -7.38 -0.46
C GLU A 54 6.62 -7.38 -1.80
N ILE A 55 5.89 -6.33 -2.11
CA ILE A 55 5.36 -6.14 -3.45
C ILE A 55 6.13 -4.93 -3.97
N ARG A 56 6.94 -5.18 -4.98
CA ARG A 56 7.74 -4.16 -5.66
C ARG A 56 6.83 -3.26 -6.42
N LEU A 57 7.08 -1.97 -6.50
CA LEU A 57 6.48 -1.16 -7.56
C LEU A 57 7.41 0.01 -7.95
N PRO A 58 7.43 0.41 -9.24
CA PRO A 58 8.33 1.48 -9.64
C PRO A 58 7.79 2.85 -9.28
N SER A 59 8.65 3.86 -9.33
CA SER A 59 8.29 5.24 -8.97
C SER A 59 7.09 5.82 -9.72
N GLY A 60 6.82 5.31 -10.92
CA GLY A 60 5.72 5.82 -11.73
C GLY A 60 4.38 5.15 -11.46
N SER A 61 4.31 4.28 -10.46
CA SER A 61 3.05 3.60 -10.14
C SER A 61 2.19 4.55 -9.30
N ASP A 62 1.04 4.93 -9.82
CA ASP A 62 0.13 5.88 -9.14
C ASP A 62 -0.69 5.20 -8.05
N HIS A 63 -0.87 3.91 -8.18
CA HIS A 63 -1.62 3.12 -7.21
C HIS A 63 -1.01 1.73 -7.24
N VAL A 64 -1.42 0.88 -6.31
CA VAL A 64 -0.98 -0.50 -6.27
C VAL A 64 -2.21 -1.35 -6.03
N MET A 65 -2.41 -2.37 -6.86
CA MET A 65 -3.54 -3.26 -6.67
C MET A 65 -3.08 -4.59 -6.10
N LEU A 66 -3.36 -4.79 -4.82
CA LEU A 66 -2.99 -6.02 -4.13
C LEU A 66 -4.05 -7.05 -4.45
N LYS A 67 -3.69 -8.32 -4.32
CA LYS A 67 -4.59 -9.43 -4.58
C LYS A 67 -4.01 -10.61 -3.84
N SER A 68 -4.64 -11.76 -4.00
CA SER A 68 -4.24 -12.99 -3.29
C SER A 68 -4.21 -12.68 -1.80
N LEU A 69 -5.36 -12.19 -1.32
CA LEU A 69 -5.55 -11.78 0.06
C LEU A 69 -6.89 -12.32 0.51
N ASP A 70 -7.12 -12.38 1.80
CA ASP A 70 -8.39 -12.86 2.34
C ASP A 70 -9.40 -11.77 2.03
N TRP A 71 -10.59 -12.12 1.60
CA TRP A 71 -11.60 -11.10 1.31
C TRP A 71 -12.80 -11.16 2.25
N ASN A 72 -13.12 -12.35 2.75
CA ASN A 72 -14.27 -12.53 3.64
C ASN A 72 -13.83 -12.42 5.11
N ALA A 73 -12.61 -11.93 5.31
CA ALA A 73 -12.02 -11.79 6.63
C ALA A 73 -11.17 -10.54 6.55
N GLU A 74 -10.80 -9.99 7.69
CA GLU A 74 -10.06 -8.73 7.72
C GLU A 74 -8.58 -8.95 7.50
N TYR A 75 -7.97 -8.01 6.81
CA TYR A 75 -6.54 -8.02 6.55
C TYR A 75 -5.99 -6.63 6.70
N GLU A 76 -4.70 -6.54 6.98
CA GLU A 76 -4.02 -5.27 7.19
C GLU A 76 -2.96 -5.10 6.11
N VAL A 77 -2.78 -3.87 5.65
CA VAL A 77 -1.84 -3.54 4.59
C VAL A 77 -0.94 -2.41 5.04
N TYR A 78 0.37 -2.59 4.90
CA TYR A 78 1.36 -1.57 5.21
C TYR A 78 2.08 -1.22 3.92
N VAL A 79 2.36 0.06 3.73
CA VAL A 79 3.03 0.51 2.53
C VAL A 79 4.01 1.61 2.91
N VAL A 80 5.16 1.62 2.25
CA VAL A 80 6.18 2.65 2.43
C VAL A 80 6.70 3.01 1.05
N ALA A 81 7.28 4.19 0.96
CA ALA A 81 7.88 4.68 -0.27
C ALA A 81 9.35 4.85 0.01
N GLU A 82 10.18 4.71 -1.00
CA GLU A 82 11.62 4.85 -0.84
C GLU A 82 12.14 5.75 -1.94
N ASN A 83 13.08 6.62 -1.60
CA ASN A 83 13.79 7.39 -2.60
C ASN A 83 15.27 7.18 -2.27
N GLN A 84 16.14 7.60 -3.17
CA GLN A 84 17.58 7.40 -3.01
C GLN A 84 18.24 8.14 -1.83
N GLN A 85 17.45 8.86 -1.03
CA GLN A 85 17.94 9.54 0.17
C GLN A 85 17.37 8.93 1.47
N GLY A 86 16.32 8.13 1.38
CA GLY A 86 15.71 7.56 2.57
C GLY A 86 14.32 7.02 2.31
N LYS A 87 13.58 6.68 3.37
CA LYS A 87 12.26 6.05 3.22
C LYS A 87 11.17 6.76 3.99
N SER A 88 9.94 6.52 3.55
CA SER A 88 8.79 7.18 4.13
C SER A 88 8.31 6.48 5.39
N LYS A 89 7.50 7.19 6.17
CA LYS A 89 6.89 6.57 7.33
C LYS A 89 5.85 5.61 6.78
N ALA A 90 5.63 4.50 7.45
CA ALA A 90 4.62 3.54 7.03
C ALA A 90 3.22 4.11 7.27
N ALA A 91 2.28 3.68 6.45
CA ALA A 91 0.88 4.00 6.66
C ALA A 91 0.22 2.63 6.53
N HIS A 92 -0.88 2.42 7.22
CA HIS A 92 -1.57 1.15 7.20
C HIS A 92 -3.08 1.31 7.20
N PHE A 93 -3.77 0.37 6.57
CA PHE A 93 -5.23 0.37 6.56
C PHE A 93 -5.70 -1.08 6.65
N VAL A 94 -6.93 -1.26 7.12
CA VAL A 94 -7.52 -2.59 7.34
C VAL A 94 -8.81 -2.66 6.55
N PHE A 95 -9.09 -3.79 5.90
CA PHE A 95 -10.30 -3.93 5.09
C PHE A 95 -10.81 -5.37 5.07
N ARG A 96 -12.09 -5.52 4.75
CA ARG A 96 -12.77 -6.81 4.57
C ARG A 96 -14.01 -6.50 3.76
N THR A 97 -14.52 -7.46 3.02
CA THR A 97 -15.70 -7.26 2.18
C THR A 97 -16.61 -8.48 2.34
N HIS A 98 -17.81 -8.41 1.77
CA HIS A 98 -18.83 -9.48 1.85
C HIS A 98 -19.21 -9.84 3.28
N HIS A 99 -18.90 -8.96 4.23
CA HIS A 99 -19.23 -9.22 5.63
C HIS A 99 -20.75 -9.20 5.73
N HIS A 100 -21.29 -10.19 6.41
CA HIS A 100 -22.74 -10.38 6.48
C HIS A 100 -23.40 -9.35 7.39
N HIS A 101 -24.69 -9.13 7.17
CA HIS A 101 -25.50 -8.21 7.97
C HIS A 101 -25.93 -8.85 9.31
N HIS A 102 -25.26 -9.92 9.68
CA HIS A 102 -25.55 -10.65 10.91
C HIS A 102 -24.22 -11.29 11.28
N HIS A 103 -23.98 -11.46 12.57
CA HIS A 103 -22.72 -12.00 13.07
C HIS A 103 -23.04 -12.90 14.24
N MET A 1 21.46 14.16 -1.25
CA MET A 1 21.31 13.69 0.16
C MET A 1 20.92 14.85 1.09
N GLN A 2 21.88 15.60 1.61
CA GLN A 2 21.58 16.69 2.56
C GLN A 2 20.47 17.69 2.19
N PRO A 3 20.40 18.18 0.93
CA PRO A 3 19.33 19.16 0.69
C PRO A 3 17.91 18.60 0.48
N VAL A 4 17.70 17.31 0.64
CA VAL A 4 16.38 16.71 0.36
C VAL A 4 15.93 15.78 1.50
N ARG A 5 14.68 15.96 1.91
CA ARG A 5 14.07 15.17 2.98
C ARG A 5 13.63 13.77 2.51
N GLU A 6 13.36 12.91 3.47
CA GLU A 6 12.78 11.59 3.20
C GLU A 6 11.31 11.82 2.79
N PRO A 7 10.70 10.87 2.07
CA PRO A 7 9.33 11.13 1.63
C PRO A 7 8.24 11.05 2.71
N SER A 8 7.10 11.63 2.39
CA SER A 8 5.94 11.65 3.27
C SER A 8 5.22 10.31 3.18
N ALA A 9 4.49 9.95 4.22
CA ALA A 9 3.76 8.69 4.25
C ALA A 9 2.89 8.56 2.98
N PRO A 10 2.72 7.33 2.46
CA PRO A 10 1.95 7.20 1.23
C PRO A 10 0.47 7.50 1.38
N LYS A 11 -0.13 7.83 0.25
CA LYS A 11 -1.54 8.20 0.19
C LYS A 11 -2.36 6.92 0.31
N LEU A 12 -3.58 6.99 0.82
CA LEU A 12 -4.40 5.79 0.99
C LEU A 12 -5.86 6.19 0.92
N GLU A 13 -6.56 5.69 -0.09
CA GLU A 13 -7.98 6.03 -0.29
C GLU A 13 -8.89 4.79 -0.18
N GLY A 14 -8.31 3.64 0.16
CA GLY A 14 -9.08 2.42 0.38
C GLY A 14 -10.11 2.06 -0.69
N GLN A 15 -9.68 2.05 -1.94
CA GLN A 15 -10.61 1.82 -3.06
C GLN A 15 -10.93 0.34 -3.25
N MET A 16 -12.21 0.04 -3.13
CA MET A 16 -12.74 -1.33 -3.20
C MET A 16 -12.24 -2.13 -4.40
N GLY A 17 -11.96 -3.40 -4.19
CA GLY A 17 -11.55 -4.27 -5.29
C GLY A 17 -12.73 -5.05 -5.79
N GLU A 18 -13.33 -4.60 -6.88
CA GLU A 18 -14.52 -5.23 -7.45
C GLU A 18 -14.20 -6.62 -7.98
N ASP A 19 -12.94 -6.84 -8.32
CA ASP A 19 -12.43 -8.12 -8.78
C ASP A 19 -12.63 -9.21 -7.73
N GLY A 20 -12.71 -8.80 -6.47
CA GLY A 20 -12.77 -9.74 -5.37
C GLY A 20 -11.38 -10.23 -5.05
N ASN A 21 -11.16 -10.72 -3.83
CA ASN A 21 -9.87 -11.26 -3.38
C ASN A 21 -8.73 -10.25 -3.63
N SER A 22 -9.07 -8.97 -3.62
CA SER A 22 -8.14 -7.90 -3.97
C SER A 22 -8.63 -6.51 -3.52
N ILE A 23 -7.75 -5.51 -3.60
CA ILE A 23 -8.10 -4.11 -3.29
C ILE A 23 -7.07 -3.16 -3.90
N LYS A 24 -7.45 -1.90 -4.14
CA LYS A 24 -6.50 -0.91 -4.67
C LYS A 24 -6.16 0.06 -3.54
N VAL A 25 -4.90 0.41 -3.44
CA VAL A 25 -4.43 1.37 -2.44
C VAL A 25 -3.66 2.40 -3.26
N ASN A 26 -3.73 3.66 -2.86
CA ASN A 26 -3.10 4.72 -3.64
C ASN A 26 -1.61 4.78 -3.34
N LEU A 27 -0.88 5.32 -4.29
CA LEU A 27 0.55 5.48 -4.16
C LEU A 27 0.90 6.95 -4.40
N ILE A 28 2.17 7.27 -4.32
CA ILE A 28 2.65 8.62 -4.55
C ILE A 28 2.54 9.02 -6.04
N LYS A 29 1.95 10.18 -6.31
CA LYS A 29 1.92 10.74 -7.68
C LYS A 29 2.56 12.14 -7.74
N GLN A 30 3.28 12.50 -6.70
CA GLN A 30 3.92 13.81 -6.59
C GLN A 30 5.17 13.66 -5.72
N ASP A 31 6.20 14.44 -5.91
CA ASP A 31 7.38 14.31 -5.07
C ASP A 31 7.09 14.95 -3.72
N ASP A 32 7.31 14.19 -2.66
CA ASP A 32 7.00 14.63 -1.30
C ASP A 32 8.08 15.53 -0.70
N GLY A 33 9.17 15.67 -1.43
CA GLY A 33 10.30 16.42 -0.89
C GLY A 33 11.16 17.10 -1.92
N GLY A 34 12.42 16.74 -1.91
CA GLY A 34 13.41 17.34 -2.80
C GLY A 34 13.85 16.45 -3.94
N SER A 35 13.22 15.29 -4.06
CA SER A 35 13.55 14.32 -5.10
C SER A 35 12.36 13.40 -5.29
N PRO A 36 12.16 12.88 -6.50
CA PRO A 36 11.03 11.95 -6.66
C PRO A 36 11.31 10.61 -6.00
N ILE A 37 10.24 9.85 -5.78
CA ILE A 37 10.32 8.52 -5.21
C ILE A 37 11.01 7.65 -6.25
N ARG A 38 11.69 6.60 -5.82
CA ARG A 38 12.37 5.68 -6.73
C ARG A 38 11.60 4.36 -6.80
N HIS A 39 11.19 3.85 -5.64
CA HIS A 39 10.49 2.56 -5.54
C HIS A 39 9.42 2.57 -4.45
N TYR A 40 8.56 1.55 -4.47
CA TYR A 40 7.56 1.36 -3.43
C TYR A 40 7.67 -0.03 -2.88
N LEU A 41 7.37 -0.16 -1.60
CA LEU A 41 7.45 -1.44 -0.90
C LEU A 41 6.10 -1.61 -0.19
N VAL A 42 5.48 -2.78 -0.33
CA VAL A 42 4.16 -3.05 0.28
C VAL A 42 4.20 -4.41 0.97
N ARG A 43 3.60 -4.50 2.15
CA ARG A 43 3.58 -5.75 2.91
C ARG A 43 2.18 -5.95 3.49
N TYR A 44 1.60 -7.14 3.36
CA TYR A 44 0.24 -7.36 3.88
C TYR A 44 0.05 -8.79 4.41
N ARG A 45 -0.92 -8.94 5.29
CA ARG A 45 -1.21 -10.21 5.99
C ARG A 45 -2.70 -10.25 6.25
N ALA A 46 -3.28 -11.44 6.38
CA ALA A 46 -4.71 -11.60 6.59
C ALA A 46 -4.98 -12.60 7.73
N LEU A 47 -6.23 -12.75 8.14
CA LEU A 47 -6.55 -13.69 9.23
C LEU A 47 -6.15 -15.11 8.87
N SER A 48 -6.39 -15.50 7.62
CA SER A 48 -6.09 -16.84 7.14
C SER A 48 -4.84 -16.91 6.25
N SER A 49 -4.10 -15.82 6.13
CA SER A 49 -2.92 -15.80 5.27
C SER A 49 -1.75 -15.02 5.86
N GLU A 50 -0.56 -15.53 5.63
CA GLU A 50 0.67 -14.98 6.22
C GLU A 50 1.10 -13.63 5.64
N TRP A 51 2.12 -13.04 6.27
CA TRP A 51 2.73 -11.80 5.78
C TRP A 51 3.43 -12.09 4.45
N LYS A 52 3.07 -11.34 3.43
CA LYS A 52 3.74 -11.45 2.14
C LYS A 52 5.08 -10.77 2.36
N PRO A 53 6.15 -11.19 1.64
CA PRO A 53 7.44 -10.55 1.92
C PRO A 53 7.48 -9.06 1.56
N GLU A 54 7.47 -8.73 0.28
CA GLU A 54 7.47 -7.33 -0.16
C GLU A 54 6.97 -7.32 -1.61
N ILE A 55 6.17 -6.32 -1.96
CA ILE A 55 5.68 -6.22 -3.34
C ILE A 55 6.42 -5.08 -4.05
N ARG A 56 6.93 -5.41 -5.24
CA ARG A 56 7.83 -4.58 -6.06
C ARG A 56 7.23 -3.53 -7.03
N LEU A 57 7.24 -2.25 -6.71
CA LEU A 57 6.59 -1.31 -7.64
C LEU A 57 7.45 -0.08 -7.97
N PRO A 58 7.42 0.36 -9.25
CA PRO A 58 8.25 1.51 -9.66
C PRO A 58 7.61 2.82 -9.26
N SER A 59 8.41 3.89 -9.26
CA SER A 59 7.94 5.22 -8.89
C SER A 59 6.79 5.73 -9.74
N GLY A 60 6.67 5.24 -10.97
CA GLY A 60 5.61 5.68 -11.87
C GLY A 60 4.26 5.04 -11.60
N SER A 61 4.18 4.16 -10.62
CA SER A 61 2.92 3.52 -10.26
C SER A 61 2.17 4.50 -9.36
N ASP A 62 1.09 5.09 -9.84
CA ASP A 62 0.34 6.10 -9.06
C ASP A 62 -0.59 5.44 -8.03
N HIS A 63 -0.84 4.15 -8.23
CA HIS A 63 -1.64 3.36 -7.31
C HIS A 63 -1.10 1.95 -7.41
N VAL A 64 -1.53 1.07 -6.53
CA VAL A 64 -1.14 -0.33 -6.59
C VAL A 64 -2.41 -1.12 -6.31
N MET A 65 -2.48 -2.34 -6.83
CA MET A 65 -3.61 -3.23 -6.55
C MET A 65 -3.00 -4.50 -6.01
N LEU A 66 -3.51 -4.96 -4.88
CA LEU A 66 -3.02 -6.16 -4.24
C LEU A 66 -4.04 -7.23 -4.48
N LYS A 67 -3.57 -8.46 -4.64
CA LYS A 67 -4.43 -9.63 -4.86
C LYS A 67 -3.94 -10.69 -3.88
N SER A 68 -4.56 -11.85 -3.90
CA SER A 68 -4.19 -12.97 -3.03
C SER A 68 -4.22 -12.56 -1.55
N LEU A 69 -5.36 -12.02 -1.15
CA LEU A 69 -5.61 -11.57 0.21
C LEU A 69 -7.01 -12.05 0.55
N ASP A 70 -7.32 -12.15 1.82
CA ASP A 70 -8.64 -12.63 2.22
C ASP A 70 -9.63 -11.54 1.90
N TRP A 71 -10.81 -11.90 1.40
CA TRP A 71 -11.84 -10.91 1.12
C TRP A 71 -13.02 -11.15 2.06
N ASN A 72 -13.22 -12.40 2.41
CA ASN A 72 -14.32 -12.82 3.29
C ASN A 72 -13.84 -12.82 4.74
N ALA A 73 -12.64 -12.32 4.97
CA ALA A 73 -12.05 -12.24 6.29
C ALA A 73 -11.22 -10.96 6.29
N GLU A 74 -10.76 -10.56 7.47
CA GLU A 74 -10.05 -9.30 7.65
C GLU A 74 -8.57 -9.38 7.30
N TYR A 75 -8.01 -8.30 6.79
CA TYR A 75 -6.60 -8.24 6.46
C TYR A 75 -6.05 -6.84 6.67
N GLU A 76 -4.74 -6.75 6.85
CA GLU A 76 -4.05 -5.49 7.09
C GLU A 76 -3.00 -5.29 6.01
N VAL A 77 -2.79 -4.04 5.61
CA VAL A 77 -1.83 -3.69 4.56
C VAL A 77 -0.96 -2.54 5.04
N TYR A 78 0.36 -2.69 4.92
CA TYR A 78 1.32 -1.64 5.23
C TYR A 78 2.02 -1.28 3.93
N VAL A 79 2.30 -0.01 3.74
CA VAL A 79 2.93 0.45 2.52
C VAL A 79 3.88 1.60 2.86
N VAL A 80 5.01 1.66 2.20
CA VAL A 80 5.98 2.75 2.35
C VAL A 80 6.47 3.14 0.96
N ALA A 81 7.01 4.34 0.86
CA ALA A 81 7.59 4.82 -0.37
C ALA A 81 9.07 4.97 -0.09
N GLU A 82 9.90 4.79 -1.09
CA GLU A 82 11.34 4.91 -0.91
C GLU A 82 11.88 5.82 -2.01
N ASN A 83 12.51 6.92 -1.61
CA ASN A 83 13.10 7.84 -2.57
C ASN A 83 14.60 7.60 -2.49
N GLN A 84 15.38 8.32 -3.27
CA GLN A 84 16.82 8.11 -3.33
C GLN A 84 17.59 8.56 -2.07
N GLN A 85 16.86 9.06 -1.07
CA GLN A 85 17.46 9.48 0.20
C GLN A 85 17.06 8.56 1.36
N GLY A 86 15.86 8.02 1.33
CA GLY A 86 15.39 7.16 2.40
C GLY A 86 13.93 6.76 2.26
N LYS A 87 13.37 6.20 3.32
CA LYS A 87 12.01 5.68 3.32
C LYS A 87 10.99 6.63 3.91
N SER A 88 9.73 6.39 3.58
CA SER A 88 8.64 7.18 4.12
C SER A 88 8.14 6.53 5.39
N LYS A 89 7.36 7.26 6.17
CA LYS A 89 6.71 6.65 7.33
C LYS A 89 5.69 5.69 6.75
N ALA A 90 5.47 4.57 7.42
CA ALA A 90 4.48 3.61 6.97
C ALA A 90 3.07 4.13 7.18
N ALA A 91 2.18 3.75 6.29
CA ALA A 91 0.77 4.01 6.42
C ALA A 91 0.16 2.63 6.35
N HIS A 92 -0.92 2.41 7.09
CA HIS A 92 -1.56 1.10 7.13
C HIS A 92 -3.07 1.22 7.21
N PHE A 93 -3.75 0.24 6.64
CA PHE A 93 -5.21 0.21 6.70
C PHE A 93 -5.66 -1.23 6.80
N VAL A 94 -6.87 -1.43 7.33
CA VAL A 94 -7.42 -2.75 7.58
C VAL A 94 -8.76 -2.82 6.85
N PHE A 95 -9.07 -3.95 6.23
CA PHE A 95 -10.30 -4.09 5.44
C PHE A 95 -10.82 -5.53 5.38
N ARG A 96 -12.11 -5.67 5.09
CA ARG A 96 -12.78 -6.95 4.82
C ARG A 96 -14.02 -6.58 4.03
N THR A 97 -14.57 -7.50 3.26
CA THR A 97 -15.79 -7.27 2.51
C THR A 97 -16.69 -8.49 2.72
N HIS A 98 -17.87 -8.49 2.14
CA HIS A 98 -18.88 -9.57 2.29
C HIS A 98 -19.33 -9.75 3.76
N HIS A 99 -18.90 -8.84 4.63
CA HIS A 99 -19.28 -8.85 6.03
C HIS A 99 -20.63 -8.12 6.13
N HIS A 100 -21.65 -8.75 5.58
CA HIS A 100 -22.99 -8.17 5.57
C HIS A 100 -23.51 -8.14 7.01
N HIS A 101 -24.27 -7.10 7.33
CA HIS A 101 -24.79 -6.91 8.68
C HIS A 101 -25.99 -7.80 8.98
N HIS A 102 -25.73 -9.08 9.19
CA HIS A 102 -26.75 -10.06 9.56
C HIS A 102 -26.40 -10.60 10.95
N HIS A 103 -26.53 -9.73 11.94
CA HIS A 103 -26.20 -10.05 13.32
C HIS A 103 -27.02 -9.08 14.15
N MET A 1 23.05 14.89 1.00
CA MET A 1 21.61 14.49 1.13
C MET A 1 20.81 15.53 1.89
N GLN A 2 21.48 16.43 2.61
CA GLN A 2 20.80 17.44 3.45
C GLN A 2 19.73 18.33 2.78
N PRO A 3 19.94 18.80 1.51
CA PRO A 3 18.87 19.68 1.02
C PRO A 3 17.60 18.97 0.53
N VAL A 4 17.55 17.65 0.62
CA VAL A 4 16.37 16.90 0.16
C VAL A 4 15.83 16.07 1.33
N ARG A 5 14.54 16.22 1.60
CA ARG A 5 13.90 15.48 2.69
C ARG A 5 13.43 14.12 2.22
N GLU A 6 13.23 13.21 3.15
CA GLU A 6 12.71 11.88 2.84
C GLU A 6 11.26 12.00 2.36
N PRO A 7 10.76 11.02 1.60
CA PRO A 7 9.38 11.16 1.15
C PRO A 7 8.34 11.08 2.26
N SER A 8 7.17 11.62 1.97
CA SER A 8 6.04 11.66 2.89
C SER A 8 5.34 10.31 2.82
N ALA A 9 4.64 9.96 3.90
CA ALA A 9 3.91 8.69 3.93
C ALA A 9 3.00 8.55 2.69
N PRO A 10 2.85 7.32 2.17
CA PRO A 10 1.98 7.15 0.99
C PRO A 10 0.52 7.45 1.32
N LYS A 11 -0.24 7.73 0.28
CA LYS A 11 -1.63 8.17 0.42
C LYS A 11 -2.53 6.94 0.41
N LEU A 12 -3.60 6.94 1.16
CA LEU A 12 -4.48 5.78 1.25
C LEU A 12 -5.93 6.19 1.12
N GLU A 13 -6.57 5.73 0.05
CA GLU A 13 -7.99 6.05 -0.18
C GLU A 13 -8.90 4.83 0.06
N GLY A 14 -8.29 3.67 0.32
CA GLY A 14 -9.05 2.47 0.69
C GLY A 14 -10.10 2.00 -0.30
N GLN A 15 -9.81 2.11 -1.59
CA GLN A 15 -10.80 1.80 -2.61
C GLN A 15 -10.91 0.30 -2.87
N MET A 16 -12.05 -0.27 -2.52
CA MET A 16 -12.31 -1.71 -2.67
C MET A 16 -12.15 -2.17 -4.12
N GLY A 17 -11.82 -3.45 -4.29
CA GLY A 17 -11.65 -3.99 -5.63
C GLY A 17 -12.89 -4.69 -6.12
N GLU A 18 -13.35 -4.31 -7.31
CA GLU A 18 -14.57 -4.87 -7.91
C GLU A 18 -14.35 -6.33 -8.29
N ASP A 19 -13.10 -6.69 -8.51
CA ASP A 19 -12.70 -8.05 -8.85
C ASP A 19 -13.06 -9.04 -7.75
N GLY A 20 -13.13 -8.53 -6.52
CA GLY A 20 -13.23 -9.39 -5.36
C GLY A 20 -11.82 -9.89 -5.09
N ASN A 21 -11.52 -10.31 -3.85
CA ASN A 21 -10.18 -10.83 -3.51
C ASN A 21 -9.08 -9.79 -3.85
N SER A 22 -9.45 -8.51 -3.90
CA SER A 22 -8.55 -7.44 -4.33
C SER A 22 -8.89 -6.08 -3.72
N ILE A 23 -7.93 -5.15 -3.72
CA ILE A 23 -8.17 -3.77 -3.25
C ILE A 23 -7.13 -2.82 -3.84
N LYS A 24 -7.48 -1.54 -4.02
CA LYS A 24 -6.55 -0.54 -4.52
C LYS A 24 -6.15 0.41 -3.40
N VAL A 25 -4.85 0.58 -3.22
CA VAL A 25 -4.33 1.51 -2.23
C VAL A 25 -3.55 2.50 -3.10
N ASN A 26 -3.57 3.78 -2.74
CA ASN A 26 -2.94 4.79 -3.58
C ASN A 26 -1.45 4.87 -3.36
N LEU A 27 -0.77 5.32 -4.38
CA LEU A 27 0.67 5.47 -4.36
C LEU A 27 1.03 6.88 -4.75
N ILE A 28 2.17 7.34 -4.25
CA ILE A 28 2.65 8.69 -4.50
C ILE A 28 2.77 8.93 -6.02
N LYS A 29 2.19 10.03 -6.50
CA LYS A 29 2.22 10.35 -7.93
C LYS A 29 2.86 11.71 -8.27
N GLN A 30 3.55 12.27 -7.30
CA GLN A 30 4.23 13.57 -7.46
C GLN A 30 5.46 13.51 -6.56
N ASP A 31 6.37 14.45 -6.66
CA ASP A 31 7.52 14.45 -5.75
C ASP A 31 7.00 14.85 -4.36
N ASP A 32 7.27 14.01 -3.38
CA ASP A 32 6.80 14.22 -2.02
C ASP A 32 7.76 15.08 -1.22
N GLY A 33 8.89 15.40 -1.79
CA GLY A 33 9.87 16.19 -1.07
C GLY A 33 10.97 16.80 -1.89
N GLY A 34 12.15 16.22 -1.77
CA GLY A 34 13.33 16.78 -2.41
C GLY A 34 13.85 16.05 -3.63
N SER A 35 13.38 14.84 -3.84
CA SER A 35 13.78 14.02 -4.98
C SER A 35 12.68 12.99 -5.10
N PRO A 36 12.21 12.70 -6.33
CA PRO A 36 11.10 11.75 -6.38
C PRO A 36 11.47 10.33 -5.97
N ILE A 37 10.44 9.57 -5.67
CA ILE A 37 10.53 8.20 -5.20
C ILE A 37 11.34 7.36 -6.21
N ARG A 38 12.02 6.35 -5.72
CA ARG A 38 12.76 5.41 -6.56
C ARG A 38 12.00 4.08 -6.57
N HIS A 39 11.59 3.59 -5.39
CA HIS A 39 10.84 2.34 -5.29
C HIS A 39 9.70 2.38 -4.26
N TYR A 40 8.76 1.45 -4.37
CA TYR A 40 7.68 1.29 -3.40
C TYR A 40 7.71 -0.13 -2.87
N LEU A 41 7.39 -0.27 -1.59
CA LEU A 41 7.36 -1.58 -0.94
C LEU A 41 6.02 -1.74 -0.21
N VAL A 42 5.30 -2.82 -0.48
CA VAL A 42 4.01 -3.08 0.19
C VAL A 42 4.11 -4.41 0.92
N ARG A 43 3.54 -4.50 2.11
CA ARG A 43 3.58 -5.73 2.91
C ARG A 43 2.19 -5.93 3.49
N TYR A 44 1.62 -7.12 3.40
CA TYR A 44 0.26 -7.34 3.91
C TYR A 44 0.09 -8.76 4.44
N ARG A 45 -0.91 -8.95 5.29
CA ARG A 45 -1.19 -10.24 5.94
C ARG A 45 -2.69 -10.30 6.11
N ALA A 46 -3.25 -11.50 6.16
CA ALA A 46 -4.68 -11.68 6.35
C ALA A 46 -4.88 -12.72 7.45
N LEU A 47 -6.10 -12.99 7.87
CA LEU A 47 -6.32 -14.00 8.90
C LEU A 47 -5.91 -15.38 8.40
N SER A 48 -6.17 -15.67 7.13
CA SER A 48 -5.82 -16.96 6.52
C SER A 48 -4.60 -16.87 5.59
N SER A 49 -3.92 -15.73 5.57
CA SER A 49 -2.75 -15.55 4.71
C SER A 49 -1.59 -14.93 5.49
N GLU A 50 -0.39 -15.45 5.28
CA GLU A 50 0.79 -14.99 5.99
C GLU A 50 1.23 -13.60 5.56
N TRP A 51 2.17 -13.03 6.32
CA TRP A 51 2.78 -11.75 5.95
C TRP A 51 3.57 -11.94 4.67
N LYS A 52 3.04 -11.42 3.57
CA LYS A 52 3.73 -11.50 2.28
C LYS A 52 4.98 -10.64 2.46
N PRO A 53 6.12 -11.02 1.84
CA PRO A 53 7.35 -10.27 2.16
C PRO A 53 7.40 -8.84 1.62
N GLU A 54 7.21 -8.67 0.32
CA GLU A 54 7.27 -7.36 -0.31
C GLU A 54 6.55 -7.44 -1.65
N ILE A 55 5.81 -6.41 -1.99
CA ILE A 55 5.29 -6.27 -3.34
C ILE A 55 6.05 -5.07 -3.88
N ARG A 56 6.88 -5.32 -4.87
CA ARG A 56 7.68 -4.30 -5.54
C ARG A 56 6.79 -3.40 -6.30
N LEU A 57 7.06 -2.10 -6.37
CA LEU A 57 6.48 -1.29 -7.45
C LEU A 57 7.39 -0.13 -7.84
N PRO A 58 7.38 0.29 -9.13
CA PRO A 58 8.28 1.36 -9.54
C PRO A 58 7.75 2.73 -9.20
N SER A 59 8.60 3.75 -9.22
CA SER A 59 8.20 5.11 -8.91
C SER A 59 7.04 5.64 -9.77
N GLY A 60 6.88 5.08 -10.96
CA GLY A 60 5.85 5.53 -11.88
C GLY A 60 4.46 4.95 -11.68
N SER A 61 4.26 4.05 -10.73
CA SER A 61 2.92 3.50 -10.50
C SER A 61 2.18 4.44 -9.55
N ASP A 62 1.02 4.94 -9.97
CA ASP A 62 0.26 5.91 -9.17
C ASP A 62 -0.66 5.26 -8.13
N HIS A 63 -0.83 3.95 -8.23
CA HIS A 63 -1.61 3.21 -7.27
C HIS A 63 -1.11 1.78 -7.32
N VAL A 64 -1.50 0.98 -6.37
CA VAL A 64 -1.14 -0.43 -6.35
C VAL A 64 -2.41 -1.20 -6.02
N MET A 65 -2.73 -2.18 -6.85
CA MET A 65 -3.87 -3.02 -6.59
C MET A 65 -3.35 -4.37 -6.10
N LEU A 66 -3.70 -4.71 -4.87
CA LEU A 66 -3.28 -5.96 -4.28
C LEU A 66 -4.33 -7.01 -4.64
N LYS A 67 -3.88 -8.26 -4.65
CA LYS A 67 -4.72 -9.41 -4.97
C LYS A 67 -4.17 -10.50 -4.05
N SER A 68 -4.76 -11.69 -4.09
CA SER A 68 -4.33 -12.81 -3.25
C SER A 68 -4.33 -12.42 -1.76
N LEU A 69 -5.50 -11.95 -1.33
CA LEU A 69 -5.74 -11.50 0.05
C LEU A 69 -7.11 -12.04 0.42
N ASP A 70 -7.40 -12.14 1.70
CA ASP A 70 -8.70 -12.65 2.14
C ASP A 70 -9.73 -11.58 1.84
N TRP A 71 -10.95 -11.98 1.50
CA TRP A 71 -12.02 -11.00 1.25
C TRP A 71 -13.11 -11.12 2.31
N ASN A 72 -13.44 -12.35 2.69
CA ASN A 72 -14.47 -12.64 3.70
C ASN A 72 -13.86 -12.79 5.08
N ALA A 73 -12.65 -12.27 5.24
CA ALA A 73 -11.94 -12.31 6.51
C ALA A 73 -11.12 -11.02 6.49
N GLU A 74 -10.62 -10.62 7.65
CA GLU A 74 -9.91 -9.35 7.78
C GLU A 74 -8.45 -9.45 7.36
N TYR A 75 -7.93 -8.36 6.81
CA TYR A 75 -6.53 -8.29 6.44
C TYR A 75 -5.99 -6.89 6.66
N GLU A 76 -4.68 -6.81 6.89
CA GLU A 76 -4.00 -5.54 7.17
C GLU A 76 -2.95 -5.31 6.09
N VAL A 77 -2.79 -4.06 5.69
CA VAL A 77 -1.85 -3.69 4.64
C VAL A 77 -0.97 -2.55 5.10
N TYR A 78 0.33 -2.67 4.89
CA TYR A 78 1.30 -1.62 5.20
C TYR A 78 2.00 -1.28 3.90
N VAL A 79 2.28 -0.01 3.69
CA VAL A 79 2.95 0.42 2.48
C VAL A 79 3.92 1.55 2.84
N VAL A 80 5.09 1.53 2.23
CA VAL A 80 6.12 2.55 2.42
C VAL A 80 6.68 2.91 1.05
N ALA A 81 7.31 4.06 0.96
CA ALA A 81 7.96 4.52 -0.25
C ALA A 81 9.43 4.67 0.08
N GLU A 82 10.26 4.53 -0.93
CA GLU A 82 11.70 4.67 -0.79
C GLU A 82 12.16 5.62 -1.88
N ASN A 83 13.09 6.49 -1.56
CA ASN A 83 13.67 7.37 -2.57
C ASN A 83 15.17 7.24 -2.37
N GLN A 84 15.93 7.80 -3.30
CA GLN A 84 17.39 7.69 -3.30
C GLN A 84 18.11 8.38 -2.11
N GLN A 85 17.36 8.98 -1.19
CA GLN A 85 17.94 9.61 0.01
C GLN A 85 17.46 8.98 1.32
N GLY A 86 16.29 8.36 1.32
CA GLY A 86 15.73 7.77 2.53
C GLY A 86 14.37 7.15 2.27
N LYS A 87 13.59 6.89 3.32
CA LYS A 87 12.29 6.22 3.16
C LYS A 87 11.17 6.94 3.87
N SER A 88 9.95 6.65 3.45
CA SER A 88 8.77 7.32 3.99
C SER A 88 8.27 6.62 5.23
N LYS A 89 7.43 7.32 5.99
CA LYS A 89 6.77 6.71 7.14
C LYS A 89 5.76 5.73 6.56
N ALA A 90 5.49 4.66 7.28
CA ALA A 90 4.50 3.69 6.85
C ALA A 90 3.09 4.26 6.99
N ALA A 91 2.19 3.76 6.16
CA ALA A 91 0.77 4.05 6.26
C ALA A 91 0.14 2.66 6.25
N HIS A 92 -0.89 2.45 7.05
CA HIS A 92 -1.53 1.15 7.15
C HIS A 92 -3.04 1.23 7.27
N PHE A 93 -3.72 0.22 6.74
CA PHE A 93 -5.18 0.16 6.82
C PHE A 93 -5.63 -1.30 6.89
N VAL A 94 -6.84 -1.50 7.40
CA VAL A 94 -7.41 -2.84 7.59
C VAL A 94 -8.71 -2.86 6.81
N PHE A 95 -9.01 -3.97 6.13
CA PHE A 95 -10.21 -4.06 5.31
C PHE A 95 -10.77 -5.50 5.33
N ARG A 96 -12.06 -5.61 5.03
CA ARG A 96 -12.78 -6.88 4.95
C ARG A 96 -14.07 -6.56 4.19
N THR A 97 -14.66 -7.53 3.51
CA THR A 97 -15.88 -7.29 2.73
C THR A 97 -16.77 -8.55 2.73
N HIS A 98 -17.92 -8.47 2.06
CA HIS A 98 -18.89 -9.56 1.91
C HIS A 98 -19.50 -10.04 3.24
N HIS A 99 -19.26 -9.30 4.32
CA HIS A 99 -19.85 -9.62 5.60
C HIS A 99 -21.23 -8.97 5.63
N HIS A 100 -22.27 -9.78 5.69
CA HIS A 100 -23.64 -9.28 5.68
C HIS A 100 -24.40 -9.88 6.85
N HIS A 101 -25.59 -9.38 7.11
CA HIS A 101 -26.42 -9.89 8.20
C HIS A 101 -27.02 -11.23 7.78
N HIS A 102 -27.71 -11.85 8.72
CA HIS A 102 -28.38 -13.13 8.50
C HIS A 102 -29.74 -12.97 9.18
N HIS A 103 -30.46 -14.08 9.36
CA HIS A 103 -31.76 -14.08 10.01
C HIS A 103 -31.71 -15.19 11.05
N MET A 1 22.37 14.49 -0.53
CA MET A 1 21.75 13.78 0.62
C MET A 1 21.03 14.75 1.55
N GLN A 2 21.74 15.42 2.45
CA GLN A 2 21.10 16.32 3.43
C GLN A 2 20.11 17.38 2.92
N PRO A 3 20.34 18.03 1.74
CA PRO A 3 19.30 19.00 1.37
C PRO A 3 18.00 18.39 0.81
N VAL A 4 17.93 17.07 0.73
CA VAL A 4 16.76 16.38 0.19
C VAL A 4 16.01 15.72 1.34
N ARG A 5 14.77 16.16 1.53
CA ARG A 5 13.90 15.59 2.58
C ARG A 5 13.36 14.23 2.12
N GLU A 6 12.99 13.42 3.10
CA GLU A 6 12.44 12.10 2.88
C GLU A 6 11.03 12.18 2.29
N PRO A 7 10.54 11.11 1.63
CA PRO A 7 9.19 11.15 1.08
C PRO A 7 8.05 11.13 2.11
N SER A 8 6.88 11.55 1.64
CA SER A 8 5.67 11.61 2.44
C SER A 8 5.09 10.23 2.63
N ALA A 9 4.32 10.04 3.70
CA ALA A 9 3.63 8.79 3.90
C ALA A 9 2.67 8.65 2.70
N PRO A 10 2.45 7.42 2.22
CA PRO A 10 1.59 7.26 1.03
C PRO A 10 0.13 7.58 1.30
N LYS A 11 -0.60 7.90 0.23
CA LYS A 11 -2.02 8.22 0.34
C LYS A 11 -2.77 6.91 0.54
N LEU A 12 -3.98 6.96 1.06
CA LEU A 12 -4.79 5.75 1.18
C LEU A 12 -6.25 6.13 1.03
N GLU A 13 -6.87 5.64 -0.03
CA GLU A 13 -8.29 5.94 -0.29
C GLU A 13 -9.16 4.70 -0.09
N GLY A 14 -8.52 3.55 0.08
CA GLY A 14 -9.22 2.31 0.40
C GLY A 14 -10.34 1.92 -0.55
N GLN A 15 -10.05 1.91 -1.85
CA GLN A 15 -11.08 1.63 -2.83
C GLN A 15 -11.33 0.13 -2.83
N MET A 16 -12.54 -0.25 -2.47
CA MET A 16 -12.92 -1.66 -2.31
C MET A 16 -12.62 -2.50 -3.55
N GLY A 17 -12.17 -3.72 -3.32
CA GLY A 17 -11.86 -4.62 -4.41
C GLY A 17 -13.08 -5.30 -4.97
N GLU A 18 -13.74 -4.63 -5.90
CA GLU A 18 -14.91 -5.16 -6.61
C GLU A 18 -14.48 -6.39 -7.40
N ASP A 19 -13.20 -6.41 -7.77
CA ASP A 19 -12.57 -7.52 -8.49
C ASP A 19 -12.61 -8.83 -7.68
N GLY A 20 -12.76 -8.71 -6.37
CA GLY A 20 -12.79 -9.86 -5.48
C GLY A 20 -11.41 -10.38 -5.11
N ASN A 21 -11.27 -10.86 -3.87
CA ASN A 21 -10.02 -11.44 -3.36
C ASN A 21 -8.84 -10.46 -3.51
N SER A 22 -9.17 -9.17 -3.54
CA SER A 22 -8.20 -8.12 -3.83
C SER A 22 -8.67 -6.75 -3.32
N ILE A 23 -7.83 -5.72 -3.50
CA ILE A 23 -8.17 -4.33 -3.16
C ILE A 23 -7.19 -3.35 -3.84
N LYS A 24 -7.63 -2.10 -4.03
CA LYS A 24 -6.80 -1.05 -4.62
C LYS A 24 -6.44 -0.03 -3.53
N VAL A 25 -5.16 0.17 -3.29
CA VAL A 25 -4.70 1.14 -2.28
C VAL A 25 -3.91 2.20 -3.05
N ASN A 26 -3.89 3.42 -2.55
CA ASN A 26 -3.23 4.52 -3.26
C ASN A 26 -1.72 4.53 -3.09
N LEU A 27 -1.03 4.96 -4.14
CA LEU A 27 0.41 5.07 -4.17
C LEU A 27 0.90 6.47 -4.53
N ILE A 28 2.08 6.84 -4.05
CA ILE A 28 2.72 8.11 -4.42
C ILE A 28 3.10 8.05 -5.90
N LYS A 29 2.82 9.13 -6.62
CA LYS A 29 3.16 9.23 -8.05
C LYS A 29 4.07 10.40 -8.43
N GLN A 30 4.69 11.04 -7.44
CA GLN A 30 5.53 12.21 -7.69
C GLN A 30 6.63 12.31 -6.64
N ASP A 31 7.52 13.29 -6.80
CA ASP A 31 8.57 13.54 -5.83
C ASP A 31 7.97 14.32 -4.65
N ASP A 32 7.78 13.61 -3.55
CA ASP A 32 7.19 14.20 -2.34
C ASP A 32 8.23 15.02 -1.63
N GLY A 33 9.47 14.63 -1.92
CA GLY A 33 10.60 15.17 -1.23
C GLY A 33 11.46 16.05 -2.11
N GLY A 34 12.74 15.79 -2.03
CA GLY A 34 13.72 16.54 -2.83
C GLY A 34 14.26 15.69 -3.97
N SER A 35 13.81 14.45 -4.04
CA SER A 35 14.22 13.51 -5.08
C SER A 35 13.05 12.52 -5.21
N PRO A 36 12.80 11.99 -6.42
CA PRO A 36 11.67 11.07 -6.55
C PRO A 36 11.88 9.74 -5.85
N ILE A 37 10.77 9.05 -5.61
CA ILE A 37 10.79 7.75 -4.96
C ILE A 37 11.47 6.79 -5.93
N ARG A 38 12.40 5.97 -5.45
CA ARG A 38 13.06 4.99 -6.28
C ARG A 38 12.17 3.74 -6.36
N HIS A 39 11.73 3.23 -5.21
CA HIS A 39 10.88 2.03 -5.17
C HIS A 39 9.82 2.11 -4.07
N TYR A 40 8.77 1.29 -4.19
CA TYR A 40 7.73 1.19 -3.16
C TYR A 40 7.76 -0.20 -2.60
N LEU A 41 7.47 -0.31 -1.31
CA LEU A 41 7.44 -1.62 -0.64
C LEU A 41 6.12 -1.76 0.13
N VAL A 42 5.21 -2.55 -0.41
CA VAL A 42 3.95 -2.84 0.29
C VAL A 42 4.12 -4.16 1.04
N ARG A 43 3.72 -4.20 2.30
CA ARG A 43 3.84 -5.39 3.13
C ARG A 43 2.46 -5.67 3.68
N TYR A 44 1.84 -6.78 3.30
CA TYR A 44 0.46 -7.07 3.72
C TYR A 44 0.27 -8.51 4.13
N ARG A 45 -0.64 -8.75 5.07
CA ARG A 45 -0.90 -10.08 5.63
C ARG A 45 -2.39 -10.22 5.75
N ALA A 46 -2.88 -11.44 5.57
CA ALA A 46 -4.31 -11.72 5.70
C ALA A 46 -4.45 -12.63 6.91
N LEU A 47 -5.64 -12.77 7.46
CA LEU A 47 -5.84 -13.62 8.62
C LEU A 47 -5.39 -15.05 8.29
N SER A 48 -5.69 -15.48 7.08
CA SER A 48 -5.33 -16.81 6.58
C SER A 48 -3.98 -16.88 5.85
N SER A 49 -3.19 -15.80 5.84
CA SER A 49 -1.94 -15.79 5.05
C SER A 49 -0.75 -15.05 5.66
N GLU A 50 0.42 -15.36 5.13
CA GLU A 50 1.69 -14.74 5.54
C GLU A 50 1.79 -13.25 5.18
N TRP A 51 2.74 -12.57 5.81
CA TRP A 51 3.12 -11.21 5.45
C TRP A 51 3.91 -11.26 4.15
N LYS A 52 3.39 -10.67 3.09
CA LYS A 52 4.13 -10.59 1.83
C LYS A 52 5.18 -9.51 2.06
N PRO A 53 6.44 -9.73 1.66
CA PRO A 53 7.49 -8.76 2.02
C PRO A 53 7.59 -7.48 1.16
N GLU A 54 7.26 -7.57 -0.12
CA GLU A 54 7.41 -6.45 -1.03
C GLU A 54 6.43 -6.56 -2.17
N ILE A 55 5.89 -5.42 -2.58
CA ILE A 55 5.23 -5.31 -3.86
C ILE A 55 5.89 -4.05 -4.41
N ARG A 56 6.66 -4.25 -5.46
CA ARG A 56 7.39 -3.22 -6.20
C ARG A 56 6.47 -2.33 -6.93
N LEU A 57 6.73 -1.05 -7.04
CA LEU A 57 6.09 -0.24 -8.09
C LEU A 57 6.99 0.91 -8.53
N PRO A 58 6.86 1.38 -9.80
CA PRO A 58 7.69 2.52 -10.21
C PRO A 58 7.21 3.82 -9.61
N SER A 59 8.08 4.82 -9.59
CA SER A 59 7.82 6.13 -8.98
C SER A 59 6.52 6.85 -9.34
N GLY A 60 5.99 6.60 -10.53
CA GLY A 60 4.80 7.30 -10.99
C GLY A 60 3.48 6.54 -10.94
N SER A 61 3.41 5.44 -10.22
CA SER A 61 2.16 4.68 -10.16
C SER A 61 1.22 5.37 -9.15
N ASP A 62 -0.01 5.68 -9.55
CA ASP A 62 -0.98 6.38 -8.67
C ASP A 62 -1.61 5.44 -7.65
N HIS A 63 -1.51 4.14 -7.90
CA HIS A 63 -2.13 3.15 -7.03
C HIS A 63 -1.40 1.81 -7.12
N VAL A 64 -1.72 0.92 -6.20
CA VAL A 64 -1.19 -0.43 -6.18
C VAL A 64 -2.37 -1.36 -5.95
N MET A 65 -2.45 -2.42 -6.73
CA MET A 65 -3.51 -3.40 -6.61
C MET A 65 -2.93 -4.61 -5.90
N LEU A 66 -3.60 -5.07 -4.86
CA LEU A 66 -3.13 -6.21 -4.07
C LEU A 66 -4.16 -7.29 -4.18
N LYS A 67 -3.73 -8.55 -4.15
CA LYS A 67 -4.64 -9.68 -4.22
C LYS A 67 -4.03 -10.82 -3.44
N SER A 68 -4.71 -11.96 -3.40
CA SER A 68 -4.29 -13.13 -2.60
C SER A 68 -4.36 -12.72 -1.12
N LEU A 69 -5.53 -12.20 -0.77
CA LEU A 69 -5.82 -11.71 0.57
C LEU A 69 -7.24 -12.16 0.90
N ASP A 70 -7.60 -12.19 2.17
CA ASP A 70 -8.93 -12.62 2.59
C ASP A 70 -9.95 -11.56 2.18
N TRP A 71 -11.15 -12.01 1.85
CA TRP A 71 -12.22 -11.09 1.48
C TRP A 71 -13.34 -11.15 2.50
N ASN A 72 -13.64 -12.34 2.99
CA ASN A 72 -14.69 -12.54 3.99
C ASN A 72 -14.15 -12.44 5.42
N ALA A 73 -12.89 -12.03 5.53
CA ALA A 73 -12.23 -11.89 6.82
C ALA A 73 -11.27 -10.72 6.65
N GLU A 74 -10.77 -10.18 7.74
CA GLU A 74 -9.91 -9.00 7.69
C GLU A 74 -8.46 -9.31 7.38
N TYR A 75 -7.82 -8.33 6.78
CA TYR A 75 -6.41 -8.40 6.43
C TYR A 75 -5.87 -7.00 6.64
N GLU A 76 -4.57 -6.88 6.82
CA GLU A 76 -3.93 -5.60 7.09
C GLU A 76 -2.88 -5.32 6.02
N VAL A 77 -2.76 -4.04 5.64
CA VAL A 77 -1.83 -3.62 4.60
C VAL A 77 -0.98 -2.48 5.11
N TYR A 78 0.34 -2.58 4.96
CA TYR A 78 1.26 -1.50 5.28
C TYR A 78 1.97 -1.13 4.00
N VAL A 79 2.23 0.13 3.77
CA VAL A 79 2.92 0.56 2.57
C VAL A 79 3.88 1.69 2.90
N VAL A 80 5.08 1.62 2.34
CA VAL A 80 6.10 2.65 2.51
C VAL A 80 6.75 2.94 1.17
N ALA A 81 7.36 4.11 1.07
CA ALA A 81 8.07 4.54 -0.12
C ALA A 81 9.55 4.61 0.24
N GLU A 82 10.41 4.37 -0.74
CA GLU A 82 11.86 4.46 -0.56
C GLU A 82 12.38 5.40 -1.64
N ASN A 83 12.82 6.58 -1.24
CA ASN A 83 13.37 7.52 -2.20
C ASN A 83 14.88 7.43 -2.09
N GLN A 84 15.56 8.08 -3.01
CA GLN A 84 17.02 7.99 -3.12
C GLN A 84 17.81 8.53 -1.90
N GLN A 85 17.11 9.07 -0.91
CA GLN A 85 17.75 9.62 0.30
C GLN A 85 17.28 8.93 1.60
N GLY A 86 16.04 8.45 1.63
CA GLY A 86 15.50 7.82 2.82
C GLY A 86 14.13 7.23 2.56
N LYS A 87 13.47 6.71 3.59
CA LYS A 87 12.16 6.08 3.42
C LYS A 87 11.06 6.89 4.08
N SER A 88 9.85 6.69 3.59
CA SER A 88 8.68 7.43 4.08
C SER A 88 8.15 6.83 5.35
N LYS A 89 7.22 7.54 5.97
CA LYS A 89 6.50 6.99 7.10
C LYS A 89 5.55 5.95 6.53
N ALA A 90 5.10 5.06 7.39
CA ALA A 90 4.19 4.01 6.98
C ALA A 90 2.75 4.49 7.09
N ALA A 91 1.90 3.93 6.24
CA ALA A 91 0.47 4.14 6.35
C ALA A 91 -0.08 2.73 6.31
N HIS A 92 -1.12 2.47 7.08
CA HIS A 92 -1.71 1.14 7.14
C HIS A 92 -3.23 1.18 7.27
N PHE A 93 -3.88 0.18 6.73
CA PHE A 93 -5.33 0.08 6.79
C PHE A 93 -5.76 -1.38 6.85
N VAL A 94 -6.96 -1.61 7.38
CA VAL A 94 -7.52 -2.95 7.57
C VAL A 94 -8.87 -2.94 6.87
N PHE A 95 -9.22 -3.99 6.15
CA PHE A 95 -10.48 -4.05 5.41
C PHE A 95 -11.02 -5.47 5.36
N ARG A 96 -12.32 -5.61 5.15
CA ARG A 96 -13.00 -6.90 4.93
C ARG A 96 -14.28 -6.55 4.19
N THR A 97 -14.84 -7.53 3.50
CA THR A 97 -16.05 -7.35 2.71
C THR A 97 -16.87 -8.65 2.83
N HIS A 98 -17.82 -8.87 1.94
CA HIS A 98 -18.67 -10.08 1.92
C HIS A 98 -19.43 -10.24 3.25
N HIS A 99 -19.84 -9.10 3.80
CA HIS A 99 -20.60 -9.09 5.03
C HIS A 99 -21.98 -9.68 4.79
N HIS A 100 -22.53 -10.38 5.78
CA HIS A 100 -23.87 -10.96 5.66
C HIS A 100 -24.93 -9.85 5.77
N HIS A 101 -24.53 -8.69 6.25
CA HIS A 101 -25.45 -7.57 6.37
C HIS A 101 -25.58 -6.96 4.98
N HIS A 102 -26.81 -6.72 4.55
CA HIS A 102 -27.08 -6.16 3.23
C HIS A 102 -27.54 -4.72 3.39
N HIS A 103 -27.73 -4.03 2.28
CA HIS A 103 -28.16 -2.63 2.27
C HIS A 103 -28.91 -2.50 0.96
N MET A 1 22.91 15.03 0.04
CA MET A 1 21.75 14.44 0.77
C MET A 1 20.95 15.52 1.50
N GLN A 2 21.58 16.51 2.14
CA GLN A 2 20.83 17.53 2.90
C GLN A 2 19.73 18.32 2.15
N PRO A 3 19.92 18.70 0.86
CA PRO A 3 18.81 19.49 0.31
C PRO A 3 17.56 18.71 -0.10
N VAL A 4 17.55 17.39 0.08
CA VAL A 4 16.39 16.56 -0.29
C VAL A 4 15.96 15.79 0.96
N ARG A 5 14.68 15.92 1.29
CA ARG A 5 14.12 15.29 2.48
C ARG A 5 13.48 13.96 2.09
N GLU A 6 13.23 13.12 3.08
CA GLU A 6 12.60 11.82 2.87
C GLU A 6 11.14 12.02 2.42
N PRO A 7 10.57 11.05 1.70
CA PRO A 7 9.17 11.21 1.28
C PRO A 7 8.15 11.14 2.43
N SER A 8 6.99 11.73 2.19
CA SER A 8 5.89 11.75 3.13
C SER A 8 5.19 10.40 3.11
N ALA A 9 4.52 10.05 4.20
CA ALA A 9 3.81 8.78 4.29
C ALA A 9 2.88 8.57 3.07
N PRO A 10 2.76 7.32 2.57
CA PRO A 10 1.93 7.11 1.38
C PRO A 10 0.45 7.37 1.60
N LYS A 11 -0.24 7.62 0.50
CA LYS A 11 -1.65 8.01 0.52
C LYS A 11 -2.50 6.75 0.53
N LEU A 12 -3.69 6.82 1.12
CA LEU A 12 -4.56 5.66 1.21
C LEU A 12 -6.00 6.12 1.10
N GLU A 13 -6.66 5.69 0.04
CA GLU A 13 -8.07 6.05 -0.19
C GLU A 13 -8.99 4.86 0.04
N GLY A 14 -8.41 3.69 0.30
CA GLY A 14 -9.18 2.49 0.66
C GLY A 14 -10.25 2.06 -0.33
N GLN A 15 -9.95 2.12 -1.62
CA GLN A 15 -10.95 1.82 -2.63
C GLN A 15 -11.09 0.31 -2.76
N MET A 16 -12.25 -0.18 -2.36
CA MET A 16 -12.54 -1.61 -2.32
C MET A 16 -12.33 -2.29 -3.67
N GLY A 17 -11.88 -3.53 -3.62
CA GLY A 17 -11.65 -4.30 -4.82
C GLY A 17 -12.89 -5.05 -5.25
N GLU A 18 -13.61 -4.46 -6.19
CA GLU A 18 -14.81 -5.10 -6.77
C GLU A 18 -14.37 -6.35 -7.54
N ASP A 19 -13.06 -6.42 -7.80
CA ASP A 19 -12.42 -7.56 -8.45
C ASP A 19 -12.60 -8.84 -7.62
N GLY A 20 -12.84 -8.65 -6.33
CA GLY A 20 -12.94 -9.76 -5.39
C GLY A 20 -11.54 -10.24 -5.01
N ASN A 21 -11.37 -10.65 -3.75
CA ASN A 21 -10.07 -11.16 -3.27
C ASN A 21 -8.95 -10.11 -3.50
N SER A 22 -9.34 -8.82 -3.55
CA SER A 22 -8.44 -7.73 -3.91
C SER A 22 -8.82 -6.35 -3.33
N ILE A 23 -7.93 -5.38 -3.46
CA ILE A 23 -8.21 -3.97 -3.06
C ILE A 23 -7.23 -3.01 -3.78
N LYS A 24 -7.63 -1.74 -3.92
CA LYS A 24 -6.76 -0.72 -4.52
C LYS A 24 -6.31 0.23 -3.41
N VAL A 25 -5.02 0.49 -3.31
CA VAL A 25 -4.48 1.43 -2.34
C VAL A 25 -3.68 2.42 -3.17
N ASN A 26 -3.65 3.69 -2.75
CA ASN A 26 -3.00 4.73 -3.56
C ASN A 26 -1.50 4.81 -3.32
N LEU A 27 -0.82 5.28 -4.35
CA LEU A 27 0.62 5.41 -4.35
C LEU A 27 1.03 6.84 -4.70
N ILE A 28 2.18 7.25 -4.21
CA ILE A 28 2.72 8.59 -4.47
C ILE A 28 2.83 8.82 -5.99
N LYS A 29 2.35 9.98 -6.45
CA LYS A 29 2.32 10.35 -7.87
C LYS A 29 3.19 11.54 -8.22
N GLN A 30 3.74 12.18 -7.19
CA GLN A 30 4.48 13.43 -7.34
C GLN A 30 5.64 13.45 -6.36
N ASP A 31 6.51 14.46 -6.44
CA ASP A 31 7.61 14.60 -5.48
C ASP A 31 7.02 14.81 -4.08
N ASP A 32 7.15 13.79 -3.25
CA ASP A 32 6.56 13.78 -1.91
C ASP A 32 7.42 14.47 -0.86
N GLY A 33 8.56 14.98 -1.27
CA GLY A 33 9.45 15.61 -0.33
C GLY A 33 10.58 16.40 -0.96
N GLY A 34 11.71 15.73 -1.11
CA GLY A 34 12.89 16.38 -1.70
C GLY A 34 13.22 16.01 -3.13
N SER A 35 12.75 14.86 -3.59
CA SER A 35 13.10 14.37 -4.93
C SER A 35 12.03 13.36 -5.29
N PRO A 36 11.99 12.93 -6.56
CA PRO A 36 11.02 11.85 -6.83
C PRO A 36 11.44 10.55 -6.15
N ILE A 37 10.49 9.64 -6.07
CA ILE A 37 10.68 8.35 -5.42
C ILE A 37 11.54 7.45 -6.32
N ARG A 38 12.19 6.47 -5.73
CA ARG A 38 12.94 5.47 -6.49
C ARG A 38 12.07 4.21 -6.60
N HIS A 39 11.63 3.68 -5.47
CA HIS A 39 10.83 2.44 -5.42
C HIS A 39 9.69 2.53 -4.38
N TYR A 40 8.75 1.60 -4.46
CA TYR A 40 7.71 1.46 -3.43
C TYR A 40 7.75 0.04 -2.93
N LEU A 41 7.47 -0.13 -1.65
CA LEU A 41 7.49 -1.44 -1.02
C LEU A 41 6.16 -1.63 -0.27
N VAL A 42 5.47 -2.73 -0.55
CA VAL A 42 4.17 -3.02 0.11
C VAL A 42 4.25 -4.37 0.78
N ARG A 43 3.64 -4.52 1.96
CA ARG A 43 3.67 -5.77 2.71
C ARG A 43 2.29 -5.96 3.34
N TYR A 44 1.69 -7.13 3.21
CA TYR A 44 0.33 -7.35 3.75
C TYR A 44 0.15 -8.76 4.25
N ARG A 45 -0.84 -8.94 5.12
CA ARG A 45 -1.12 -10.22 5.77
C ARG A 45 -2.62 -10.22 6.06
N ALA A 46 -3.20 -11.40 6.20
CA ALA A 46 -4.64 -11.52 6.47
C ALA A 46 -4.84 -12.52 7.60
N LEU A 47 -6.05 -12.59 8.14
CA LEU A 47 -6.31 -13.53 9.23
C LEU A 47 -6.00 -14.97 8.83
N SER A 48 -6.33 -15.32 7.60
CA SER A 48 -6.10 -16.67 7.08
C SER A 48 -4.84 -16.78 6.21
N SER A 49 -4.03 -15.73 6.15
CA SER A 49 -2.87 -15.73 5.25
C SER A 49 -1.58 -15.19 5.88
N GLU A 50 -0.46 -15.59 5.29
CA GLU A 50 0.87 -15.16 5.72
C GLU A 50 1.17 -13.68 5.41
N TRP A 51 2.18 -13.13 6.08
CA TRP A 51 2.78 -11.87 5.68
C TRP A 51 3.49 -12.15 4.37
N LYS A 52 3.06 -11.48 3.31
CA LYS A 52 3.71 -11.63 2.01
C LYS A 52 5.09 -10.98 2.15
N PRO A 53 6.09 -11.46 1.39
CA PRO A 53 7.45 -10.92 1.60
C PRO A 53 7.55 -9.42 1.35
N GLU A 54 7.53 -8.98 0.10
CA GLU A 54 7.52 -7.55 -0.22
C GLU A 54 7.02 -7.45 -1.65
N ILE A 55 6.23 -6.42 -1.96
CA ILE A 55 5.73 -6.22 -3.32
C ILE A 55 6.47 -5.03 -3.90
N ARG A 56 7.13 -5.27 -5.02
CA ARG A 56 7.85 -4.26 -5.77
C ARG A 56 6.92 -3.28 -6.37
N LEU A 57 7.23 -2.00 -6.44
CA LEU A 57 6.55 -1.13 -7.40
C LEU A 57 7.48 -0.01 -7.86
N PRO A 58 7.47 0.35 -9.17
CA PRO A 58 8.35 1.43 -9.62
C PRO A 58 7.80 2.81 -9.26
N SER A 59 8.66 3.82 -9.28
CA SER A 59 8.28 5.20 -8.96
C SER A 59 7.05 5.71 -9.75
N GLY A 60 6.88 5.23 -10.97
CA GLY A 60 5.78 5.68 -11.81
C GLY A 60 4.43 5.02 -11.57
N SER A 61 4.29 4.23 -10.51
CA SER A 61 2.99 3.61 -10.21
C SER A 61 2.13 4.59 -9.42
N ASP A 62 1.00 4.98 -10.00
CA ASP A 62 0.04 5.92 -9.40
C ASP A 62 -0.76 5.28 -8.25
N HIS A 63 -0.98 3.98 -8.34
CA HIS A 63 -1.71 3.23 -7.32
C HIS A 63 -1.26 1.79 -7.43
N VAL A 64 -1.63 0.97 -6.47
CA VAL A 64 -1.25 -0.44 -6.45
C VAL A 64 -2.49 -1.32 -6.28
N MET A 65 -2.63 -2.26 -7.20
CA MET A 65 -3.72 -3.23 -7.18
C MET A 65 -3.25 -4.45 -6.41
N LEU A 66 -3.69 -4.61 -5.18
CA LEU A 66 -3.31 -5.79 -4.39
C LEU A 66 -4.37 -6.85 -4.60
N LYS A 67 -3.93 -8.10 -4.72
CA LYS A 67 -4.82 -9.24 -4.91
C LYS A 67 -4.27 -10.31 -3.99
N SER A 68 -4.89 -11.49 -3.97
CA SER A 68 -4.44 -12.62 -3.14
C SER A 68 -4.42 -12.27 -1.65
N LEU A 69 -5.57 -11.81 -1.17
CA LEU A 69 -5.77 -11.40 0.22
C LEU A 69 -7.16 -11.86 0.62
N ASP A 70 -7.43 -11.94 1.92
CA ASP A 70 -8.73 -12.43 2.40
C ASP A 70 -9.77 -11.38 2.02
N TRP A 71 -10.96 -11.83 1.64
CA TRP A 71 -12.04 -10.90 1.30
C TRP A 71 -13.17 -11.03 2.31
N ASN A 72 -13.47 -12.26 2.72
CA ASN A 72 -14.53 -12.54 3.68
C ASN A 72 -14.01 -12.53 5.11
N ALA A 73 -12.77 -12.10 5.28
CA ALA A 73 -12.14 -12.02 6.59
C ALA A 73 -11.28 -10.76 6.55
N GLU A 74 -10.77 -10.36 7.70
CA GLU A 74 -10.01 -9.13 7.82
C GLU A 74 -8.55 -9.28 7.40
N TYR A 75 -7.99 -8.22 6.87
CA TYR A 75 -6.57 -8.20 6.50
C TYR A 75 -5.97 -6.82 6.68
N GLU A 76 -4.66 -6.79 6.83
CA GLU A 76 -3.92 -5.55 7.08
C GLU A 76 -2.88 -5.33 5.99
N VAL A 77 -2.69 -4.08 5.60
CA VAL A 77 -1.75 -3.71 4.54
C VAL A 77 -0.85 -2.59 5.02
N TYR A 78 0.45 -2.74 4.82
CA TYR A 78 1.45 -1.71 5.13
C TYR A 78 2.14 -1.32 3.84
N VAL A 79 2.47 -0.05 3.70
CA VAL A 79 3.15 0.43 2.50
C VAL A 79 4.10 1.55 2.90
N VAL A 80 5.24 1.60 2.22
CA VAL A 80 6.23 2.67 2.41
C VAL A 80 6.74 3.07 1.03
N ALA A 81 7.31 4.25 0.94
CA ALA A 81 7.91 4.73 -0.29
C ALA A 81 9.40 4.84 0.02
N GLU A 82 10.22 4.68 -1.00
CA GLU A 82 11.66 4.72 -0.85
C GLU A 82 12.21 5.64 -1.93
N ASN A 83 13.03 6.61 -1.55
CA ASN A 83 13.65 7.48 -2.52
C ASN A 83 15.15 7.36 -2.31
N GLN A 84 15.91 7.98 -3.19
CA GLN A 84 17.37 7.85 -3.17
C GLN A 84 18.07 8.48 -1.95
N GLN A 85 17.29 9.04 -1.02
CA GLN A 85 17.83 9.65 0.19
C GLN A 85 17.32 9.01 1.49
N GLY A 86 16.25 8.22 1.40
CA GLY A 86 15.67 7.61 2.59
C GLY A 86 14.30 7.02 2.32
N LYS A 87 13.50 6.81 3.36
CA LYS A 87 12.18 6.19 3.19
C LYS A 87 11.07 6.96 3.89
N SER A 88 9.85 6.66 3.51
CA SER A 88 8.69 7.34 4.07
C SER A 88 8.24 6.67 5.35
N LYS A 89 7.42 7.35 6.12
CA LYS A 89 6.83 6.73 7.29
C LYS A 89 5.82 5.71 6.75
N ALA A 90 5.66 4.60 7.42
CA ALA A 90 4.69 3.59 7.00
C ALA A 90 3.27 4.10 7.21
N ALA A 91 2.37 3.63 6.37
CA ALA A 91 0.95 3.90 6.53
C ALA A 91 0.33 2.51 6.44
N HIS A 92 -0.73 2.28 7.19
CA HIS A 92 -1.39 0.99 7.22
C HIS A 92 -2.90 1.12 7.32
N PHE A 93 -3.60 0.17 6.74
CA PHE A 93 -5.06 0.16 6.80
C PHE A 93 -5.55 -1.28 6.87
N VAL A 94 -6.76 -1.45 7.38
CA VAL A 94 -7.36 -2.77 7.58
C VAL A 94 -8.69 -2.76 6.84
N PHE A 95 -9.05 -3.86 6.18
CA PHE A 95 -10.29 -3.94 5.41
C PHE A 95 -10.84 -5.37 5.42
N ARG A 96 -12.11 -5.50 5.07
CA ARG A 96 -12.84 -6.77 4.98
C ARG A 96 -14.08 -6.45 4.17
N THR A 97 -14.68 -7.44 3.52
CA THR A 97 -15.89 -7.23 2.73
C THR A 97 -16.75 -8.50 2.80
N HIS A 98 -17.82 -8.56 2.01
CA HIS A 98 -18.72 -9.73 1.96
C HIS A 98 -19.21 -10.14 3.35
N HIS A 99 -19.57 -9.14 4.15
CA HIS A 99 -19.98 -9.36 5.54
C HIS A 99 -21.13 -10.36 5.66
N HIS A 100 -22.11 -10.28 4.77
CA HIS A 100 -23.18 -11.27 4.74
C HIS A 100 -22.57 -12.49 4.07
N HIS A 101 -22.48 -13.60 4.80
CA HIS A 101 -21.84 -14.80 4.28
C HIS A 101 -22.70 -16.01 4.58
N HIS A 102 -22.37 -17.14 3.96
CA HIS A 102 -23.15 -18.36 4.10
C HIS A 102 -22.25 -19.49 4.56
N HIS A 103 -22.85 -20.59 4.99
CA HIS A 103 -22.13 -21.78 5.44
C HIS A 103 -23.19 -22.85 5.43
N MET A 1 22.93 14.63 -0.81
CA MET A 1 21.85 14.02 0.02
C MET A 1 21.24 15.03 0.99
N GLN A 2 22.04 15.92 1.57
CA GLN A 2 21.53 16.93 2.51
C GLN A 2 20.38 17.84 2.01
N PRO A 3 20.39 18.32 0.74
CA PRO A 3 19.26 19.20 0.42
C PRO A 3 17.92 18.52 0.11
N VAL A 4 17.84 17.20 0.21
CA VAL A 4 16.61 16.49 -0.11
C VAL A 4 16.17 15.68 1.12
N ARG A 5 14.90 15.85 1.47
CA ARG A 5 14.31 15.19 2.64
C ARG A 5 13.74 13.81 2.29
N GLU A 6 13.42 13.06 3.33
CA GLU A 6 12.75 11.76 3.17
C GLU A 6 11.31 12.02 2.73
N PRO A 7 10.67 11.05 2.05
CA PRO A 7 9.30 11.30 1.58
C PRO A 7 8.20 11.28 2.66
N SER A 8 7.09 11.90 2.30
CA SER A 8 5.90 11.97 3.13
C SER A 8 5.24 10.60 3.19
N ALA A 9 4.48 10.35 4.25
CA ALA A 9 3.76 9.10 4.41
C ALA A 9 2.91 8.84 3.14
N PRO A 10 2.75 7.56 2.75
CA PRO A 10 2.03 7.30 1.50
C PRO A 10 0.54 7.59 1.58
N LYS A 11 -0.05 7.82 0.41
CA LYS A 11 -1.47 8.12 0.32
C LYS A 11 -2.23 6.81 0.43
N LEU A 12 -3.45 6.86 0.94
CA LEU A 12 -4.27 5.66 1.07
C LEU A 12 -5.72 6.14 1.04
N GLU A 13 -6.46 5.72 0.02
CA GLU A 13 -7.86 6.11 -0.12
C GLU A 13 -8.79 4.91 0.03
N GLY A 14 -8.22 3.75 0.34
CA GLY A 14 -8.99 2.54 0.61
C GLY A 14 -10.07 2.20 -0.40
N GLN A 15 -9.71 2.10 -1.67
CA GLN A 15 -10.70 1.88 -2.71
C GLN A 15 -11.02 0.40 -2.73
N MET A 16 -12.24 0.09 -2.32
CA MET A 16 -12.71 -1.28 -2.14
C MET A 16 -12.54 -2.16 -3.38
N GLY A 17 -12.23 -3.43 -3.13
CA GLY A 17 -12.00 -4.38 -4.20
C GLY A 17 -13.10 -5.41 -4.36
N GLU A 18 -14.26 -4.96 -4.82
CA GLU A 18 -15.40 -5.85 -5.14
C GLU A 18 -15.04 -6.78 -6.30
N ASP A 19 -13.89 -6.52 -6.89
CA ASP A 19 -13.29 -7.35 -7.93
C ASP A 19 -13.04 -8.76 -7.39
N GLY A 20 -12.98 -8.86 -6.07
CA GLY A 20 -12.82 -10.13 -5.39
C GLY A 20 -11.38 -10.46 -5.07
N ASN A 21 -11.16 -10.88 -3.83
CA ASN A 21 -9.85 -11.34 -3.34
C ASN A 21 -8.73 -10.31 -3.60
N SER A 22 -9.11 -9.03 -3.64
CA SER A 22 -8.18 -7.95 -3.97
C SER A 22 -8.66 -6.61 -3.44
N ILE A 23 -7.79 -5.59 -3.53
CA ILE A 23 -8.15 -4.20 -3.15
C ILE A 23 -7.19 -3.22 -3.82
N LYS A 24 -7.62 -1.97 -4.04
CA LYS A 24 -6.80 -0.96 -4.70
C LYS A 24 -6.37 0.08 -3.65
N VAL A 25 -5.08 0.30 -3.52
CA VAL A 25 -4.55 1.30 -2.58
C VAL A 25 -3.82 2.31 -3.47
N ASN A 26 -4.01 3.60 -3.20
CA ASN A 26 -3.42 4.65 -4.02
C ASN A 26 -1.93 4.70 -3.79
N LEU A 27 -1.19 5.03 -4.82
CA LEU A 27 0.26 5.10 -4.73
C LEU A 27 0.79 6.45 -5.19
N ILE A 28 1.93 6.79 -4.63
CA ILE A 28 2.63 8.02 -4.93
C ILE A 28 3.10 8.04 -6.40
N LYS A 29 2.61 9.03 -7.17
CA LYS A 29 3.02 9.20 -8.58
C LYS A 29 3.62 10.59 -8.86
N GLN A 30 3.95 11.27 -7.78
CA GLN A 30 4.56 12.61 -7.85
C GLN A 30 5.59 12.53 -6.73
N ASP A 31 6.57 13.41 -6.67
CA ASP A 31 7.55 13.30 -5.59
C ASP A 31 6.95 13.90 -4.31
N ASP A 32 7.41 13.41 -3.16
CA ASP A 32 6.84 13.84 -1.87
C ASP A 32 7.82 14.67 -1.03
N GLY A 33 8.87 15.19 -1.64
CA GLY A 33 9.85 15.95 -0.88
C GLY A 33 10.94 16.62 -1.70
N GLY A 34 12.13 16.03 -1.65
CA GLY A 34 13.27 16.60 -2.39
C GLY A 34 13.69 15.86 -3.64
N SER A 35 13.14 14.68 -3.87
CA SER A 35 13.51 13.87 -5.03
C SER A 35 12.45 12.81 -5.29
N PRO A 36 12.35 12.29 -6.53
CA PRO A 36 11.36 11.23 -6.75
C PRO A 36 11.71 9.95 -5.99
N ILE A 37 10.70 9.11 -5.82
CA ILE A 37 10.84 7.86 -5.09
C ILE A 37 11.60 6.87 -5.97
N ARG A 38 12.38 5.98 -5.35
CA ARG A 38 13.11 4.95 -6.07
C ARG A 38 12.26 3.69 -6.14
N HIS A 39 11.73 3.23 -5.00
CA HIS A 39 10.90 2.03 -4.94
C HIS A 39 9.77 2.17 -3.91
N TYR A 40 8.80 1.28 -3.98
CA TYR A 40 7.75 1.20 -2.97
C TYR A 40 7.84 -0.15 -2.34
N LEU A 41 7.53 -0.21 -1.05
CA LEU A 41 7.61 -1.45 -0.31
C LEU A 41 6.29 -1.66 0.41
N VAL A 42 5.46 -2.55 -0.12
CA VAL A 42 4.16 -2.85 0.49
C VAL A 42 4.27 -4.22 1.15
N ARG A 43 3.71 -4.36 2.35
CA ARG A 43 3.79 -5.60 3.11
C ARG A 43 2.40 -5.83 3.68
N TYR A 44 1.82 -7.01 3.49
CA TYR A 44 0.45 -7.25 3.93
C TYR A 44 0.24 -8.68 4.37
N ARG A 45 -0.69 -8.89 5.30
CA ARG A 45 -0.97 -10.20 5.89
C ARG A 45 -2.47 -10.30 6.08
N ALA A 46 -2.98 -11.51 6.06
CA ALA A 46 -4.42 -11.75 6.20
C ALA A 46 -4.62 -12.84 7.24
N LEU A 47 -5.86 -13.12 7.61
CA LEU A 47 -6.13 -14.20 8.56
C LEU A 47 -5.68 -15.53 7.94
N SER A 48 -5.91 -15.66 6.63
CA SER A 48 -5.54 -16.84 5.87
C SER A 48 -4.20 -16.73 5.13
N SER A 49 -3.43 -15.67 5.33
CA SER A 49 -2.18 -15.49 4.57
C SER A 49 -1.04 -14.83 5.34
N GLU A 50 0.16 -15.26 5.01
CA GLU A 50 1.40 -14.75 5.61
C GLU A 50 1.68 -13.28 5.26
N TRP A 51 2.65 -12.69 5.95
CA TRP A 51 3.15 -11.35 5.63
C TRP A 51 3.90 -11.39 4.31
N LYS A 52 3.22 -11.02 3.22
CA LYS A 52 3.84 -10.98 1.91
C LYS A 52 4.89 -9.88 2.02
N PRO A 53 6.16 -10.18 1.67
CA PRO A 53 7.23 -9.25 2.09
C PRO A 53 7.42 -7.93 1.35
N GLU A 54 7.21 -7.91 0.04
CA GLU A 54 7.50 -6.71 -0.76
C GLU A 54 6.73 -6.74 -2.08
N ILE A 55 6.28 -5.59 -2.54
CA ILE A 55 5.58 -5.43 -3.82
C ILE A 55 6.27 -4.24 -4.54
N ARG A 56 6.93 -4.56 -5.64
CA ARG A 56 7.85 -3.68 -6.41
C ARG A 56 7.33 -2.67 -7.45
N LEU A 57 7.23 -1.40 -7.15
CA LEU A 57 6.66 -0.49 -8.14
C LEU A 57 7.43 0.83 -8.30
N PRO A 58 7.45 1.40 -9.53
CA PRO A 58 8.13 2.68 -9.80
C PRO A 58 7.33 3.91 -9.34
N SER A 59 8.03 5.04 -9.20
CA SER A 59 7.43 6.32 -8.78
C SER A 59 6.43 6.94 -9.76
N GLY A 60 6.06 6.22 -10.81
CA GLY A 60 5.07 6.70 -11.75
C GLY A 60 3.79 5.89 -11.64
N SER A 61 3.73 5.03 -10.64
CA SER A 61 2.57 4.17 -10.43
C SER A 61 1.49 4.94 -9.67
N ASP A 62 0.31 5.08 -10.26
CA ASP A 62 -0.78 5.84 -9.64
C ASP A 62 -1.46 5.11 -8.49
N HIS A 63 -1.52 3.79 -8.59
CA HIS A 63 -2.11 2.97 -7.55
C HIS A 63 -1.56 1.58 -7.71
N VAL A 64 -1.78 0.74 -6.72
CA VAL A 64 -1.32 -0.64 -6.75
C VAL A 64 -2.51 -1.48 -6.29
N MET A 65 -2.74 -2.60 -6.95
CA MET A 65 -3.83 -3.49 -6.58
C MET A 65 -3.22 -4.75 -6.00
N LEU A 66 -3.58 -5.05 -4.77
CA LEU A 66 -3.07 -6.22 -4.09
C LEU A 66 -4.05 -7.35 -4.34
N LYS A 67 -3.56 -8.58 -4.26
CA LYS A 67 -4.35 -9.78 -4.50
C LYS A 67 -3.82 -10.83 -3.54
N SER A 68 -4.46 -12.00 -3.50
CA SER A 68 -4.08 -13.09 -2.59
C SER A 68 -4.22 -12.64 -1.14
N LEU A 69 -5.38 -12.10 -0.84
CA LEU A 69 -5.72 -11.59 0.48
C LEU A 69 -7.16 -12.00 0.77
N ASP A 70 -7.54 -12.02 2.03
CA ASP A 70 -8.91 -12.40 2.41
C ASP A 70 -9.86 -11.31 1.96
N TRP A 71 -11.04 -11.70 1.51
CA TRP A 71 -12.04 -10.72 1.09
C TRP A 71 -13.23 -10.75 2.04
N ASN A 72 -13.63 -11.95 2.44
CA ASN A 72 -14.75 -12.14 3.36
C ASN A 72 -14.26 -12.19 4.81
N ALA A 73 -13.03 -11.79 5.04
CA ALA A 73 -12.42 -11.81 6.36
C ALA A 73 -11.41 -10.65 6.41
N GLU A 74 -10.88 -10.36 7.59
CA GLU A 74 -10.03 -9.19 7.77
C GLU A 74 -8.57 -9.45 7.38
N TYR A 75 -7.94 -8.40 6.87
CA TYR A 75 -6.52 -8.43 6.51
C TYR A 75 -5.97 -7.04 6.72
N GLU A 76 -4.66 -6.93 6.86
CA GLU A 76 -3.99 -5.66 7.12
C GLU A 76 -2.91 -5.41 6.07
N VAL A 77 -2.73 -4.14 5.72
CA VAL A 77 -1.76 -3.73 4.70
C VAL A 77 -0.91 -2.58 5.21
N TYR A 78 0.40 -2.70 5.08
CA TYR A 78 1.35 -1.63 5.43
C TYR A 78 2.06 -1.21 4.16
N VAL A 79 2.38 0.06 4.04
CA VAL A 79 3.05 0.57 2.86
C VAL A 79 4.00 1.70 3.26
N VAL A 80 5.15 1.74 2.62
CA VAL A 80 6.11 2.84 2.79
C VAL A 80 6.68 3.16 1.41
N ALA A 81 7.21 4.37 1.27
CA ALA A 81 7.86 4.80 0.04
C ALA A 81 9.36 4.87 0.36
N GLU A 82 10.19 4.56 -0.62
CA GLU A 82 11.63 4.58 -0.43
C GLU A 82 12.27 5.41 -1.53
N ASN A 83 12.81 6.58 -1.18
CA ASN A 83 13.42 7.44 -2.19
C ASN A 83 14.93 7.26 -2.11
N GLN A 84 15.66 7.99 -2.93
CA GLN A 84 17.12 7.82 -3.00
C GLN A 84 17.88 8.36 -1.76
N GLN A 85 17.16 8.88 -0.77
CA GLN A 85 17.78 9.42 0.44
C GLN A 85 17.32 8.72 1.72
N GLY A 86 16.12 8.16 1.73
CA GLY A 86 15.59 7.52 2.93
C GLY A 86 14.18 7.00 2.72
N LYS A 87 13.41 6.84 3.79
CA LYS A 87 12.07 6.26 3.70
C LYS A 87 10.97 7.07 4.34
N SER A 88 9.75 6.74 3.95
CA SER A 88 8.58 7.46 4.41
C SER A 88 8.05 6.87 5.71
N LYS A 89 7.20 7.63 6.38
CA LYS A 89 6.52 7.10 7.56
C LYS A 89 5.56 6.04 7.03
N ALA A 90 5.38 4.96 7.78
CA ALA A 90 4.45 3.92 7.37
C ALA A 90 3.00 4.37 7.51
N ALA A 91 2.14 3.79 6.69
CA ALA A 91 0.70 3.98 6.80
C ALA A 91 0.14 2.58 6.67
N HIS A 92 -0.97 2.32 7.34
CA HIS A 92 -1.59 1.00 7.31
C HIS A 92 -3.11 1.08 7.33
N PHE A 93 -3.77 0.12 6.71
CA PHE A 93 -5.22 0.07 6.69
C PHE A 93 -5.70 -1.39 6.78
N VAL A 94 -6.93 -1.57 7.24
CA VAL A 94 -7.54 -2.90 7.45
C VAL A 94 -8.87 -2.89 6.71
N PHE A 95 -9.25 -3.99 6.08
CA PHE A 95 -10.49 -4.04 5.30
C PHE A 95 -11.09 -5.46 5.23
N ARG A 96 -12.39 -5.52 4.92
CA ARG A 96 -13.13 -6.76 4.65
C ARG A 96 -14.35 -6.33 3.86
N THR A 97 -14.89 -7.22 3.05
CA THR A 97 -16.09 -6.98 2.25
C THR A 97 -16.93 -8.26 2.33
N HIS A 98 -18.03 -8.32 1.59
CA HIS A 98 -18.91 -9.50 1.51
C HIS A 98 -19.44 -10.01 2.86
N HIS A 99 -19.50 -9.13 3.86
CA HIS A 99 -19.99 -9.52 5.17
C HIS A 99 -21.52 -9.72 5.13
N HIS A 100 -22.02 -10.63 5.95
CA HIS A 100 -23.45 -10.97 6.00
C HIS A 100 -24.28 -9.96 6.82
N HIS A 101 -23.80 -8.74 6.95
CA HIS A 101 -24.48 -7.72 7.73
C HIS A 101 -25.77 -7.31 7.01
N HIS A 102 -26.85 -7.22 7.77
CA HIS A 102 -28.17 -6.89 7.25
C HIS A 102 -28.96 -6.27 8.38
N HIS A 103 -30.22 -5.94 8.14
CA HIS A 103 -31.10 -5.36 9.14
C HIS A 103 -32.49 -5.81 8.73
N MET A 1 22.98 13.98 2.53
CA MET A 1 21.50 14.06 2.41
C MET A 1 20.95 15.33 3.07
N GLN A 2 21.80 16.21 3.56
CA GLN A 2 21.33 17.42 4.25
C GLN A 2 20.32 18.29 3.46
N PRO A 3 20.52 18.55 2.15
CA PRO A 3 19.51 19.40 1.51
C PRO A 3 18.22 18.69 1.06
N VAL A 4 18.08 17.40 1.33
CA VAL A 4 16.91 16.64 0.87
C VAL A 4 16.27 15.86 2.03
N ARG A 5 14.98 16.12 2.24
CA ARG A 5 14.22 15.41 3.26
C ARG A 5 13.69 14.10 2.68
N GLU A 6 13.49 13.14 3.57
CA GLU A 6 12.94 11.84 3.19
C GLU A 6 11.46 12.01 2.78
N PRO A 7 10.93 11.06 1.98
CA PRO A 7 9.54 11.22 1.50
C PRO A 7 8.45 11.08 2.57
N SER A 8 7.28 11.60 2.23
CA SER A 8 6.11 11.58 3.10
C SER A 8 5.47 10.21 3.04
N ALA A 9 4.74 9.85 4.09
CA ALA A 9 4.03 8.57 4.13
C ALA A 9 3.10 8.46 2.92
N PRO A 10 2.90 7.24 2.39
CA PRO A 10 2.03 7.13 1.23
C PRO A 10 0.57 7.44 1.53
N LYS A 11 -0.16 7.77 0.47
CA LYS A 11 -1.56 8.15 0.57
C LYS A 11 -2.37 6.87 0.62
N LEU A 12 -3.62 6.95 1.07
CA LEU A 12 -4.47 5.77 1.13
C LEU A 12 -5.93 6.21 1.12
N GLU A 13 -6.64 5.85 0.07
CA GLU A 13 -8.05 6.22 -0.05
C GLU A 13 -8.97 4.97 -0.05
N GLY A 14 -8.38 3.78 0.11
CA GLY A 14 -9.14 2.54 0.27
C GLY A 14 -10.15 2.13 -0.79
N GLN A 15 -9.75 2.01 -2.05
CA GLN A 15 -10.69 1.65 -3.11
C GLN A 15 -10.90 0.15 -3.06
N MET A 16 -12.10 -0.27 -2.66
CA MET A 16 -12.41 -1.69 -2.51
C MET A 16 -12.25 -2.47 -3.81
N GLY A 17 -11.87 -3.73 -3.68
CA GLY A 17 -11.71 -4.59 -4.83
C GLY A 17 -12.98 -5.34 -5.16
N GLU A 18 -13.78 -4.76 -6.04
CA GLU A 18 -15.00 -5.39 -6.56
C GLU A 18 -14.58 -6.64 -7.32
N ASP A 19 -13.32 -6.61 -7.74
CA ASP A 19 -12.61 -7.68 -8.43
C ASP A 19 -12.54 -8.98 -7.61
N GLY A 20 -12.83 -8.87 -6.31
CA GLY A 20 -12.80 -10.01 -5.41
C GLY A 20 -11.40 -10.43 -5.03
N ASN A 21 -11.22 -10.89 -3.78
CA ASN A 21 -9.93 -11.40 -3.29
C ASN A 21 -8.79 -10.38 -3.50
N SER A 22 -9.14 -9.10 -3.57
CA SER A 22 -8.17 -8.05 -3.86
C SER A 22 -8.62 -6.66 -3.40
N ILE A 23 -7.75 -5.67 -3.54
CA ILE A 23 -8.06 -4.26 -3.22
C ILE A 23 -7.08 -3.33 -3.93
N LYS A 24 -7.47 -2.07 -4.15
CA LYS A 24 -6.61 -1.07 -4.75
C LYS A 24 -6.28 -0.05 -3.66
N VAL A 25 -5.02 0.32 -3.52
CA VAL A 25 -4.61 1.29 -2.51
C VAL A 25 -3.86 2.38 -3.27
N ASN A 26 -4.07 3.63 -2.89
CA ASN A 26 -3.46 4.77 -3.57
C ASN A 26 -1.96 4.86 -3.29
N LEU A 27 -1.22 5.37 -4.25
CA LEU A 27 0.21 5.54 -4.12
C LEU A 27 0.63 6.99 -4.39
N ILE A 28 1.92 7.24 -4.31
CA ILE A 28 2.50 8.56 -4.56
C ILE A 28 2.33 8.96 -6.04
N LYS A 29 1.73 10.13 -6.25
CA LYS A 29 1.54 10.71 -7.59
C LYS A 29 2.17 12.10 -7.73
N GLN A 30 3.01 12.47 -6.78
CA GLN A 30 3.61 13.81 -6.72
C GLN A 30 4.98 13.71 -6.05
N ASP A 31 5.76 14.77 -6.01
CA ASP A 31 7.02 14.74 -5.28
C ASP A 31 6.71 14.98 -3.79
N ASP A 32 7.35 14.24 -2.92
CA ASP A 32 7.07 14.33 -1.47
C ASP A 32 8.19 14.93 -0.65
N GLY A 33 9.28 15.32 -1.29
CA GLY A 33 10.41 15.82 -0.54
C GLY A 33 11.49 16.44 -1.38
N GLY A 34 12.70 15.93 -1.19
CA GLY A 34 13.86 16.52 -1.88
C GLY A 34 14.42 15.71 -3.04
N SER A 35 13.77 14.61 -3.37
CA SER A 35 14.18 13.77 -4.49
C SER A 35 12.95 13.00 -4.94
N PRO A 36 12.85 12.65 -6.23
CA PRO A 36 11.67 11.89 -6.65
C PRO A 36 11.70 10.47 -6.10
N ILE A 37 10.52 9.89 -5.97
CA ILE A 37 10.39 8.52 -5.47
C ILE A 37 11.04 7.60 -6.50
N ARG A 38 11.63 6.50 -6.02
CA ARG A 38 12.27 5.52 -6.88
C ARG A 38 11.40 4.25 -6.95
N HIS A 39 10.94 3.76 -5.80
CA HIS A 39 10.14 2.52 -5.74
C HIS A 39 9.14 2.53 -4.59
N TYR A 40 8.28 1.51 -4.57
CA TYR A 40 7.32 1.29 -3.48
C TYR A 40 7.47 -0.13 -2.99
N LEU A 41 7.25 -0.32 -1.69
CA LEU A 41 7.33 -1.64 -1.06
C LEU A 41 6.04 -1.82 -0.26
N VAL A 42 5.36 -2.95 -0.44
CA VAL A 42 4.10 -3.23 0.28
C VAL A 42 4.19 -4.54 1.04
N ARG A 43 3.73 -4.56 2.29
CA ARG A 43 3.77 -5.75 3.14
C ARG A 43 2.35 -5.95 3.69
N TYR A 44 1.78 -7.14 3.58
CA TYR A 44 0.39 -7.34 4.04
C TYR A 44 0.18 -8.73 4.61
N ARG A 45 -0.81 -8.87 5.49
CA ARG A 45 -1.10 -10.13 6.19
C ARG A 45 -2.59 -10.20 6.37
N ALA A 46 -3.15 -11.41 6.43
CA ALA A 46 -4.58 -11.62 6.57
C ALA A 46 -4.82 -12.68 7.63
N LEU A 47 -6.06 -12.98 7.95
CA LEU A 47 -6.35 -14.02 8.93
C LEU A 47 -5.87 -15.37 8.39
N SER A 48 -6.07 -15.59 7.10
CA SER A 48 -5.66 -16.83 6.43
C SER A 48 -4.33 -16.72 5.66
N SER A 49 -3.61 -15.61 5.79
CA SER A 49 -2.35 -15.44 5.05
C SER A 49 -1.25 -14.76 5.87
N GLU A 50 -0.03 -15.22 5.68
CA GLU A 50 1.13 -14.70 6.39
C GLU A 50 1.55 -13.32 5.90
N TRP A 51 2.51 -12.70 6.61
CA TRP A 51 3.07 -11.42 6.19
C TRP A 51 3.84 -11.57 4.88
N LYS A 52 3.21 -11.19 3.79
CA LYS A 52 3.86 -11.22 2.47
C LYS A 52 4.94 -10.16 2.59
N PRO A 53 6.20 -10.49 2.23
CA PRO A 53 7.29 -9.55 2.55
C PRO A 53 7.35 -8.26 1.75
N GLU A 54 7.25 -8.34 0.43
CA GLU A 54 7.36 -7.16 -0.41
C GLU A 54 6.59 -7.35 -1.71
N ILE A 55 5.85 -6.33 -2.11
CA ILE A 55 5.29 -6.26 -3.45
C ILE A 55 6.01 -5.08 -4.05
N ARG A 56 6.81 -5.37 -5.06
CA ARG A 56 7.60 -4.36 -5.77
C ARG A 56 6.70 -3.45 -6.52
N LEU A 57 7.00 -2.15 -6.61
CA LEU A 57 6.40 -1.34 -7.68
C LEU A 57 7.34 -0.20 -8.10
N PRO A 58 7.27 0.24 -9.38
CA PRO A 58 8.14 1.34 -9.80
C PRO A 58 7.59 2.67 -9.35
N SER A 59 8.40 3.73 -9.43
CA SER A 59 7.93 5.07 -9.09
C SER A 59 6.73 5.46 -9.95
N GLY A 60 6.72 4.96 -11.18
CA GLY A 60 5.65 5.22 -12.12
C GLY A 60 4.39 4.40 -11.90
N SER A 61 3.91 4.35 -10.67
CA SER A 61 2.66 3.65 -10.35
C SER A 61 1.84 4.56 -9.45
N ASP A 62 0.71 5.04 -9.95
CA ASP A 62 -0.18 5.98 -9.23
C ASP A 62 -0.93 5.30 -8.09
N HIS A 63 -1.16 4.00 -8.25
CA HIS A 63 -1.85 3.19 -7.28
C HIS A 63 -1.29 1.78 -7.38
N VAL A 64 -1.59 0.96 -6.39
CA VAL A 64 -1.11 -0.42 -6.36
C VAL A 64 -2.31 -1.30 -6.08
N MET A 65 -2.38 -2.44 -6.74
CA MET A 65 -3.45 -3.39 -6.51
C MET A 65 -2.84 -4.64 -5.92
N LEU A 66 -3.45 -5.15 -4.86
CA LEU A 66 -3.00 -6.37 -4.20
C LEU A 66 -4.05 -7.42 -4.45
N LYS A 67 -3.65 -8.68 -4.51
CA LYS A 67 -4.55 -9.81 -4.72
C LYS A 67 -4.04 -10.84 -3.74
N SER A 68 -4.64 -12.02 -3.69
CA SER A 68 -4.24 -13.09 -2.76
C SER A 68 -4.28 -12.62 -1.30
N LEU A 69 -5.44 -12.09 -0.93
CA LEU A 69 -5.71 -11.58 0.40
C LEU A 69 -7.13 -11.99 0.76
N ASP A 70 -7.48 -11.96 2.03
CA ASP A 70 -8.80 -12.40 2.47
C ASP A 70 -9.89 -11.41 2.06
N TRP A 71 -11.02 -11.94 1.63
CA TRP A 71 -12.16 -11.11 1.28
C TRP A 71 -13.34 -11.35 2.23
N ASN A 72 -13.41 -12.55 2.79
CA ASN A 72 -14.48 -12.93 3.73
C ASN A 72 -13.98 -12.84 5.17
N ALA A 73 -12.85 -12.18 5.35
CA ALA A 73 -12.21 -12.01 6.64
C ALA A 73 -11.39 -10.75 6.47
N GLU A 74 -10.86 -10.21 7.56
CA GLU A 74 -10.11 -8.96 7.48
C GLU A 74 -8.61 -9.18 7.32
N TYR A 75 -7.95 -8.16 6.78
CA TYR A 75 -6.53 -8.19 6.53
C TYR A 75 -5.98 -6.80 6.70
N GLU A 76 -4.67 -6.70 6.92
CA GLU A 76 -3.99 -5.44 7.14
C GLU A 76 -2.91 -5.25 6.08
N VAL A 77 -2.73 -4.01 5.64
CA VAL A 77 -1.76 -3.68 4.61
C VAL A 77 -0.88 -2.54 5.06
N TYR A 78 0.43 -2.68 4.93
CA TYR A 78 1.40 -1.63 5.22
C TYR A 78 2.10 -1.31 3.92
N VAL A 79 2.38 -0.05 3.68
CA VAL A 79 3.02 0.37 2.44
C VAL A 79 3.98 1.51 2.78
N VAL A 80 5.12 1.52 2.09
CA VAL A 80 6.11 2.57 2.24
C VAL A 80 6.58 2.96 0.83
N ALA A 81 7.16 4.14 0.73
CA ALA A 81 7.72 4.63 -0.51
C ALA A 81 9.19 4.83 -0.21
N GLU A 82 10.02 4.77 -1.23
CA GLU A 82 11.42 5.08 -1.06
C GLU A 82 11.78 6.02 -2.19
N ASN A 83 12.59 7.02 -1.89
CA ASN A 83 13.01 7.97 -2.89
C ASN A 83 14.50 7.77 -3.06
N GLN A 84 15.12 8.56 -3.90
CA GLN A 84 16.53 8.38 -4.19
C GLN A 84 17.49 8.77 -3.03
N GLN A 85 16.94 9.18 -1.89
CA GLN A 85 17.74 9.49 -0.71
C GLN A 85 17.40 8.65 0.56
N GLY A 86 16.15 8.23 0.70
CA GLY A 86 15.74 7.49 1.89
C GLY A 86 14.31 6.96 1.78
N LYS A 87 13.72 6.51 2.89
CA LYS A 87 12.39 5.91 2.89
C LYS A 87 11.34 6.77 3.55
N SER A 88 10.08 6.37 3.37
CA SER A 88 8.95 7.10 3.94
C SER A 88 8.47 6.42 5.21
N LYS A 89 7.67 7.13 5.98
CA LYS A 89 7.02 6.52 7.14
C LYS A 89 5.98 5.58 6.56
N ALA A 90 5.69 4.49 7.24
CA ALA A 90 4.68 3.56 6.79
C ALA A 90 3.28 4.10 7.05
N ALA A 91 2.35 3.71 6.19
CA ALA A 91 0.94 4.00 6.37
C ALA A 91 0.30 2.62 6.31
N HIS A 92 -0.78 2.42 7.04
CA HIS A 92 -1.45 1.14 7.09
C HIS A 92 -2.96 1.26 7.18
N PHE A 93 -3.65 0.28 6.60
CA PHE A 93 -5.12 0.25 6.66
C PHE A 93 -5.60 -1.20 6.75
N VAL A 94 -6.81 -1.38 7.27
CA VAL A 94 -7.40 -2.70 7.48
C VAL A 94 -8.73 -2.72 6.73
N PHE A 95 -9.04 -3.81 6.06
CA PHE A 95 -10.27 -3.90 5.27
C PHE A 95 -10.85 -5.31 5.23
N ARG A 96 -12.13 -5.41 4.90
CA ARG A 96 -12.86 -6.69 4.72
C ARG A 96 -14.03 -6.34 3.83
N THR A 97 -14.64 -7.32 3.18
CA THR A 97 -15.77 -7.09 2.29
C THR A 97 -16.70 -8.29 2.48
N HIS A 98 -17.62 -8.50 1.54
CA HIS A 98 -18.58 -9.63 1.57
C HIS A 98 -19.47 -9.56 2.82
N HIS A 99 -19.82 -8.35 3.21
CA HIS A 99 -20.70 -8.14 4.35
C HIS A 99 -22.11 -8.55 3.94
N HIS A 100 -22.90 -9.02 4.90
CA HIS A 100 -24.27 -9.50 4.63
C HIS A 100 -25.22 -8.37 4.22
N HIS A 101 -24.82 -7.14 4.47
CA HIS A 101 -25.59 -5.96 4.11
C HIS A 101 -24.60 -4.80 4.12
N HIS A 102 -24.99 -3.68 3.56
CA HIS A 102 -24.16 -2.49 3.52
C HIS A 102 -25.10 -1.32 3.82
N HIS A 103 -24.54 -0.14 4.03
CA HIS A 103 -25.34 1.05 4.30
C HIS A 103 -25.88 1.58 2.98
N MET A 1 22.90 14.43 0.72
CA MET A 1 21.53 14.26 1.26
C MET A 1 20.92 15.58 1.70
N GLN A 2 21.71 16.58 2.08
CA GLN A 2 21.17 17.85 2.59
C GLN A 2 20.04 18.53 1.78
N PRO A 3 20.16 18.64 0.44
CA PRO A 3 19.05 19.34 -0.23
C PRO A 3 17.79 18.50 -0.53
N VAL A 4 17.75 17.24 -0.09
CA VAL A 4 16.64 16.35 -0.41
C VAL A 4 16.14 15.61 0.84
N ARG A 5 14.85 15.77 1.11
CA ARG A 5 14.23 15.12 2.28
C ARG A 5 13.66 13.75 1.92
N GLU A 6 13.33 12.99 2.96
CA GLU A 6 12.72 11.67 2.85
C GLU A 6 11.28 11.79 2.33
N PRO A 7 10.71 10.70 1.79
CA PRO A 7 9.34 10.84 1.31
C PRO A 7 8.27 10.90 2.40
N SER A 8 7.11 11.41 2.00
CA SER A 8 5.96 11.58 2.88
C SER A 8 5.21 10.26 2.92
N ALA A 9 4.45 10.04 4.00
CA ALA A 9 3.68 8.82 4.14
C ALA A 9 2.78 8.65 2.89
N PRO A 10 2.58 7.40 2.43
CA PRO A 10 1.77 7.24 1.22
C PRO A 10 0.30 7.60 1.40
N LYS A 11 -0.30 7.98 0.30
CA LYS A 11 -1.70 8.37 0.26
C LYS A 11 -2.51 7.09 0.32
N LEU A 12 -3.66 7.09 0.98
CA LEU A 12 -4.47 5.88 1.11
C LEU A 12 -5.93 6.26 1.02
N GLU A 13 -6.60 5.76 -0.02
CA GLU A 13 -8.02 6.07 -0.24
C GLU A 13 -8.93 4.85 -0.02
N GLY A 14 -8.31 3.70 0.24
CA GLY A 14 -9.05 2.47 0.56
C GLY A 14 -10.16 2.09 -0.40
N GLN A 15 -9.87 2.09 -1.69
CA GLN A 15 -10.89 1.81 -2.70
C GLN A 15 -11.05 0.31 -2.87
N MET A 16 -12.26 -0.18 -2.63
CA MET A 16 -12.56 -1.61 -2.66
C MET A 16 -12.24 -2.26 -4.01
N GLY A 17 -11.75 -3.50 -3.97
CA GLY A 17 -11.44 -4.22 -5.19
C GLY A 17 -12.64 -4.90 -5.78
N GLU A 18 -13.05 -4.43 -6.95
CA GLU A 18 -14.22 -4.95 -7.66
C GLU A 18 -13.99 -6.38 -8.16
N ASP A 19 -12.73 -6.74 -8.34
CA ASP A 19 -12.37 -8.09 -8.80
C ASP A 19 -12.60 -9.13 -7.72
N GLY A 20 -12.69 -8.68 -6.47
CA GLY A 20 -12.77 -9.59 -5.34
C GLY A 20 -11.39 -10.13 -5.01
N ASN A 21 -11.18 -10.59 -3.78
CA ASN A 21 -9.88 -11.15 -3.34
C ASN A 21 -8.74 -10.13 -3.61
N SER A 22 -9.10 -8.86 -3.61
CA SER A 22 -8.18 -7.79 -4.00
C SER A 22 -8.65 -6.41 -3.51
N ILE A 23 -7.78 -5.40 -3.61
CA ILE A 23 -8.11 -4.02 -3.24
C ILE A 23 -7.13 -3.01 -3.86
N LYS A 24 -7.56 -1.74 -4.02
CA LYS A 24 -6.72 -0.69 -4.58
C LYS A 24 -6.33 0.31 -3.50
N VAL A 25 -5.05 0.36 -3.16
CA VAL A 25 -4.53 1.31 -2.17
C VAL A 25 -3.74 2.31 -3.00
N ASN A 26 -3.80 3.59 -2.65
CA ASN A 26 -3.13 4.61 -3.45
C ASN A 26 -1.63 4.60 -3.25
N LEU A 27 -0.93 5.06 -4.27
CA LEU A 27 0.52 5.13 -4.27
C LEU A 27 0.98 6.54 -4.57
N ILE A 28 2.15 6.89 -4.07
CA ILE A 28 2.78 8.17 -4.37
C ILE A 28 3.08 8.21 -5.87
N LYS A 29 2.61 9.26 -6.55
CA LYS A 29 2.80 9.40 -8.00
C LYS A 29 3.52 10.70 -8.39
N GLN A 30 4.12 11.33 -7.40
CA GLN A 30 4.84 12.59 -7.59
C GLN A 30 5.99 12.57 -6.60
N ASP A 31 6.96 13.46 -6.74
CA ASP A 31 8.07 13.53 -5.80
C ASP A 31 7.60 14.22 -4.52
N ASP A 32 7.56 13.45 -3.45
CA ASP A 32 7.10 13.93 -2.13
C ASP A 32 8.11 14.84 -1.46
N GLY A 33 9.31 14.89 -2.01
CA GLY A 33 10.36 15.65 -1.38
C GLY A 33 11.38 16.24 -2.32
N GLY A 34 12.60 15.75 -2.20
CA GLY A 34 13.70 16.28 -3.02
C GLY A 34 14.13 15.36 -4.14
N SER A 35 13.45 14.24 -4.29
CA SER A 35 13.79 13.28 -5.33
C SER A 35 12.57 12.39 -5.55
N PRO A 36 12.45 11.75 -6.73
CA PRO A 36 11.36 10.79 -6.85
C PRO A 36 11.64 9.56 -5.98
N ILE A 37 10.62 8.74 -5.78
CA ILE A 37 10.76 7.54 -4.97
C ILE A 37 11.52 6.51 -5.82
N ARG A 38 12.42 5.75 -5.21
CA ARG A 38 13.17 4.73 -5.95
C ARG A 38 12.30 3.48 -6.03
N HIS A 39 11.84 3.00 -4.88
CA HIS A 39 11.01 1.79 -4.82
C HIS A 39 9.96 1.93 -3.72
N TYR A 40 8.95 1.06 -3.75
CA TYR A 40 7.93 1.02 -2.71
C TYR A 40 7.99 -0.33 -2.11
N LEU A 41 7.66 -0.42 -0.83
CA LEU A 41 7.65 -1.69 -0.15
C LEU A 41 6.27 -1.83 0.49
N VAL A 42 5.43 -2.65 -0.11
CA VAL A 42 4.11 -2.95 0.45
C VAL A 42 4.19 -4.30 1.15
N ARG A 43 3.67 -4.38 2.37
CA ARG A 43 3.73 -5.60 3.16
C ARG A 43 2.34 -5.82 3.76
N TYR A 44 1.71 -6.94 3.46
CA TYR A 44 0.35 -7.17 3.93
C TYR A 44 0.15 -8.61 4.39
N ARG A 45 -0.74 -8.79 5.36
CA ARG A 45 -0.98 -10.08 6.01
C ARG A 45 -2.49 -10.22 6.19
N ALA A 46 -2.99 -11.44 6.18
CA ALA A 46 -4.41 -11.70 6.30
C ALA A 46 -4.65 -12.78 7.35
N LEU A 47 -5.90 -13.06 7.67
CA LEU A 47 -6.22 -14.11 8.63
C LEU A 47 -5.69 -15.45 8.11
N SER A 48 -5.84 -15.64 6.81
CA SER A 48 -5.41 -16.87 6.13
C SER A 48 -4.07 -16.77 5.40
N SER A 49 -3.34 -15.67 5.55
CA SER A 49 -2.08 -15.49 4.82
C SER A 49 -1.00 -14.74 5.59
N GLU A 50 0.24 -15.18 5.41
CA GLU A 50 1.40 -14.56 6.04
C GLU A 50 1.72 -13.18 5.47
N TRP A 51 2.67 -12.49 6.09
CA TRP A 51 3.12 -11.18 5.62
C TRP A 51 3.81 -11.33 4.26
N LYS A 52 3.13 -10.89 3.20
CA LYS A 52 3.71 -10.93 1.86
C LYS A 52 4.86 -9.92 1.92
N PRO A 53 6.06 -10.31 1.44
CA PRO A 53 7.22 -9.47 1.75
C PRO A 53 7.33 -8.09 1.11
N GLU A 54 7.20 -7.99 -0.21
CA GLU A 54 7.37 -6.72 -0.89
C GLU A 54 6.65 -6.75 -2.23
N ILE A 55 6.15 -5.61 -2.66
CA ILE A 55 5.52 -5.45 -3.97
C ILE A 55 6.24 -4.27 -4.60
N ARG A 56 6.86 -4.50 -5.75
CA ARG A 56 7.62 -3.46 -6.47
C ARG A 56 6.67 -2.44 -6.99
N LEU A 57 7.02 -1.16 -7.02
CA LEU A 57 6.33 -0.22 -7.92
C LEU A 57 7.24 0.93 -8.36
N PRO A 58 7.00 1.52 -9.57
CA PRO A 58 7.75 2.73 -9.91
C PRO A 58 7.11 3.97 -9.26
N SER A 59 7.83 5.09 -9.24
CA SER A 59 7.28 6.35 -8.69
C SER A 59 6.22 6.98 -9.60
N GLY A 60 5.86 6.28 -10.66
CA GLY A 60 4.88 6.76 -11.63
C GLY A 60 3.66 5.87 -11.68
N SER A 61 3.12 5.50 -10.52
CA SER A 61 1.91 4.69 -10.44
C SER A 61 0.96 5.35 -9.45
N ASP A 62 -0.29 5.53 -9.85
CA ASP A 62 -1.29 6.20 -9.00
C ASP A 62 -1.78 5.35 -7.84
N HIS A 63 -1.82 4.04 -8.05
CA HIS A 63 -2.30 3.12 -7.03
C HIS A 63 -1.68 1.76 -7.25
N VAL A 64 -1.85 0.88 -6.29
CA VAL A 64 -1.38 -0.49 -6.40
C VAL A 64 -2.59 -1.39 -6.18
N MET A 65 -2.78 -2.33 -7.09
CA MET A 65 -3.85 -3.30 -6.99
C MET A 65 -3.26 -4.51 -6.28
N LEU A 66 -3.64 -4.72 -5.03
CA LEU A 66 -3.13 -5.86 -4.26
C LEU A 66 -4.10 -7.00 -4.45
N LYS A 67 -3.57 -8.20 -4.60
CA LYS A 67 -4.37 -9.40 -4.77
C LYS A 67 -3.81 -10.44 -3.81
N SER A 68 -4.42 -11.61 -3.78
CA SER A 68 -3.98 -12.70 -2.89
C SER A 68 -4.09 -12.25 -1.43
N LEU A 69 -5.30 -11.83 -1.06
CA LEU A 69 -5.61 -11.35 0.28
C LEU A 69 -7.02 -11.84 0.59
N ASP A 70 -7.37 -11.90 1.85
CA ASP A 70 -8.68 -12.43 2.25
C ASP A 70 -9.77 -11.44 1.90
N TRP A 71 -10.93 -11.94 1.50
CA TRP A 71 -12.07 -11.08 1.22
C TRP A 71 -13.20 -11.33 2.21
N ASN A 72 -13.34 -12.58 2.67
CA ASN A 72 -14.40 -12.96 3.61
C ASN A 72 -13.90 -12.97 5.04
N ALA A 73 -12.76 -12.32 5.26
CA ALA A 73 -12.10 -12.25 6.56
C ALA A 73 -11.26 -11.00 6.42
N GLU A 74 -10.69 -10.50 7.50
CA GLU A 74 -9.93 -9.26 7.43
C GLU A 74 -8.44 -9.45 7.23
N TYR A 75 -7.83 -8.40 6.69
CA TYR A 75 -6.41 -8.38 6.40
C TYR A 75 -5.94 -6.96 6.64
N GLU A 76 -4.64 -6.81 6.87
CA GLU A 76 -4.03 -5.52 7.15
C GLU A 76 -2.96 -5.27 6.10
N VAL A 77 -2.83 -4.02 5.68
CA VAL A 77 -1.87 -3.64 4.64
C VAL A 77 -1.01 -2.50 5.13
N TYR A 78 0.31 -2.64 5.05
CA TYR A 78 1.25 -1.58 5.38
C TYR A 78 1.98 -1.22 4.10
N VAL A 79 2.26 0.05 3.91
CA VAL A 79 2.98 0.49 2.72
C VAL A 79 3.91 1.63 3.11
N VAL A 80 5.13 1.57 2.58
CA VAL A 80 6.11 2.64 2.77
C VAL A 80 6.75 2.93 1.43
N ALA A 81 7.33 4.10 1.31
CA ALA A 81 8.05 4.52 0.11
C ALA A 81 9.51 4.63 0.49
N GLU A 82 10.38 4.36 -0.47
CA GLU A 82 11.82 4.47 -0.25
C GLU A 82 12.39 5.29 -1.38
N ASN A 83 12.82 6.50 -1.09
CA ASN A 83 13.42 7.34 -2.13
C ASN A 83 14.92 7.14 -2.03
N GLN A 84 15.68 7.88 -2.79
CA GLN A 84 17.13 7.69 -2.81
C GLN A 84 17.86 8.26 -1.57
N GLN A 85 17.09 8.82 -0.63
CA GLN A 85 17.65 9.42 0.58
C GLN A 85 17.16 8.78 1.89
N GLY A 86 15.96 8.20 1.89
CA GLY A 86 15.41 7.61 3.10
C GLY A 86 14.04 6.99 2.86
N LYS A 87 13.35 6.61 3.94
CA LYS A 87 12.04 5.98 3.84
C LYS A 87 10.94 6.83 4.43
N SER A 88 9.72 6.57 3.99
CA SER A 88 8.55 7.33 4.44
C SER A 88 7.98 6.71 5.69
N LYS A 89 7.08 7.44 6.33
CA LYS A 89 6.35 6.89 7.46
C LYS A 89 5.39 5.86 6.87
N ALA A 90 5.08 4.83 7.63
CA ALA A 90 4.15 3.81 7.18
C ALA A 90 2.72 4.31 7.29
N ALA A 91 1.86 3.80 6.42
CA ALA A 91 0.43 4.05 6.50
C ALA A 91 -0.16 2.64 6.45
N HIS A 92 -1.22 2.40 7.20
CA HIS A 92 -1.84 1.08 7.24
C HIS A 92 -3.35 1.16 7.31
N PHE A 93 -4.01 0.15 6.75
CA PHE A 93 -5.46 0.06 6.81
C PHE A 93 -5.89 -1.40 6.86
N VAL A 94 -7.09 -1.64 7.37
CA VAL A 94 -7.63 -2.99 7.55
C VAL A 94 -8.97 -3.03 6.79
N PHE A 95 -9.26 -4.14 6.11
CA PHE A 95 -10.49 -4.22 5.32
C PHE A 95 -11.04 -5.65 5.21
N ARG A 96 -12.35 -5.77 4.96
CA ARG A 96 -13.02 -7.04 4.62
C ARG A 96 -14.21 -6.63 3.79
N THR A 97 -14.76 -7.56 3.04
CA THR A 97 -15.96 -7.31 2.24
C THR A 97 -16.90 -8.49 2.58
N HIS A 98 -18.10 -8.49 2.02
CA HIS A 98 -19.15 -9.51 2.26
C HIS A 98 -19.67 -9.52 3.72
N HIS A 99 -19.02 -8.79 4.60
CA HIS A 99 -19.44 -8.68 5.99
C HIS A 99 -20.65 -7.75 6.02
N HIS A 100 -21.68 -8.13 6.76
CA HIS A 100 -22.90 -7.35 6.88
C HIS A 100 -23.27 -7.37 8.36
N HIS A 101 -24.05 -6.39 8.79
CA HIS A 101 -24.45 -6.30 10.19
C HIS A 101 -25.80 -5.58 10.25
N HIS A 102 -26.37 -5.54 11.44
CA HIS A 102 -27.66 -4.89 11.69
C HIS A 102 -27.59 -4.42 13.14
N HIS A 103 -28.57 -3.65 13.57
CA HIS A 103 -28.65 -3.22 14.97
C HIS A 103 -29.12 -4.41 15.80
#